data_2LVV
#
_entry.id   2LVV
#
_entity_poly.entity_id   1
_entity_poly.type   'polypeptide(L)'
_entity_poly.pdbx_seq_one_letter_code
;MGCSGSKDTTNSKDGAASKGGKDGKTTADRKVAWERIRCAIPRDKDAESKSRRIELFKQFDTNGTGKLGFREVLDGCYGI
LKLDEFTTHLPDIVQRAFDKAKDLGNKVKGVGEEDLVEFLEFRLMLCYIYDIFELTVMFDTMDKDGSLLLELQEFKEALP
KLKEWGVDITDATTVFNEIDTNGSGVVTFDEFSCWAVTKKLQVCGDPDGEENGANEGNLEHHHHHH
;
_entity_poly.pdbx_strand_id   A
#
# COMPACT_ATOMS: atom_id res chain seq x y z
N MET A 1 27.37 38.62 8.71
CA MET A 1 27.98 37.30 8.99
C MET A 1 28.00 36.46 7.72
N GLY A 2 28.91 36.74 6.84
CA GLY A 2 28.98 35.96 5.58
C GLY A 2 28.19 36.65 4.47
N CYS A 3 28.71 36.60 3.28
CA CYS A 3 28.00 37.25 2.15
C CYS A 3 28.43 36.63 0.83
N SER A 4 27.60 35.77 0.31
CA SER A 4 27.94 35.12 -0.99
C SER A 4 26.80 34.26 -1.47
N GLY A 5 25.61 34.55 -0.99
CA GLY A 5 24.42 33.75 -1.40
C GLY A 5 23.63 34.50 -2.48
N SER A 6 24.01 35.73 -2.72
CA SER A 6 23.30 36.53 -3.75
C SER A 6 21.82 36.64 -3.41
N LYS A 7 20.99 36.26 -4.35
CA LYS A 7 19.52 36.34 -4.10
C LYS A 7 18.80 35.18 -4.77
N ASP A 8 17.61 34.91 -4.33
CA ASP A 8 16.83 33.80 -4.92
C ASP A 8 15.34 34.00 -4.70
N THR A 9 14.58 32.95 -4.90
CA THR A 9 13.11 33.07 -4.71
C THR A 9 12.76 33.17 -3.23
N THR A 10 11.55 33.59 -2.96
CA THR A 10 11.12 33.72 -1.55
C THR A 10 9.67 33.31 -1.38
N ASN A 11 9.23 33.22 -0.14
CA ASN A 11 7.82 32.82 0.10
C ASN A 11 7.33 33.33 1.45
N SER A 12 6.12 32.99 1.79
CA SER A 12 5.58 33.45 3.09
C SER A 12 5.85 32.42 4.19
N LYS A 13 5.10 32.50 5.25
CA LYS A 13 5.30 31.53 6.36
C LYS A 13 4.68 30.18 6.03
N ASP A 14 4.33 29.99 4.78
CA ASP A 14 3.73 28.71 4.39
C ASP A 14 3.99 28.41 2.92
N GLY A 15 4.03 27.15 2.58
CA GLY A 15 4.28 26.77 1.16
C GLY A 15 3.88 25.31 0.91
N ALA A 16 2.60 25.07 0.94
CA ALA A 16 2.13 23.67 0.72
C ALA A 16 2.20 23.31 -0.76
N ALA A 17 3.30 23.67 -1.39
CA ALA A 17 3.47 23.35 -2.83
C ALA A 17 4.73 22.53 -3.06
N SER A 18 4.94 22.14 -4.29
CA SER A 18 6.14 21.33 -4.60
C SER A 18 6.66 21.65 -6.00
N LYS A 19 7.86 21.20 -6.28
CA LYS A 19 8.44 21.47 -7.62
C LYS A 19 9.29 20.29 -8.07
N GLY A 20 8.76 19.52 -8.98
CA GLY A 20 9.51 18.34 -9.49
C GLY A 20 10.30 18.70 -10.75
N GLY A 21 10.27 19.96 -11.11
CA GLY A 21 11.01 20.39 -12.33
C GLY A 21 10.07 20.43 -13.54
N LYS A 22 8.98 21.14 -13.40
CA LYS A 22 8.03 21.24 -14.52
C LYS A 22 7.54 19.86 -14.94
N ASP A 23 7.21 19.05 -13.98
CA ASP A 23 6.72 17.68 -14.30
C ASP A 23 5.20 17.65 -14.39
N GLY A 24 4.56 17.68 -13.25
CA GLY A 24 3.07 17.66 -13.25
C GLY A 24 2.56 16.21 -13.13
N LYS A 25 1.45 16.05 -12.46
CA LYS A 25 0.89 14.68 -12.31
C LYS A 25 -0.44 14.72 -11.59
N THR A 26 -1.33 13.83 -11.97
CA THR A 26 -2.66 13.79 -11.32
C THR A 26 -3.28 12.40 -11.46
N THR A 27 -4.54 12.31 -11.14
CA THR A 27 -5.23 11.00 -11.25
C THR A 27 -4.84 10.27 -12.54
N ALA A 28 -4.85 10.99 -13.62
CA ALA A 28 -4.48 10.38 -14.91
C ALA A 28 -3.19 9.58 -14.79
N ASP A 29 -2.11 10.27 -14.53
CA ASP A 29 -0.81 9.57 -14.40
C ASP A 29 -0.83 8.60 -13.23
N ARG A 30 -1.50 8.97 -12.19
CA ARG A 30 -1.57 8.08 -11.00
C ARG A 30 -2.43 6.86 -11.31
N LYS A 31 -3.33 7.00 -12.23
CA LYS A 31 -4.22 5.86 -12.59
C LYS A 31 -3.48 4.82 -13.44
N VAL A 32 -2.82 5.28 -14.47
CA VAL A 32 -2.08 4.32 -15.34
C VAL A 32 -0.98 3.58 -14.57
N ALA A 33 -0.22 4.31 -13.79
CA ALA A 33 0.86 3.65 -13.02
C ALA A 33 0.29 2.66 -12.01
N TRP A 34 -0.66 3.11 -11.24
CA TRP A 34 -1.26 2.20 -10.24
C TRP A 34 -1.96 1.03 -10.91
N GLU A 35 -2.26 1.19 -12.17
CA GLU A 35 -2.93 0.09 -12.89
C GLU A 35 -1.93 -1.01 -13.18
N ARG A 36 -0.73 -0.61 -13.51
CA ARG A 36 0.32 -1.61 -13.82
C ARG A 36 0.85 -2.18 -12.52
N ILE A 37 0.90 -1.35 -11.53
CA ILE A 37 1.40 -1.80 -10.22
C ILE A 37 0.37 -2.74 -9.61
N ARG A 38 -0.81 -2.22 -9.38
CA ARG A 38 -1.87 -3.06 -8.79
C ARG A 38 -1.87 -4.42 -9.44
N CYS A 39 -1.72 -4.44 -10.74
CA CYS A 39 -1.70 -5.73 -11.46
C CYS A 39 -0.49 -6.55 -11.02
N ALA A 40 0.60 -5.87 -10.76
CA ALA A 40 1.82 -6.60 -10.32
C ALA A 40 1.70 -7.04 -8.87
N ILE A 41 1.28 -6.13 -8.03
CA ILE A 41 1.14 -6.47 -6.60
C ILE A 41 -0.13 -7.33 -6.40
N PRO A 42 0.03 -8.55 -5.86
CA PRO A 42 -1.11 -9.44 -5.62
C PRO A 42 -2.10 -8.81 -4.64
N ARG A 43 -3.12 -9.56 -4.29
CA ARG A 43 -4.13 -9.02 -3.35
C ARG A 43 -5.08 -10.11 -2.87
N ASP A 44 -4.87 -11.32 -3.34
CA ASP A 44 -5.77 -12.41 -2.90
C ASP A 44 -5.03 -13.75 -2.84
N LYS A 45 -3.73 -13.67 -2.66
CA LYS A 45 -2.93 -14.92 -2.59
C LYS A 45 -3.42 -15.96 -3.59
N ASP A 46 -3.52 -15.58 -4.83
CA ASP A 46 -3.99 -16.54 -5.86
C ASP A 46 -2.83 -17.26 -6.50
N ALA A 47 -3.13 -18.12 -7.45
CA ALA A 47 -2.05 -18.87 -8.13
C ALA A 47 -0.98 -17.92 -8.61
N GLU A 48 -1.39 -16.90 -9.32
CA GLU A 48 -0.40 -15.93 -9.83
C GLU A 48 0.30 -15.25 -8.67
N SER A 49 -0.40 -15.08 -7.58
CA SER A 49 0.22 -14.41 -6.41
C SER A 49 1.25 -15.33 -5.77
N LYS A 50 0.85 -16.51 -5.44
CA LYS A 50 1.80 -17.46 -4.80
C LYS A 50 3.14 -17.47 -5.54
N SER A 51 3.08 -17.68 -6.83
CA SER A 51 4.32 -17.70 -7.62
C SER A 51 5.11 -16.41 -7.43
N ARG A 52 4.51 -15.32 -7.81
CA ARG A 52 5.20 -14.02 -7.66
C ARG A 52 5.76 -13.88 -6.25
N ARG A 53 4.95 -14.19 -5.29
CA ARG A 53 5.41 -14.10 -3.88
C ARG A 53 6.80 -14.68 -3.73
N ILE A 54 6.99 -15.87 -4.25
CA ILE A 54 8.31 -16.51 -4.16
C ILE A 54 9.32 -15.79 -5.04
N GLU A 55 8.88 -15.34 -6.18
CA GLU A 55 9.79 -14.63 -7.10
C GLU A 55 10.38 -13.39 -6.42
N LEU A 56 9.54 -12.42 -6.18
CA LEU A 56 10.03 -11.18 -5.52
C LEU A 56 10.85 -11.52 -4.29
N PHE A 57 10.42 -12.52 -3.56
CA PHE A 57 11.17 -12.88 -2.34
C PHE A 57 12.61 -13.22 -2.69
N LYS A 58 12.77 -14.20 -3.53
CA LYS A 58 14.15 -14.59 -3.93
C LYS A 58 14.93 -13.35 -4.36
N GLN A 59 14.21 -12.35 -4.78
CA GLN A 59 14.89 -11.10 -5.21
C GLN A 59 15.66 -10.48 -4.04
N PHE A 60 14.94 -9.85 -3.14
CA PHE A 60 15.61 -9.23 -1.99
C PHE A 60 16.45 -10.26 -1.23
N ASP A 61 16.02 -11.49 -1.28
CA ASP A 61 16.78 -12.55 -0.57
C ASP A 61 17.92 -13.06 -1.44
N THR A 62 18.49 -12.18 -2.21
CA THR A 62 19.62 -12.59 -3.08
C THR A 62 20.87 -12.82 -2.25
N ASN A 63 20.83 -12.42 -1.01
CA ASN A 63 22.01 -12.61 -0.14
C ASN A 63 21.99 -13.99 0.51
N GLY A 64 20.83 -14.61 0.50
CA GLY A 64 20.73 -15.96 1.12
C GLY A 64 20.65 -15.85 2.65
N THR A 65 19.46 -15.67 3.14
CA THR A 65 19.30 -15.55 4.61
C THR A 65 17.91 -16.00 5.04
N GLY A 66 16.91 -15.51 4.36
CA GLY A 66 15.53 -15.90 4.72
C GLY A 66 14.98 -14.98 5.81
N LYS A 67 15.86 -14.17 6.34
CA LYS A 67 15.45 -13.22 7.42
C LYS A 67 15.79 -11.79 7.02
N LEU A 68 14.91 -11.17 6.29
CA LEU A 68 15.16 -9.77 5.85
C LEU A 68 14.66 -8.77 6.89
N GLY A 69 15.17 -7.57 6.78
CA GLY A 69 14.76 -6.49 7.74
C GLY A 69 14.07 -5.36 6.96
N PHE A 70 14.13 -4.17 7.50
CA PHE A 70 13.47 -3.04 6.79
C PHE A 70 14.44 -2.36 5.84
N ARG A 71 15.49 -1.80 6.39
CA ARG A 71 16.49 -1.11 5.54
C ARG A 71 16.76 -1.91 4.26
N GLU A 72 17.06 -3.17 4.43
CA GLU A 72 17.34 -4.02 3.24
C GLU A 72 16.12 -4.05 2.32
N VAL A 73 14.96 -4.15 2.91
CA VAL A 73 13.73 -4.20 2.09
C VAL A 73 13.50 -2.86 1.40
N LEU A 74 13.56 -1.80 2.17
CA LEU A 74 13.34 -0.46 1.57
C LEU A 74 14.13 -0.33 0.26
N ASP A 75 15.42 -0.25 0.38
CA ASP A 75 16.26 -0.13 -0.84
C ASP A 75 15.83 -1.13 -1.89
N GLY A 76 15.50 -2.32 -1.46
CA GLY A 76 15.06 -3.37 -2.43
C GLY A 76 14.07 -2.77 -3.43
N CYS A 77 12.91 -2.41 -2.95
CA CYS A 77 11.90 -1.83 -3.87
C CYS A 77 12.33 -0.46 -4.34
N TYR A 78 12.66 0.37 -3.40
CA TYR A 78 13.10 1.74 -3.77
C TYR A 78 14.07 1.71 -4.94
N GLY A 79 14.80 0.63 -5.06
CA GLY A 79 15.78 0.51 -6.19
C GLY A 79 15.24 -0.41 -7.29
N ILE A 80 14.56 -1.45 -6.90
CA ILE A 80 14.01 -2.39 -7.92
C ILE A 80 12.57 -2.05 -8.29
N LEU A 81 11.65 -2.38 -7.42
CA LEU A 81 10.23 -2.08 -7.71
C LEU A 81 10.07 -0.62 -8.12
N LYS A 82 10.91 0.22 -7.59
CA LYS A 82 10.83 1.66 -7.94
C LYS A 82 9.39 2.15 -7.83
N LEU A 83 8.91 2.28 -6.63
CA LEU A 83 7.52 2.75 -6.44
C LEU A 83 7.46 4.28 -6.40
N ASP A 84 8.59 4.90 -6.54
CA ASP A 84 8.61 6.38 -6.51
C ASP A 84 7.87 6.98 -7.71
N GLU A 85 8.13 6.44 -8.89
CA GLU A 85 7.45 6.95 -10.11
C GLU A 85 5.99 7.31 -9.84
N PHE A 86 5.26 6.40 -9.28
CA PHE A 86 3.83 6.66 -8.98
C PHE A 86 3.69 7.52 -7.73
N THR A 87 4.04 6.96 -6.61
CA THR A 87 3.91 7.73 -5.34
C THR A 87 5.16 8.57 -5.09
N THR A 88 4.95 9.84 -4.82
CA THR A 88 6.11 10.72 -4.57
C THR A 88 6.61 10.52 -3.15
N HIS A 89 7.78 9.95 -3.02
CA HIS A 89 8.33 9.71 -1.66
C HIS A 89 7.54 8.63 -0.96
N LEU A 90 8.00 7.41 -1.14
CA LEU A 90 7.32 6.26 -0.51
C LEU A 90 8.24 5.43 0.41
N PRO A 91 9.40 5.98 0.80
CA PRO A 91 10.28 5.22 1.67
C PRO A 91 9.55 4.97 2.99
N ASP A 92 8.61 5.83 3.26
CA ASP A 92 7.83 5.69 4.52
C ASP A 92 6.71 4.68 4.34
N ILE A 93 6.24 4.57 3.13
CA ILE A 93 5.14 3.61 2.88
C ILE A 93 5.57 2.21 3.28
N VAL A 94 6.68 1.79 2.75
CA VAL A 94 7.18 0.44 3.08
C VAL A 94 7.62 0.40 4.54
N GLN A 95 8.10 1.52 5.04
CA GLN A 95 8.54 1.55 6.46
C GLN A 95 7.40 1.12 7.38
N ARG A 96 6.29 1.79 7.23
CA ARG A 96 5.11 1.47 8.08
C ARG A 96 4.63 0.04 7.79
N ALA A 97 4.73 -0.35 6.56
CA ALA A 97 4.27 -1.72 6.19
C ALA A 97 5.18 -2.78 6.80
N PHE A 98 6.46 -2.56 6.73
CA PHE A 98 7.40 -3.56 7.31
C PHE A 98 7.25 -3.64 8.82
N ASP A 99 7.18 -2.49 9.45
CA ASP A 99 7.05 -2.47 10.93
C ASP A 99 5.76 -3.19 11.37
N LYS A 100 4.64 -2.59 11.09
CA LYS A 100 3.36 -3.21 11.49
C LYS A 100 3.33 -4.70 11.13
N ALA A 101 3.59 -5.00 9.89
CA ALA A 101 3.58 -6.43 9.46
C ALA A 101 4.26 -7.32 10.49
N LYS A 102 5.52 -7.07 10.73
CA LYS A 102 6.25 -7.89 11.72
C LYS A 102 5.46 -8.00 13.03
N ASP A 103 5.21 -6.89 13.65
CA ASP A 103 4.46 -6.90 14.92
C ASP A 103 3.13 -7.62 14.76
N LEU A 104 2.24 -7.02 14.01
CA LEU A 104 0.91 -7.64 13.80
C LEU A 104 1.03 -9.15 13.53
N GLY A 105 2.17 -9.55 13.03
CA GLY A 105 2.35 -11.00 12.74
C GLY A 105 2.18 -11.84 14.01
N ASN A 106 3.10 -11.68 14.94
CA ASN A 106 3.01 -12.46 16.20
C ASN A 106 1.65 -12.27 16.87
N LYS A 107 1.45 -11.08 17.41
CA LYS A 107 0.16 -10.74 18.11
C LYS A 107 -0.93 -11.80 17.91
N VAL A 108 -1.48 -11.82 16.73
CA VAL A 108 -2.54 -12.82 16.44
C VAL A 108 -2.15 -14.19 16.96
N LYS A 109 -1.20 -14.80 16.31
CA LYS A 109 -0.75 -16.15 16.75
C LYS A 109 0.31 -16.05 17.83
N GLY A 110 1.53 -16.34 17.46
CA GLY A 110 2.63 -16.26 18.46
C GLY A 110 3.87 -17.01 17.95
N VAL A 111 4.88 -16.26 17.58
CA VAL A 111 6.12 -16.89 17.07
C VAL A 111 7.35 -16.28 17.74
N GLY A 112 7.11 -15.45 18.73
CA GLY A 112 8.26 -14.82 19.43
C GLY A 112 8.57 -13.45 18.82
N GLU A 113 8.98 -12.53 19.65
CA GLU A 113 9.30 -11.18 19.13
C GLU A 113 10.70 -11.13 18.55
N GLU A 114 10.84 -10.46 17.43
CA GLU A 114 12.17 -10.37 16.80
C GLU A 114 12.35 -9.02 16.12
N ASP A 115 12.53 -9.04 14.83
CA ASP A 115 12.72 -7.77 14.09
C ASP A 115 12.83 -8.04 12.60
N LEU A 116 12.96 -9.29 12.26
CA LEU A 116 13.08 -9.65 10.82
C LEU A 116 11.74 -10.11 10.26
N VAL A 117 11.67 -10.23 8.95
CA VAL A 117 10.40 -10.66 8.31
C VAL A 117 10.53 -12.06 7.70
N GLU A 118 9.46 -12.82 7.79
CA GLU A 118 9.48 -14.21 7.23
C GLU A 118 8.52 -14.31 6.05
N PHE A 119 8.54 -15.43 5.38
CA PHE A 119 7.63 -15.58 4.22
C PHE A 119 6.21 -15.17 4.60
N LEU A 120 5.83 -15.50 5.81
CA LEU A 120 4.47 -15.15 6.26
C LEU A 120 4.32 -13.64 6.47
N GLU A 121 5.07 -13.11 7.40
CA GLU A 121 4.98 -11.65 7.63
C GLU A 121 5.19 -10.90 6.33
N PHE A 122 5.93 -11.49 5.43
CA PHE A 122 6.18 -10.82 4.13
C PHE A 122 4.87 -10.68 3.37
N ARG A 123 4.10 -11.72 3.37
CA ARG A 123 2.80 -11.66 2.66
C ARG A 123 1.96 -10.53 3.20
N LEU A 124 1.96 -10.38 4.51
CA LEU A 124 1.15 -9.29 5.13
C LEU A 124 1.70 -7.93 4.72
N MET A 125 3.00 -7.84 4.60
CA MET A 125 3.60 -6.54 4.21
C MET A 125 3.08 -6.09 2.85
N LEU A 126 3.22 -6.96 1.88
CA LEU A 126 2.75 -6.61 0.52
C LEU A 126 1.31 -6.13 0.58
N CYS A 127 0.51 -6.80 1.36
CA CYS A 127 -0.91 -6.40 1.47
C CYS A 127 -1.02 -4.94 1.89
N TYR A 128 -0.24 -4.56 2.86
CA TYR A 128 -0.29 -3.14 3.32
C TYR A 128 -0.10 -2.20 2.14
N ILE A 129 0.90 -2.46 1.36
CA ILE A 129 1.15 -1.58 0.19
C ILE A 129 -0.05 -1.60 -0.76
N TYR A 130 -0.33 -2.76 -1.29
CA TYR A 130 -1.49 -2.88 -2.23
C TYR A 130 -2.69 -2.07 -1.73
N ASP A 131 -3.09 -2.29 -0.51
CA ASP A 131 -4.24 -1.55 0.03
C ASP A 131 -3.97 -0.05 0.05
N ILE A 132 -2.95 0.34 0.76
CA ILE A 132 -2.61 1.78 0.84
C ILE A 132 -2.73 2.46 -0.52
N PHE A 133 -2.46 1.72 -1.56
CA PHE A 133 -2.56 2.32 -2.90
C PHE A 133 -4.01 2.46 -3.34
N GLU A 134 -4.79 1.41 -3.15
CA GLU A 134 -6.20 1.50 -3.55
C GLU A 134 -6.85 2.72 -2.91
N LEU A 135 -6.59 2.92 -1.64
CA LEU A 135 -7.17 4.09 -0.94
C LEU A 135 -6.77 5.40 -1.61
N THR A 136 -5.50 5.68 -1.58
CA THR A 136 -5.02 6.94 -2.21
C THR A 136 -5.71 7.20 -3.55
N VAL A 137 -5.67 6.22 -4.40
CA VAL A 137 -6.32 6.40 -5.72
C VAL A 137 -7.85 6.46 -5.58
N MET A 138 -8.34 5.93 -4.49
CA MET A 138 -9.82 5.95 -4.29
C MET A 138 -10.26 7.20 -3.54
N PHE A 139 -9.33 7.82 -2.87
CA PHE A 139 -9.69 9.05 -2.11
C PHE A 139 -9.50 10.31 -2.95
N ASP A 140 -8.33 10.45 -3.51
CA ASP A 140 -8.06 11.65 -4.36
C ASP A 140 -9.25 12.02 -5.24
N THR A 141 -10.00 11.04 -5.64
CA THR A 141 -11.17 11.34 -6.49
C THR A 141 -12.38 11.77 -5.67
N MET A 142 -12.72 10.97 -4.68
CA MET A 142 -13.88 11.33 -3.83
C MET A 142 -13.55 12.50 -2.90
N ASP A 143 -12.34 13.01 -3.05
CA ASP A 143 -11.92 14.17 -2.19
C ASP A 143 -11.64 15.40 -3.04
N LYS A 144 -10.60 16.12 -2.70
CA LYS A 144 -10.26 17.34 -3.49
C LYS A 144 -9.21 17.02 -4.54
N ASP A 145 -8.64 18.04 -5.12
CA ASP A 145 -7.61 17.82 -6.17
C ASP A 145 -6.21 17.82 -5.55
N GLY A 146 -5.59 18.98 -5.55
CA GLY A 146 -4.23 19.07 -4.96
C GLY A 146 -4.31 19.07 -3.43
N SER A 147 -4.96 18.07 -2.89
CA SER A 147 -5.08 17.99 -1.42
C SER A 147 -5.00 16.55 -0.95
N LEU A 148 -4.66 16.37 0.31
CA LEU A 148 -4.56 15.00 0.85
C LEU A 148 -5.11 14.94 2.28
N LEU A 149 -6.01 15.84 2.58
CA LEU A 149 -6.61 15.88 3.93
C LEU A 149 -8.04 15.36 3.89
N LEU A 150 -8.50 14.83 5.00
CA LEU A 150 -9.88 14.30 5.06
C LEU A 150 -10.74 15.13 6.00
N GLU A 151 -12.04 15.06 5.82
CA GLU A 151 -12.93 15.85 6.70
C GLU A 151 -14.26 15.14 6.92
N LEU A 152 -14.96 15.54 7.94
CA LEU A 152 -16.27 14.91 8.23
C LEU A 152 -17.07 14.70 6.95
N GLN A 153 -16.71 15.43 5.93
CA GLN A 153 -17.44 15.28 4.64
C GLN A 153 -17.10 13.95 3.97
N GLU A 154 -15.88 13.84 3.52
CA GLU A 154 -15.48 12.58 2.86
C GLU A 154 -15.57 11.42 3.84
N PHE A 155 -15.70 11.75 5.09
CA PHE A 155 -15.80 10.70 6.11
C PHE A 155 -17.16 10.01 6.03
N LYS A 156 -18.20 10.80 5.95
CA LYS A 156 -19.56 10.21 5.87
C LYS A 156 -19.77 9.55 4.51
N GLU A 157 -19.04 10.02 3.53
CA GLU A 157 -19.19 9.44 2.18
C GLU A 157 -18.29 8.22 2.05
N ALA A 158 -17.14 8.31 2.65
CA ALA A 158 -16.19 7.19 2.58
C ALA A 158 -16.58 6.12 3.60
N LEU A 159 -17.21 6.54 4.68
CA LEU A 159 -17.61 5.54 5.70
C LEU A 159 -18.36 4.38 5.01
N PRO A 160 -19.41 4.69 4.26
CA PRO A 160 -20.17 3.66 3.57
C PRO A 160 -19.32 3.02 2.47
N LYS A 161 -18.80 3.86 1.60
CA LYS A 161 -17.95 3.33 0.51
C LYS A 161 -16.87 2.44 1.08
N LEU A 162 -16.35 2.82 2.20
CA LEU A 162 -15.30 2.01 2.83
C LEU A 162 -15.85 0.63 3.16
N LYS A 163 -17.02 0.62 3.74
CA LYS A 163 -17.65 -0.67 4.10
C LYS A 163 -17.52 -1.64 2.94
N GLU A 164 -17.73 -1.13 1.74
CA GLU A 164 -17.62 -2.01 0.55
C GLU A 164 -16.18 -2.47 0.34
N TRP A 165 -15.25 -1.56 0.58
CA TRP A 165 -13.82 -1.92 0.40
C TRP A 165 -13.54 -3.30 0.97
N GLY A 166 -14.05 -3.55 2.14
CA GLY A 166 -13.83 -4.88 2.77
C GLY A 166 -13.85 -4.78 4.30
N VAL A 167 -13.60 -3.60 4.79
CA VAL A 167 -13.61 -3.41 6.27
C VAL A 167 -14.98 -2.97 6.75
N ASP A 168 -15.07 -2.72 8.03
CA ASP A 168 -16.37 -2.28 8.61
C ASP A 168 -16.12 -1.42 9.84
N ILE A 169 -15.82 -0.19 9.61
CA ILE A 169 -15.55 0.74 10.74
C ILE A 169 -16.74 0.82 11.71
N THR A 170 -17.86 0.24 11.34
CA THR A 170 -19.03 0.30 12.25
C THR A 170 -19.18 1.70 12.84
N ASP A 171 -18.76 1.86 14.07
CA ASP A 171 -18.86 3.19 14.71
C ASP A 171 -17.95 4.16 13.96
N ALA A 172 -18.52 5.23 13.48
CA ALA A 172 -17.70 6.23 12.74
C ALA A 172 -17.15 7.35 13.64
N THR A 173 -17.97 8.34 13.85
CA THR A 173 -17.55 9.50 14.70
C THR A 173 -16.55 9.10 15.79
N THR A 174 -16.84 8.04 16.47
CA THR A 174 -15.92 7.60 17.54
C THR A 174 -14.53 7.31 16.98
N VAL A 175 -14.50 6.66 15.85
CA VAL A 175 -13.19 6.35 15.24
C VAL A 175 -12.50 7.63 14.75
N PHE A 176 -13.25 8.48 14.08
CA PHE A 176 -12.62 9.73 13.59
C PHE A 176 -11.79 10.37 14.69
N ASN A 177 -12.25 10.24 15.90
CA ASN A 177 -11.49 10.83 17.03
C ASN A 177 -10.30 9.95 17.40
N GLU A 178 -10.50 8.66 17.33
CA GLU A 178 -9.40 7.74 17.66
C GLU A 178 -8.21 7.92 16.72
N ILE A 179 -8.43 7.64 15.47
CA ILE A 179 -7.33 7.79 14.49
C ILE A 179 -6.69 9.16 14.64
N ASP A 180 -7.51 10.14 14.88
CA ASP A 180 -6.96 11.51 15.04
C ASP A 180 -6.01 11.57 16.22
N THR A 181 -5.01 12.41 16.12
CA THR A 181 -4.04 12.52 17.24
C THR A 181 -3.49 13.93 17.34
N ASN A 182 -3.77 14.73 16.35
CA ASN A 182 -3.26 16.13 16.39
C ASN A 182 -4.28 17.06 17.04
N GLY A 183 -5.51 16.62 17.08
CA GLY A 183 -6.57 17.46 17.70
C GLY A 183 -6.78 18.75 16.89
N SER A 184 -6.86 18.60 15.59
CA SER A 184 -7.06 19.79 14.72
C SER A 184 -8.51 19.86 14.22
N GLY A 185 -8.96 18.78 13.63
CA GLY A 185 -10.37 18.77 13.12
C GLY A 185 -10.45 17.94 11.84
N VAL A 186 -9.35 17.35 11.45
CA VAL A 186 -9.35 16.53 10.22
C VAL A 186 -8.31 15.43 10.30
N VAL A 187 -8.22 14.64 9.26
CA VAL A 187 -7.23 13.53 9.25
C VAL A 187 -6.57 13.44 7.88
N THR A 188 -5.30 13.11 7.87
CA THR A 188 -4.58 12.99 6.58
C THR A 188 -4.74 11.60 5.97
N PHE A 189 -4.61 11.53 4.68
CA PHE A 189 -4.76 10.20 4.00
C PHE A 189 -4.01 9.11 4.78
N ASP A 190 -2.71 9.19 4.75
CA ASP A 190 -1.88 8.18 5.46
C ASP A 190 -2.47 7.78 6.79
N GLU A 191 -3.10 8.70 7.46
CA GLU A 191 -3.69 8.35 8.79
C GLU A 191 -5.01 7.60 8.61
N PHE A 192 -5.97 8.25 8.04
CA PHE A 192 -7.28 7.57 7.84
C PHE A 192 -7.07 6.21 7.18
N SER A 193 -6.27 6.20 6.16
CA SER A 193 -6.00 4.93 5.45
C SER A 193 -5.35 3.90 6.38
N CYS A 194 -4.39 4.34 7.15
CA CYS A 194 -3.72 3.38 8.07
C CYS A 194 -4.76 2.56 8.82
N TRP A 195 -5.72 3.22 9.40
CA TRP A 195 -6.76 2.47 10.14
C TRP A 195 -7.46 1.48 9.23
N ALA A 196 -7.70 1.90 8.01
CA ALA A 196 -8.38 0.99 7.05
C ALA A 196 -7.49 -0.21 6.69
N VAL A 197 -6.46 0.07 5.93
CA VAL A 197 -5.52 -1.02 5.52
C VAL A 197 -5.31 -2.02 6.66
N THR A 198 -4.83 -1.53 7.77
CA THR A 198 -4.61 -2.44 8.92
C THR A 198 -5.80 -3.35 9.13
N LYS A 199 -6.94 -2.77 9.42
CA LYS A 199 -8.15 -3.60 9.64
C LYS A 199 -8.31 -4.61 8.51
N LYS A 200 -8.50 -4.13 7.32
CA LYS A 200 -8.67 -5.05 6.17
C LYS A 200 -7.62 -6.15 6.21
N LEU A 201 -6.53 -5.88 6.88
CA LEU A 201 -5.45 -6.89 6.97
C LEU A 201 -5.72 -7.89 8.10
N GLN A 202 -6.16 -7.39 9.22
CA GLN A 202 -6.44 -8.29 10.36
C GLN A 202 -7.67 -9.17 10.08
N VAL A 203 -8.51 -8.71 9.20
CA VAL A 203 -9.72 -9.51 8.89
C VAL A 203 -9.45 -10.48 7.74
N CYS A 204 -8.74 -10.01 6.76
CA CYS A 204 -8.43 -10.89 5.60
C CYS A 204 -7.12 -11.63 5.82
N GLY A 205 -6.56 -11.47 6.99
CA GLY A 205 -5.27 -12.17 7.28
C GLY A 205 -5.50 -13.68 7.36
N ASP A 206 -6.70 -14.11 7.09
CA ASP A 206 -7.01 -15.56 7.14
C ASP A 206 -6.14 -16.33 6.13
N PRO A 207 -5.27 -17.23 6.61
CA PRO A 207 -4.41 -18.00 5.72
C PRO A 207 -5.23 -18.92 4.83
N ASP A 208 -5.45 -18.48 3.61
CA ASP A 208 -6.23 -19.31 2.68
C ASP A 208 -5.43 -20.53 2.25
N GLY A 209 -4.77 -20.40 1.13
CA GLY A 209 -3.96 -21.55 0.62
C GLY A 209 -4.73 -22.87 0.74
N GLU A 210 -6.01 -22.79 0.96
CA GLU A 210 -6.82 -24.03 1.10
C GLU A 210 -8.26 -23.81 0.64
N GLU A 211 -9.10 -24.76 0.94
CA GLU A 211 -10.53 -24.66 0.55
C GLU A 211 -11.44 -24.77 1.77
N ASN A 212 -11.77 -23.64 2.34
CA ASN A 212 -12.65 -23.66 3.53
C ASN A 212 -13.25 -22.28 3.78
N GLY A 213 -13.68 -21.65 2.72
CA GLY A 213 -14.27 -20.30 2.86
C GLY A 213 -15.79 -20.41 3.05
N ALA A 214 -16.52 -20.09 2.02
CA ALA A 214 -17.99 -20.18 2.12
C ALA A 214 -18.43 -21.53 2.67
N ASN A 215 -19.68 -21.64 3.03
CA ASN A 215 -20.17 -22.92 3.57
C ASN A 215 -19.95 -24.04 2.57
N GLU A 216 -20.27 -25.24 2.97
CA GLU A 216 -20.08 -26.39 2.05
C GLU A 216 -21.20 -26.43 1.02
N GLY A 217 -22.41 -26.29 1.47
CA GLY A 217 -23.56 -26.33 0.53
C GLY A 217 -24.88 -26.19 1.29
N ASN A 218 -25.95 -26.54 0.64
CA ASN A 218 -27.27 -26.44 1.30
C ASN A 218 -27.58 -27.71 2.10
N LEU A 219 -28.38 -27.57 3.12
CA LEU A 219 -28.73 -28.76 3.95
C LEU A 219 -30.02 -29.40 3.45
N GLU A 220 -31.13 -28.80 3.79
CA GLU A 220 -32.43 -29.38 3.35
C GLU A 220 -32.81 -28.86 1.96
N MET A 1 -1.93 4.22 -24.40
CA MET A 1 -1.77 4.62 -22.99
C MET A 1 -2.98 5.45 -22.54
N GLY A 2 -2.88 6.03 -21.38
CA GLY A 2 -4.01 6.86 -20.87
C GLY A 2 -4.55 7.76 -21.97
N CYS A 3 -5.64 7.37 -22.57
CA CYS A 3 -6.23 8.20 -23.65
C CYS A 3 -7.24 9.19 -23.09
N SER A 4 -7.34 10.33 -23.72
CA SER A 4 -8.32 11.34 -23.23
C SER A 4 -9.74 10.85 -23.42
N GLY A 5 -10.15 9.93 -22.58
CA GLY A 5 -11.54 9.40 -22.69
C GLY A 5 -12.45 10.04 -21.65
N SER A 6 -13.46 10.73 -22.12
CA SER A 6 -14.40 11.40 -21.18
C SER A 6 -15.68 11.80 -21.88
N LYS A 7 -16.67 12.17 -21.11
CA LYS A 7 -17.96 12.58 -21.72
C LYS A 7 -17.89 14.01 -22.23
N ASP A 8 -16.75 14.39 -22.71
CA ASP A 8 -16.59 15.77 -23.23
C ASP A 8 -15.43 15.87 -24.20
N THR A 9 -15.72 15.78 -25.48
CA THR A 9 -14.65 15.86 -26.48
C THR A 9 -14.02 17.24 -26.48
N THR A 10 -14.75 18.21 -25.99
CA THR A 10 -14.21 19.58 -25.96
C THR A 10 -13.84 20.05 -27.36
N ASN A 11 -14.75 20.74 -28.00
CA ASN A 11 -14.45 21.23 -29.37
C ASN A 11 -13.81 20.13 -30.22
N SER A 12 -13.01 20.54 -31.16
CA SER A 12 -12.34 19.54 -32.03
C SER A 12 -10.98 19.15 -31.46
N LYS A 13 -9.97 19.21 -32.28
CA LYS A 13 -8.62 18.84 -31.79
C LYS A 13 -7.54 19.47 -32.69
N ASP A 14 -6.33 18.98 -32.56
CA ASP A 14 -5.23 19.53 -33.39
C ASP A 14 -4.01 18.62 -33.33
N GLY A 15 -4.05 17.64 -32.47
CA GLY A 15 -2.90 16.72 -32.35
C GLY A 15 -2.74 16.24 -30.91
N ALA A 16 -2.75 17.17 -29.99
CA ALA A 16 -2.61 16.79 -28.57
C ALA A 16 -2.35 18.01 -27.70
N ALA A 17 -3.14 18.15 -26.66
CA ALA A 17 -2.96 19.32 -25.77
C ALA A 17 -1.48 19.55 -25.47
N SER A 18 -0.86 18.58 -24.86
CA SER A 18 0.58 18.73 -24.54
C SER A 18 1.22 17.37 -24.26
N LYS A 19 0.64 16.34 -24.82
CA LYS A 19 1.21 14.98 -24.59
C LYS A 19 1.51 14.77 -23.12
N GLY A 20 0.95 15.61 -22.29
CA GLY A 20 1.20 15.49 -20.82
C GLY A 20 0.63 16.68 -20.07
N GLY A 21 1.27 17.04 -19.00
CA GLY A 21 0.77 18.21 -18.20
C GLY A 21 1.76 18.57 -17.10
N LYS A 22 2.48 19.64 -17.30
CA LYS A 22 3.46 20.05 -16.27
C LYS A 22 2.77 20.75 -15.11
N ASP A 23 2.24 19.96 -14.20
CA ASP A 23 1.53 20.55 -13.03
C ASP A 23 1.94 19.83 -11.74
N GLY A 24 0.96 19.52 -10.93
CA GLY A 24 1.26 18.83 -9.64
C GLY A 24 0.82 17.36 -9.69
N LYS A 25 1.28 16.67 -10.69
CA LYS A 25 0.90 15.24 -10.81
C LYS A 25 -0.61 15.06 -10.70
N THR A 26 -1.29 15.14 -11.82
CA THR A 26 -2.77 14.99 -11.79
C THR A 26 -3.14 13.59 -11.30
N THR A 27 -4.08 13.53 -10.39
CA THR A 27 -4.49 12.20 -9.88
C THR A 27 -4.84 11.26 -11.03
N ALA A 28 -4.88 11.81 -12.23
CA ALA A 28 -5.19 10.96 -13.41
C ALA A 28 -4.01 10.05 -13.72
N ASP A 29 -2.90 10.65 -14.02
CA ASP A 29 -1.70 9.84 -14.34
C ASP A 29 -1.41 8.91 -13.17
N ARG A 30 -1.97 9.27 -12.05
CA ARG A 30 -1.75 8.45 -10.84
C ARG A 30 -2.57 7.16 -10.93
N LYS A 31 -3.77 7.30 -11.43
CA LYS A 31 -4.64 6.11 -11.57
C LYS A 31 -4.00 5.09 -12.48
N VAL A 32 -3.60 5.52 -13.65
CA VAL A 32 -2.95 4.58 -14.59
C VAL A 32 -1.68 3.98 -13.99
N ALA A 33 -0.92 4.80 -13.34
CA ALA A 33 0.33 4.31 -12.73
C ALA A 33 0.03 3.34 -11.59
N TRP A 34 -0.92 3.69 -10.75
CA TRP A 34 -1.25 2.79 -9.62
C TRP A 34 -2.04 1.59 -10.12
N GLU A 35 -2.48 1.67 -11.35
CA GLU A 35 -3.24 0.55 -11.93
C GLU A 35 -2.29 -0.53 -12.41
N ARG A 36 -1.15 -0.12 -12.89
CA ARG A 36 -0.17 -1.10 -13.37
C ARG A 36 0.51 -1.74 -12.19
N ILE A 37 0.73 -0.94 -11.18
CA ILE A 37 1.38 -1.47 -9.97
C ILE A 37 0.40 -2.36 -9.23
N ARG A 38 -0.76 -1.82 -8.97
CA ARG A 38 -1.78 -2.61 -8.25
C ARG A 38 -1.88 -3.99 -8.85
N CYS A 39 -1.88 -4.06 -10.15
CA CYS A 39 -1.97 -5.37 -10.83
C CYS A 39 -0.73 -6.21 -10.53
N ALA A 40 0.39 -5.55 -10.50
CA ALA A 40 1.65 -6.29 -10.21
C ALA A 40 1.65 -6.79 -8.76
N ILE A 41 1.52 -5.88 -7.85
CA ILE A 41 1.51 -6.28 -6.42
C ILE A 41 0.23 -7.08 -6.11
N PRO A 42 0.38 -8.26 -5.51
CA PRO A 42 -0.78 -9.09 -5.17
C PRO A 42 -1.72 -8.38 -4.20
N ARG A 43 -2.67 -9.12 -3.72
CA ARG A 43 -3.64 -8.55 -2.77
C ARG A 43 -4.53 -9.65 -2.19
N ASP A 44 -5.24 -10.31 -3.06
CA ASP A 44 -6.13 -11.40 -2.60
C ASP A 44 -5.31 -12.63 -2.22
N LYS A 45 -5.98 -13.70 -1.88
CA LYS A 45 -5.26 -14.95 -1.51
C LYS A 45 -5.43 -16.02 -2.57
N ASP A 46 -5.32 -15.63 -3.81
CA ASP A 46 -5.47 -16.61 -4.91
C ASP A 46 -4.15 -17.34 -5.18
N ALA A 47 -4.24 -18.45 -5.85
CA ALA A 47 -3.01 -19.21 -6.16
C ALA A 47 -2.02 -18.36 -6.95
N GLU A 48 -2.55 -17.50 -7.78
CA GLU A 48 -1.66 -16.63 -8.59
C GLU A 48 -0.98 -15.59 -7.71
N SER A 49 -1.65 -15.21 -6.66
CA SER A 49 -1.08 -14.19 -5.75
C SER A 49 0.06 -14.79 -4.92
N LYS A 50 -0.25 -15.85 -4.23
CA LYS A 50 0.80 -16.50 -3.40
C LYS A 50 2.05 -16.78 -4.21
N SER A 51 1.86 -17.32 -5.39
CA SER A 51 3.02 -17.63 -6.25
C SER A 51 3.83 -16.37 -6.53
N ARG A 52 3.17 -15.33 -6.91
CA ARG A 52 3.88 -14.06 -7.21
C ARG A 52 4.84 -13.70 -6.07
N ARG A 53 4.38 -13.83 -4.86
CA ARG A 53 5.25 -13.51 -3.70
C ARG A 53 6.49 -14.41 -3.68
N ILE A 54 6.27 -15.69 -3.63
CA ILE A 54 7.42 -16.63 -3.60
C ILE A 54 8.49 -16.21 -4.60
N GLU A 55 8.07 -15.79 -5.76
CA GLU A 55 9.06 -15.37 -6.79
C GLU A 55 9.73 -14.05 -6.40
N LEU A 56 8.95 -13.02 -6.24
CA LEU A 56 9.54 -11.71 -5.87
C LEU A 56 10.45 -11.84 -4.65
N PHE A 57 10.13 -12.75 -3.78
CA PHE A 57 10.99 -12.92 -2.58
C PHE A 57 12.34 -13.50 -2.96
N LYS A 58 12.32 -14.67 -3.55
CA LYS A 58 13.60 -15.29 -3.95
C LYS A 58 14.50 -14.27 -4.62
N GLN A 59 13.89 -13.33 -5.29
CA GLN A 59 14.69 -12.28 -5.97
C GLN A 59 15.36 -11.37 -4.95
N PHE A 60 14.56 -10.73 -4.13
CA PHE A 60 15.13 -9.83 -3.11
C PHE A 60 16.33 -10.48 -2.42
N ASP A 61 16.17 -11.72 -2.08
CA ASP A 61 17.28 -12.45 -1.41
C ASP A 61 18.51 -12.51 -2.30
N THR A 62 19.20 -11.41 -2.41
CA THR A 62 20.41 -11.41 -3.27
C THR A 62 21.53 -12.19 -2.60
N ASN A 63 21.17 -12.96 -1.60
CA ASN A 63 22.18 -13.77 -0.88
C ASN A 63 21.68 -15.18 -0.64
N GLY A 64 20.77 -15.31 0.29
CA GLY A 64 20.20 -16.66 0.59
C GLY A 64 20.02 -16.83 2.10
N THR A 65 19.87 -15.74 2.79
CA THR A 65 19.67 -15.83 4.27
C THR A 65 18.19 -16.00 4.62
N GLY A 66 17.34 -15.63 3.71
CA GLY A 66 15.88 -15.77 3.98
C GLY A 66 15.40 -14.64 4.89
N LYS A 67 16.35 -13.94 5.47
CA LYS A 67 15.98 -12.82 6.39
C LYS A 67 16.80 -11.59 6.05
N LEU A 68 16.38 -10.88 5.04
CA LEU A 68 17.12 -9.66 4.64
C LEU A 68 16.93 -8.55 5.66
N GLY A 69 16.09 -7.61 5.32
CA GLY A 69 15.83 -6.47 6.26
C GLY A 69 15.11 -5.36 5.51
N PHE A 70 14.96 -4.24 6.15
CA PHE A 70 14.26 -3.12 5.49
C PHE A 70 15.12 -2.52 4.39
N ARG A 71 16.27 -1.99 4.76
CA ARG A 71 17.16 -1.37 3.74
C ARG A 71 17.26 -2.27 2.50
N GLU A 72 17.78 -3.45 2.68
CA GLU A 72 17.91 -4.37 1.53
C GLU A 72 16.58 -4.51 0.80
N VAL A 73 15.52 -4.70 1.55
CA VAL A 73 14.19 -4.86 0.90
C VAL A 73 13.83 -3.59 0.13
N LEU A 74 13.99 -2.47 0.77
CA LEU A 74 13.67 -1.19 0.08
C LEU A 74 14.25 -1.20 -1.33
N ASP A 75 15.55 -1.12 -1.41
CA ASP A 75 16.22 -1.12 -2.75
C ASP A 75 15.57 -2.15 -3.67
N GLY A 76 15.27 -3.30 -3.12
CA GLY A 76 14.64 -4.37 -3.95
C GLY A 76 13.45 -3.79 -4.74
N CYS A 77 12.44 -3.39 -4.02
CA CYS A 77 11.25 -2.81 -4.70
C CYS A 77 11.63 -1.55 -5.47
N TYR A 78 12.24 -0.64 -4.77
CA TYR A 78 12.65 0.63 -5.42
C TYR A 78 13.23 0.37 -6.80
N GLY A 79 13.69 -0.84 -7.02
CA GLY A 79 14.28 -1.18 -8.35
C GLY A 79 13.36 -2.13 -9.13
N ILE A 80 12.93 -3.19 -8.49
CA ILE A 80 12.03 -4.14 -9.18
C ILE A 80 10.61 -3.60 -9.29
N LEU A 81 10.04 -3.27 -8.17
CA LEU A 81 8.66 -2.73 -8.19
C LEU A 81 8.68 -1.29 -8.66
N LYS A 82 9.83 -0.67 -8.53
CA LYS A 82 9.98 0.76 -8.96
C LYS A 82 8.68 1.55 -8.77
N LEU A 83 8.27 1.71 -7.53
CA LEU A 83 7.02 2.46 -7.27
C LEU A 83 7.25 3.97 -7.41
N ASP A 84 8.46 4.34 -7.72
CA ASP A 84 8.77 5.78 -7.87
C ASP A 84 7.96 6.40 -9.01
N GLU A 85 7.73 5.64 -10.03
CA GLU A 85 6.95 6.16 -11.17
C GLU A 85 5.62 6.75 -10.71
N PHE A 86 5.08 6.19 -9.65
CA PHE A 86 3.79 6.71 -9.12
C PHE A 86 3.96 7.34 -7.75
N THR A 87 4.17 6.53 -6.77
CA THR A 87 4.34 7.06 -5.40
C THR A 87 5.70 7.74 -5.23
N THR A 88 5.69 8.80 -4.45
CA THR A 88 6.95 9.53 -4.21
C THR A 88 7.51 9.14 -2.86
N HIS A 89 8.74 8.72 -2.85
CA HIS A 89 9.39 8.33 -1.57
C HIS A 89 8.92 6.93 -1.15
N LEU A 90 9.69 5.94 -1.48
CA LEU A 90 9.32 4.55 -1.13
C LEU A 90 9.82 4.14 0.26
N PRO A 91 10.92 4.73 0.72
CA PRO A 91 11.48 4.39 2.03
C PRO A 91 10.52 4.72 3.18
N ASP A 92 9.67 5.69 2.97
CA ASP A 92 8.73 6.06 4.04
C ASP A 92 7.55 5.10 4.14
N ILE A 93 6.97 4.74 3.02
CA ILE A 93 5.82 3.82 3.09
C ILE A 93 6.27 2.42 3.48
N VAL A 94 7.29 1.93 2.83
CA VAL A 94 7.77 0.58 3.18
C VAL A 94 8.16 0.57 4.65
N GLN A 95 8.79 1.64 5.08
CA GLN A 95 9.21 1.73 6.49
C GLN A 95 8.03 1.41 7.41
N ARG A 96 6.95 2.12 7.21
CA ARG A 96 5.75 1.89 8.06
C ARG A 96 5.21 0.48 7.85
N ALA A 97 5.47 -0.08 6.71
CA ALA A 97 4.97 -1.46 6.44
C ALA A 97 5.90 -2.50 7.06
N PHE A 98 7.17 -2.32 6.85
CA PHE A 98 8.14 -3.29 7.41
C PHE A 98 7.96 -3.43 8.92
N ASP A 99 8.00 -2.31 9.60
CA ASP A 99 7.84 -2.35 11.08
C ASP A 99 6.48 -2.92 11.48
N LYS A 100 5.43 -2.31 11.00
CA LYS A 100 4.07 -2.81 11.35
C LYS A 100 4.01 -4.33 11.28
N ALA A 101 4.07 -4.85 10.08
CA ALA A 101 4.02 -6.32 9.91
C ALA A 101 4.83 -7.04 10.98
N LYS A 102 5.97 -6.49 11.31
CA LYS A 102 6.82 -7.14 12.34
C LYS A 102 6.08 -7.25 13.68
N ASP A 103 5.34 -6.23 14.02
CA ASP A 103 4.59 -6.28 15.31
C ASP A 103 3.37 -7.19 15.21
N LEU A 104 2.87 -7.36 14.03
CA LEU A 104 1.69 -8.24 13.85
C LEU A 104 2.10 -9.68 13.57
N GLY A 105 3.17 -9.83 12.84
CA GLY A 105 3.65 -11.21 12.50
C GLY A 105 3.80 -12.06 13.76
N ASN A 106 4.41 -11.51 14.77
CA ASN A 106 4.58 -12.29 16.02
C ASN A 106 3.30 -12.31 16.86
N LYS A 107 2.22 -12.72 16.23
CA LYS A 107 0.93 -12.76 16.98
C LYS A 107 -0.08 -13.65 16.27
N VAL A 108 -0.49 -13.23 15.10
CA VAL A 108 -1.48 -14.04 14.35
C VAL A 108 -1.11 -15.52 14.38
N LYS A 109 0.10 -15.82 13.98
CA LYS A 109 0.55 -17.24 13.99
C LYS A 109 1.42 -17.53 15.20
N GLY A 110 2.72 -17.44 15.01
CA GLY A 110 3.64 -17.70 16.16
C GLY A 110 5.08 -17.84 15.65
N VAL A 111 5.41 -17.06 14.67
CA VAL A 111 6.79 -17.13 14.12
C VAL A 111 7.71 -16.17 14.84
N GLY A 112 8.92 -16.60 15.09
CA GLY A 112 9.89 -15.71 15.79
C GLY A 112 10.39 -14.61 14.85
N GLU A 113 10.82 -13.52 15.42
CA GLU A 113 11.32 -12.41 14.58
C GLU A 113 12.03 -11.36 15.43
N GLU A 114 13.25 -11.05 15.07
CA GLU A 114 14.00 -10.04 15.85
C GLU A 114 13.94 -8.68 15.17
N ASP A 115 14.64 -8.55 14.08
CA ASP A 115 14.63 -7.25 13.35
C ASP A 115 14.84 -7.47 11.86
N LEU A 116 14.20 -8.49 11.33
CA LEU A 116 14.33 -8.78 9.88
C LEU A 116 12.97 -9.04 9.26
N VAL A 117 12.95 -9.87 8.25
CA VAL A 117 11.67 -10.17 7.58
C VAL A 117 11.58 -11.66 7.25
N GLU A 118 10.38 -12.17 7.23
CA GLU A 118 10.19 -13.61 6.93
C GLU A 118 9.02 -13.80 5.98
N PHE A 119 8.75 -15.03 5.64
CA PHE A 119 7.62 -15.30 4.73
C PHE A 119 6.32 -14.71 5.29
N LEU A 120 6.21 -14.72 6.59
CA LEU A 120 4.98 -14.18 7.21
C LEU A 120 4.98 -12.65 7.16
N GLU A 121 5.99 -12.06 7.74
CA GLU A 121 6.06 -10.58 7.74
C GLU A 121 6.03 -10.04 6.32
N PHE A 122 6.59 -10.78 5.41
CA PHE A 122 6.59 -10.33 4.00
C PHE A 122 5.17 -10.24 3.45
N ARG A 123 4.47 -11.33 3.50
CA ARG A 123 3.08 -11.32 2.99
C ARG A 123 2.30 -10.14 3.55
N LEU A 124 2.48 -9.89 4.83
CA LEU A 124 1.77 -8.76 5.46
C LEU A 124 2.26 -7.41 4.95
N MET A 125 3.49 -7.10 5.26
CA MET A 125 4.05 -5.79 4.79
C MET A 125 3.66 -5.53 3.34
N LEU A 126 3.67 -6.56 2.53
CA LEU A 126 3.30 -6.35 1.11
C LEU A 126 1.88 -5.83 1.01
N CYS A 127 0.99 -6.46 1.72
CA CYS A 127 -0.42 -6.02 1.69
C CYS A 127 -0.54 -4.58 2.20
N TYR A 128 0.18 -4.29 3.26
CA TYR A 128 0.11 -2.91 3.82
C TYR A 128 0.32 -1.90 2.70
N ILE A 129 1.24 -2.19 1.83
CA ILE A 129 1.50 -1.25 0.71
C ILE A 129 0.32 -1.24 -0.26
N TYR A 130 0.16 -2.32 -0.98
CA TYR A 130 -0.96 -2.41 -1.95
C TYR A 130 -2.24 -1.80 -1.37
N ASP A 131 -2.45 -2.00 -0.09
CA ASP A 131 -3.68 -1.44 0.54
C ASP A 131 -3.60 0.08 0.66
N ILE A 132 -2.51 0.57 1.17
CA ILE A 132 -2.38 2.04 1.32
C ILE A 132 -2.36 2.73 -0.04
N PHE A 133 -1.87 2.05 -1.04
CA PHE A 133 -1.84 2.68 -2.37
C PHE A 133 -3.26 2.87 -2.86
N GLU A 134 -4.06 1.86 -2.65
CA GLU A 134 -5.48 1.93 -3.09
C GLU A 134 -6.22 3.05 -2.33
N LEU A 135 -6.14 3.03 -1.02
CA LEU A 135 -6.83 4.08 -0.22
C LEU A 135 -6.40 5.49 -0.63
N THR A 136 -5.11 5.69 -0.70
CA THR A 136 -4.59 7.03 -1.10
C THR A 136 -5.24 7.54 -2.38
N VAL A 137 -5.27 6.72 -3.39
CA VAL A 137 -5.89 7.16 -4.67
C VAL A 137 -7.41 7.23 -4.57
N MET A 138 -7.97 6.56 -3.60
CA MET A 138 -9.45 6.59 -3.46
C MET A 138 -9.91 7.93 -2.90
N PHE A 139 -9.05 8.57 -2.15
CA PHE A 139 -9.43 9.88 -1.56
C PHE A 139 -9.07 11.01 -2.52
N ASP A 140 -7.85 10.99 -3.01
CA ASP A 140 -7.41 12.06 -3.95
C ASP A 140 -8.52 12.42 -4.94
N THR A 141 -9.44 11.51 -5.14
CA THR A 141 -10.55 11.77 -6.09
C THR A 141 -11.77 12.34 -5.38
N MET A 142 -12.20 11.69 -4.33
CA MET A 142 -13.39 12.18 -3.60
C MET A 142 -13.04 13.38 -2.72
N ASP A 143 -11.87 13.93 -2.95
CA ASP A 143 -11.44 15.12 -2.14
C ASP A 143 -11.17 16.30 -3.06
N LYS A 144 -10.07 16.96 -2.84
CA LYS A 144 -9.74 18.13 -3.69
C LYS A 144 -8.23 18.39 -3.69
N ASP A 145 -7.67 18.39 -4.86
CA ASP A 145 -6.20 18.63 -4.96
C ASP A 145 -5.44 17.67 -4.06
N GLY A 146 -6.15 16.74 -3.48
CA GLY A 146 -5.48 15.77 -2.58
C GLY A 146 -4.76 16.50 -1.44
N SER A 147 -5.48 17.38 -0.79
CA SER A 147 -4.85 18.13 0.32
C SER A 147 -4.35 17.17 1.39
N LEU A 148 -4.61 15.91 1.20
CA LEU A 148 -4.17 14.91 2.20
C LEU A 148 -4.91 15.09 3.51
N LEU A 149 -6.20 15.30 3.42
CA LEU A 149 -7.01 15.49 4.65
C LEU A 149 -8.35 14.79 4.53
N LEU A 150 -9.07 14.70 5.62
CA LEU A 150 -10.39 14.03 5.58
C LEU A 150 -11.34 14.64 6.61
N GLU A 151 -12.30 15.40 6.13
CA GLU A 151 -13.28 16.04 7.05
C GLU A 151 -14.59 15.26 7.06
N LEU A 152 -15.43 15.57 8.03
CA LEU A 152 -16.73 14.86 8.11
C LEU A 152 -17.36 14.69 6.73
N GLN A 153 -17.03 15.59 5.84
CA GLN A 153 -17.58 15.50 4.47
C GLN A 153 -17.04 14.26 3.77
N GLU A 154 -15.76 14.27 3.50
CA GLU A 154 -15.15 13.12 2.83
C GLU A 154 -15.43 11.85 3.62
N PHE A 155 -15.47 11.99 4.91
CA PHE A 155 -15.74 10.81 5.77
C PHE A 155 -17.02 10.12 5.33
N LYS A 156 -18.02 10.92 5.04
CA LYS A 156 -19.31 10.33 4.60
C LYS A 156 -19.12 9.66 3.24
N GLU A 157 -18.35 10.28 2.39
CA GLU A 157 -18.12 9.71 1.05
C GLU A 157 -17.17 8.52 1.14
N ALA A 158 -16.39 8.50 2.19
CA ALA A 158 -15.44 7.37 2.35
C ALA A 158 -16.17 6.09 2.75
N LEU A 159 -17.13 6.22 3.64
CA LEU A 159 -17.87 5.00 4.06
C LEU A 159 -18.23 4.13 2.85
N PRO A 160 -18.94 4.71 1.89
CA PRO A 160 -19.33 3.96 0.70
C PRO A 160 -18.09 3.44 -0.03
N LYS A 161 -17.17 4.34 -0.29
CA LYS A 161 -15.94 3.91 -1.01
C LYS A 161 -15.16 2.93 -0.15
N LEU A 162 -15.38 2.99 1.14
CA LEU A 162 -14.65 2.07 2.04
C LEU A 162 -15.32 0.69 2.04
N LYS A 163 -16.61 0.67 2.28
CA LYS A 163 -17.32 -0.63 2.29
C LYS A 163 -16.92 -1.45 1.08
N GLU A 164 -16.83 -0.82 -0.05
CA GLU A 164 -16.45 -1.55 -1.28
C GLU A 164 -15.13 -2.27 -1.08
N TRP A 165 -14.18 -1.56 -0.52
CA TRP A 165 -12.85 -2.16 -0.27
C TRP A 165 -12.99 -3.58 0.26
N GLY A 166 -13.52 -3.72 1.44
CA GLY A 166 -13.67 -5.07 2.02
C GLY A 166 -14.08 -4.99 3.48
N VAL A 167 -13.67 -3.95 4.14
CA VAL A 167 -14.03 -3.80 5.57
C VAL A 167 -15.52 -3.48 5.73
N ASP A 168 -15.85 -2.82 6.80
CA ASP A 168 -17.28 -2.46 7.02
C ASP A 168 -17.44 -1.70 8.34
N ILE A 169 -16.87 -0.54 8.39
CA ILE A 169 -16.97 0.27 9.63
C ILE A 169 -18.41 0.37 10.12
N THR A 170 -18.62 0.04 11.37
CA THR A 170 -19.98 0.11 11.92
C THR A 170 -20.42 1.57 12.02
N ASP A 171 -20.77 2.00 13.20
CA ASP A 171 -21.19 3.41 13.35
C ASP A 171 -20.17 4.30 12.66
N ALA A 172 -20.59 5.44 12.21
CA ALA A 172 -19.64 6.35 11.54
C ALA A 172 -19.08 7.41 12.48
N THR A 173 -19.86 8.43 12.71
CA THR A 173 -19.40 9.54 13.62
C THR A 173 -18.62 8.98 14.81
N THR A 174 -19.05 7.86 15.29
CA THR A 174 -18.36 7.26 16.46
C THR A 174 -16.92 6.93 16.11
N VAL A 175 -16.74 6.01 15.19
CA VAL A 175 -15.36 5.64 14.80
C VAL A 175 -14.58 6.87 14.37
N PHE A 176 -15.22 7.73 13.62
CA PHE A 176 -14.52 8.95 13.16
C PHE A 176 -13.76 9.56 14.33
N ASN A 177 -14.42 9.65 15.44
CA ASN A 177 -13.76 10.24 16.62
C ASN A 177 -12.65 9.33 17.11
N GLU A 178 -12.83 8.05 16.90
CA GLU A 178 -11.78 7.09 17.33
C GLU A 178 -10.48 7.33 16.57
N ILE A 179 -10.53 7.18 15.28
CA ILE A 179 -9.32 7.40 14.47
C ILE A 179 -8.78 8.82 14.67
N ASP A 180 -9.66 9.71 15.05
CA ASP A 180 -9.22 11.12 15.26
C ASP A 180 -8.18 11.19 16.37
N THR A 181 -7.28 12.12 16.23
CA THR A 181 -6.23 12.27 17.27
C THR A 181 -5.85 13.74 17.45
N ASN A 182 -6.26 14.55 16.51
CA ASN A 182 -5.93 16.00 16.60
C ASN A 182 -7.10 16.77 17.20
N GLY A 183 -8.24 16.12 17.28
CA GLY A 183 -9.43 16.79 17.87
C GLY A 183 -9.79 18.04 17.06
N SER A 184 -9.43 18.03 15.79
CA SER A 184 -9.74 19.20 14.93
C SER A 184 -10.98 18.93 14.08
N GLY A 185 -11.55 17.78 14.25
CA GLY A 185 -12.78 17.44 13.46
C GLY A 185 -12.38 16.91 12.08
N VAL A 186 -11.11 16.60 11.93
CA VAL A 186 -10.63 16.08 10.63
C VAL A 186 -9.46 15.15 10.84
N VAL A 187 -9.30 14.19 9.94
CA VAL A 187 -8.18 13.22 10.06
C VAL A 187 -7.40 13.17 8.75
N THR A 188 -6.12 12.94 8.86
CA THR A 188 -5.29 12.87 7.64
C THR A 188 -5.29 11.46 7.04
N PHE A 189 -4.87 11.37 5.81
CA PHE A 189 -4.83 10.04 5.13
C PHE A 189 -4.20 8.98 6.04
N ASP A 190 -2.94 9.16 6.33
CA ASP A 190 -2.23 8.19 7.20
C ASP A 190 -3.11 7.71 8.35
N GLU A 191 -3.98 8.57 8.81
CA GLU A 191 -4.87 8.16 9.94
C GLU A 191 -5.98 7.22 9.44
N PHE A 192 -6.77 7.71 8.53
CA PHE A 192 -7.87 6.88 7.99
C PHE A 192 -7.32 5.64 7.29
N SER A 193 -6.31 5.84 6.49
CA SER A 193 -5.70 4.68 5.77
C SER A 193 -5.23 3.62 6.75
N CYS A 194 -4.37 4.02 7.65
CA CYS A 194 -3.86 3.06 8.64
C CYS A 194 -4.98 2.18 9.18
N TRP A 195 -5.95 2.80 9.83
CA TRP A 195 -7.08 2.01 10.39
C TRP A 195 -7.54 0.93 9.40
N ALA A 196 -8.10 1.36 8.30
CA ALA A 196 -8.58 0.37 7.30
C ALA A 196 -7.57 -0.74 7.07
N VAL A 197 -6.46 -0.41 6.43
CA VAL A 197 -5.41 -1.43 6.14
C VAL A 197 -5.33 -2.49 7.25
N THR A 198 -4.91 -2.07 8.41
CA THR A 198 -4.79 -3.03 9.56
C THR A 198 -5.96 -4.03 9.57
N LYS A 199 -7.14 -3.53 9.81
CA LYS A 199 -8.32 -4.45 9.83
C LYS A 199 -8.30 -5.39 8.64
N LYS A 200 -8.20 -4.82 7.46
CA LYS A 200 -8.17 -5.67 6.24
C LYS A 200 -6.94 -6.56 6.21
N LEU A 201 -5.92 -6.15 6.92
CA LEU A 201 -4.68 -6.97 6.95
C LEU A 201 -4.77 -8.11 7.95
N GLN A 202 -5.20 -7.79 9.14
CA GLN A 202 -5.33 -8.85 10.17
C GLN A 202 -6.43 -9.84 9.82
N VAL A 203 -7.35 -9.41 9.01
CA VAL A 203 -8.47 -10.31 8.63
C VAL A 203 -8.10 -11.12 7.38
N CYS A 204 -7.32 -10.53 6.53
CA CYS A 204 -6.91 -11.22 5.29
C CYS A 204 -5.56 -11.91 5.48
N GLY A 205 -5.10 -11.94 6.69
CA GLY A 205 -3.78 -12.59 6.95
C GLY A 205 -3.95 -14.10 7.14
N ASP A 206 -5.15 -14.57 6.92
CA ASP A 206 -5.39 -16.03 7.08
C ASP A 206 -4.65 -16.83 5.98
N PRO A 207 -3.89 -17.85 6.38
CA PRO A 207 -3.16 -18.66 5.40
C PRO A 207 -4.11 -19.35 4.43
N ASP A 208 -3.56 -19.84 3.34
CA ASP A 208 -4.42 -20.52 2.35
C ASP A 208 -3.57 -21.21 1.29
N GLY A 209 -3.23 -20.48 0.26
CA GLY A 209 -2.40 -21.08 -0.82
C GLY A 209 -3.02 -22.39 -1.30
N GLU A 210 -2.21 -23.22 -1.90
CA GLU A 210 -2.73 -24.51 -2.41
C GLU A 210 -3.96 -24.31 -3.30
N GLU A 211 -5.11 -24.22 -2.70
CA GLU A 211 -6.34 -24.02 -3.49
C GLU A 211 -7.37 -23.22 -2.71
N ASN A 212 -8.50 -22.98 -3.30
CA ASN A 212 -9.55 -22.20 -2.61
C ASN A 212 -10.41 -23.11 -1.73
N GLY A 213 -10.40 -24.38 -2.05
CA GLY A 213 -11.21 -25.35 -1.26
C GLY A 213 -10.35 -25.99 -0.17
N ALA A 214 -10.98 -26.35 0.93
CA ALA A 214 -10.22 -26.98 2.04
C ALA A 214 -10.35 -28.51 1.98
N ASN A 215 -10.83 -29.00 0.87
CA ASN A 215 -10.97 -30.47 0.75
C ASN A 215 -12.08 -31.00 1.65
N GLU A 216 -11.95 -30.75 2.92
CA GLU A 216 -12.99 -31.22 3.88
C GLU A 216 -13.22 -30.19 4.98
N GLY A 217 -12.15 -29.62 5.46
CA GLY A 217 -12.30 -28.60 6.54
C GLY A 217 -12.41 -29.29 7.90
N ASN A 218 -12.07 -28.58 8.94
CA ASN A 218 -12.16 -29.18 10.30
C ASN A 218 -12.47 -28.11 11.33
N LEU A 219 -12.45 -26.88 10.91
CA LEU A 219 -12.74 -25.78 11.87
C LEU A 219 -14.06 -26.02 12.58
N GLU A 220 -14.11 -25.69 13.84
CA GLU A 220 -15.36 -25.89 14.61
C GLU A 220 -16.20 -24.62 14.61
N MET A 1 32.22 18.57 -32.06
CA MET A 1 32.68 18.74 -30.67
C MET A 1 34.15 18.33 -30.54
N GLY A 2 34.81 18.85 -29.54
CA GLY A 2 36.25 18.50 -29.36
C GLY A 2 37.15 19.54 -30.03
N CYS A 3 36.56 20.63 -30.43
CA CYS A 3 37.38 21.69 -31.08
C CYS A 3 38.33 21.08 -32.11
N SER A 4 37.78 20.39 -33.07
CA SER A 4 38.64 19.77 -34.10
C SER A 4 37.93 19.75 -35.45
N GLY A 5 36.63 19.71 -35.41
CA GLY A 5 35.85 19.68 -36.68
C GLY A 5 35.31 21.08 -37.01
N SER A 6 34.15 21.39 -36.48
CA SER A 6 33.55 22.72 -36.75
C SER A 6 33.85 23.69 -35.61
N LYS A 7 32.95 24.61 -35.39
CA LYS A 7 33.15 25.59 -34.31
C LYS A 7 31.82 26.02 -33.70
N ASP A 8 31.58 25.62 -32.50
CA ASP A 8 30.30 25.99 -31.85
C ASP A 8 30.46 26.11 -30.34
N THR A 9 30.90 27.26 -29.90
CA THR A 9 31.10 27.45 -28.44
C THR A 9 29.75 27.64 -27.76
N THR A 10 29.05 28.66 -28.16
CA THR A 10 27.72 28.93 -27.56
C THR A 10 26.61 28.38 -28.44
N ASN A 11 25.46 28.14 -27.86
CA ASN A 11 24.33 27.59 -28.65
C ASN A 11 23.01 28.14 -28.16
N SER A 12 22.03 28.15 -29.04
CA SER A 12 20.70 28.67 -28.64
C SER A 12 19.64 28.27 -29.66
N LYS A 13 20.09 27.87 -30.82
CA LYS A 13 19.12 27.45 -31.86
C LYS A 13 18.58 26.06 -31.59
N ASP A 14 19.44 25.09 -31.69
CA ASP A 14 19.01 23.69 -31.44
C ASP A 14 18.18 23.61 -30.16
N GLY A 15 17.40 22.56 -30.04
CA GLY A 15 16.56 22.41 -28.82
C GLY A 15 16.43 20.92 -28.44
N ALA A 16 16.64 20.64 -27.18
CA ALA A 16 16.53 19.23 -26.73
C ALA A 16 15.07 18.84 -26.51
N ALA A 17 14.53 19.24 -25.39
CA ALA A 17 13.11 18.91 -25.10
C ALA A 17 12.56 19.79 -24.01
N SER A 18 11.26 19.90 -23.94
CA SER A 18 10.64 20.74 -22.90
C SER A 18 9.14 20.50 -22.83
N LYS A 19 8.49 21.16 -21.90
CA LYS A 19 7.03 20.98 -21.76
C LYS A 19 6.37 22.25 -21.25
N GLY A 20 7.14 23.04 -20.54
CA GLY A 20 6.59 24.32 -19.98
C GLY A 20 6.45 24.22 -18.47
N GLY A 21 6.15 25.34 -17.85
CA GLY A 21 6.00 25.33 -16.37
C GLY A 21 4.53 25.15 -15.98
N LYS A 22 4.19 23.97 -15.52
CA LYS A 22 2.79 23.72 -15.12
C LYS A 22 2.69 22.46 -14.28
N ASP A 23 1.81 22.49 -13.31
CA ASP A 23 1.64 21.31 -12.44
C ASP A 23 0.58 20.37 -13.00
N GLY A 24 0.85 19.09 -12.95
CA GLY A 24 -0.13 18.11 -13.47
C GLY A 24 -0.02 16.78 -12.72
N LYS A 25 -1.02 16.47 -11.93
CA LYS A 25 -0.99 15.20 -11.17
C LYS A 25 -2.40 14.67 -10.94
N THR A 26 -3.15 14.55 -12.01
CA THR A 26 -4.53 14.05 -11.87
C THR A 26 -4.55 12.53 -11.74
N THR A 27 -5.56 12.03 -11.07
CA THR A 27 -5.66 10.55 -10.90
C THR A 27 -5.29 9.82 -12.18
N ALA A 28 -5.73 10.35 -13.28
CA ALA A 28 -5.41 9.69 -14.59
C ALA A 28 -3.98 9.16 -14.63
N ASP A 29 -3.06 10.03 -14.33
CA ASP A 29 -1.63 9.60 -14.34
C ASP A 29 -1.38 8.45 -13.37
N ARG A 30 -1.46 8.74 -12.10
CA ARG A 30 -1.22 7.67 -11.09
C ARG A 30 -2.15 6.47 -11.32
N LYS A 31 -3.35 6.73 -11.74
CA LYS A 31 -4.29 5.59 -11.98
C LYS A 31 -3.63 4.54 -12.87
N VAL A 32 -3.00 5.00 -13.92
CA VAL A 32 -2.34 4.04 -14.84
C VAL A 32 -1.12 3.42 -14.17
N ALA A 33 -0.38 4.22 -13.46
CA ALA A 33 0.83 3.68 -12.77
C ALA A 33 0.43 2.75 -11.63
N TRP A 34 -0.58 3.14 -10.90
CA TRP A 34 -1.03 2.28 -9.78
C TRP A 34 -1.70 1.03 -10.31
N GLU A 35 -2.11 1.08 -11.55
CA GLU A 35 -2.77 -0.11 -12.14
C GLU A 35 -1.70 -1.13 -12.51
N ARG A 36 -0.58 -0.62 -12.96
CA ARG A 36 0.53 -1.52 -13.35
C ARG A 36 1.18 -2.05 -12.10
N ILE A 37 1.28 -1.19 -11.11
CA ILE A 37 1.92 -1.60 -9.85
C ILE A 37 1.01 -2.62 -9.16
N ARG A 38 -0.22 -2.23 -8.97
CA ARG A 38 -1.18 -3.15 -8.31
C ARG A 38 -1.01 -4.55 -8.88
N CYS A 39 -0.99 -4.63 -10.18
CA CYS A 39 -0.84 -5.96 -10.81
C CYS A 39 0.50 -6.57 -10.42
N ALA A 40 1.48 -5.73 -10.23
CA ALA A 40 2.81 -6.23 -9.85
C ALA A 40 2.77 -6.83 -8.45
N ILE A 41 2.53 -6.01 -7.47
CA ILE A 41 2.48 -6.53 -6.08
C ILE A 41 1.32 -7.54 -5.94
N PRO A 42 1.65 -8.80 -5.63
CA PRO A 42 0.61 -9.84 -5.47
C PRO A 42 -0.32 -9.54 -4.30
N ARG A 43 -1.59 -9.75 -4.53
CA ARG A 43 -2.59 -9.50 -3.47
C ARG A 43 -3.77 -10.45 -3.62
N ASP A 44 -3.97 -10.94 -4.81
CA ASP A 44 -5.10 -11.88 -5.03
C ASP A 44 -5.00 -13.08 -4.12
N LYS A 45 -5.93 -14.00 -4.27
CA LYS A 45 -5.92 -15.22 -3.42
C LYS A 45 -5.70 -16.47 -4.26
N ASP A 46 -5.16 -16.29 -5.44
CA ASP A 46 -4.92 -17.46 -6.32
C ASP A 46 -3.53 -18.04 -6.07
N ALA A 47 -3.21 -19.07 -6.80
CA ALA A 47 -1.89 -19.70 -6.61
C ALA A 47 -0.81 -18.92 -7.37
N GLU A 48 -1.21 -18.27 -8.42
CA GLU A 48 -0.23 -17.48 -9.20
C GLU A 48 0.49 -16.47 -8.32
N SER A 49 -0.18 -16.04 -7.27
CA SER A 49 0.45 -15.05 -6.37
C SER A 49 1.51 -15.73 -5.50
N LYS A 50 1.11 -16.76 -4.81
CA LYS A 50 2.08 -17.47 -3.95
C LYS A 50 3.41 -17.66 -4.67
N SER A 51 3.32 -17.99 -5.94
CA SER A 51 4.56 -18.21 -6.72
C SER A 51 5.32 -16.89 -6.87
N ARG A 52 4.65 -15.90 -7.38
CA ARG A 52 5.31 -14.58 -7.56
C ARG A 52 5.92 -14.11 -6.24
N ARG A 53 5.24 -14.40 -5.17
CA ARG A 53 5.77 -13.98 -3.85
C ARG A 53 7.16 -14.55 -3.62
N ILE A 54 7.24 -15.86 -3.67
CA ILE A 54 8.56 -16.50 -3.45
C ILE A 54 9.63 -15.81 -4.27
N GLU A 55 9.30 -15.46 -5.48
CA GLU A 55 10.29 -14.79 -6.35
C GLU A 55 10.65 -13.42 -5.78
N LEU A 56 9.67 -12.55 -5.71
CA LEU A 56 9.93 -11.20 -5.17
C LEU A 56 10.75 -11.28 -3.89
N PHE A 57 10.58 -12.36 -3.17
CA PHE A 57 11.34 -12.52 -1.91
C PHE A 57 12.77 -12.94 -2.21
N LYS A 58 12.92 -14.00 -2.96
CA LYS A 58 14.28 -14.47 -3.30
C LYS A 58 15.18 -13.30 -3.70
N GLN A 59 14.58 -12.26 -4.20
CA GLN A 59 15.38 -11.07 -4.62
C GLN A 59 15.98 -10.38 -3.40
N PHE A 60 15.12 -9.89 -2.54
CA PHE A 60 15.62 -9.19 -1.33
C PHE A 60 16.46 -10.13 -0.46
N ASP A 61 16.16 -11.40 -0.53
CA ASP A 61 16.91 -12.37 0.30
C ASP A 61 18.17 -12.84 -0.42
N THR A 62 19.24 -12.94 0.33
CA THR A 62 20.52 -13.39 -0.29
C THR A 62 20.75 -14.87 -0.01
N ASN A 63 19.71 -15.56 0.36
CA ASN A 63 19.86 -17.01 0.63
C ASN A 63 18.53 -17.74 0.48
N GLY A 64 17.80 -17.87 1.56
CA GLY A 64 16.50 -18.57 1.48
C GLY A 64 16.03 -19.03 2.87
N THR A 65 16.87 -18.81 3.85
CA THR A 65 16.49 -19.22 5.23
C THR A 65 15.17 -18.58 5.65
N GLY A 66 15.14 -17.27 5.63
CA GLY A 66 13.89 -16.57 6.01
C GLY A 66 14.23 -15.27 6.75
N LYS A 67 15.49 -15.04 6.92
CA LYS A 67 15.92 -13.81 7.63
C LYS A 67 16.13 -12.67 6.63
N LEU A 68 15.05 -12.02 6.27
CA LEU A 68 15.16 -10.90 5.31
C LEU A 68 15.72 -9.64 5.99
N GLY A 69 15.13 -8.52 5.69
CA GLY A 69 15.62 -7.26 6.31
C GLY A 69 14.94 -6.05 5.68
N PHE A 70 14.62 -5.07 6.49
CA PHE A 70 13.95 -3.86 5.95
C PHE A 70 14.85 -3.13 4.96
N ARG A 71 15.94 -2.61 5.45
CA ARG A 71 16.86 -1.88 4.54
C ARG A 71 17.06 -2.65 3.25
N GLU A 72 17.17 -3.95 3.36
CA GLU A 72 17.36 -4.76 2.14
C GLU A 72 16.21 -4.56 1.18
N VAL A 73 15.02 -4.56 1.71
CA VAL A 73 13.83 -4.38 0.85
C VAL A 73 13.78 -2.95 0.34
N LEU A 74 14.20 -2.03 1.18
CA LEU A 74 14.18 -0.61 0.76
C LEU A 74 14.83 -0.44 -0.61
N ASP A 75 16.10 -0.71 -0.68
CA ASP A 75 16.80 -0.57 -1.97
C ASP A 75 16.17 -1.49 -3.02
N GLY A 76 15.78 -2.65 -2.60
CA GLY A 76 15.14 -3.60 -3.56
C GLY A 76 13.97 -2.95 -4.29
N CYS A 77 12.95 -2.61 -3.56
CA CYS A 77 11.77 -1.97 -4.19
C CYS A 77 12.22 -0.87 -5.14
N TYR A 78 12.94 0.07 -4.63
CA TYR A 78 13.42 1.19 -5.48
C TYR A 78 14.10 0.65 -6.73
N GLY A 79 14.77 -0.47 -6.59
CA GLY A 79 15.46 -1.07 -7.77
C GLY A 79 14.57 -2.13 -8.43
N ILE A 80 13.35 -2.23 -7.97
CA ILE A 80 12.43 -3.24 -8.56
C ILE A 80 11.01 -2.68 -8.61
N LEU A 81 10.38 -2.59 -7.48
CA LEU A 81 9.00 -2.06 -7.46
C LEU A 81 8.96 -0.64 -7.98
N LYS A 82 9.99 0.10 -7.67
CA LYS A 82 10.04 1.51 -8.13
C LYS A 82 8.74 2.23 -7.81
N LEU A 83 8.53 2.49 -6.55
CA LEU A 83 7.28 3.19 -6.16
C LEU A 83 7.46 4.70 -6.29
N ASP A 84 8.68 5.15 -6.40
CA ASP A 84 8.93 6.61 -6.54
C ASP A 84 8.22 7.17 -7.76
N GLU A 85 8.05 6.35 -8.76
CA GLU A 85 7.36 6.81 -10.00
C GLU A 85 5.93 7.25 -9.73
N PHE A 86 5.18 6.39 -9.10
CA PHE A 86 3.77 6.75 -8.81
C PHE A 86 3.63 7.47 -7.47
N THR A 87 3.86 6.75 -6.41
CA THR A 87 3.75 7.38 -5.08
C THR A 87 4.89 8.34 -4.79
N THR A 88 4.63 9.28 -3.89
CA THR A 88 5.66 10.28 -3.53
C THR A 88 6.23 9.93 -2.16
N HIS A 89 7.51 9.66 -2.11
CA HIS A 89 8.15 9.31 -0.82
C HIS A 89 7.84 7.86 -0.48
N LEU A 90 8.78 7.00 -0.75
CA LEU A 90 8.59 5.56 -0.48
C LEU A 90 9.20 5.09 0.87
N PRO A 91 10.15 5.83 1.41
CA PRO A 91 10.78 5.46 2.68
C PRO A 91 9.75 5.35 3.82
N ASP A 92 8.72 6.13 3.75
CA ASP A 92 7.70 6.08 4.83
C ASP A 92 6.71 4.94 4.59
N ILE A 93 6.48 4.62 3.34
CA ILE A 93 5.54 3.53 3.03
C ILE A 93 6.12 2.17 3.40
N VAL A 94 7.32 1.93 2.96
CA VAL A 94 7.97 0.61 3.27
C VAL A 94 8.33 0.49 4.76
N GLN A 95 8.96 1.49 5.30
CA GLN A 95 9.33 1.41 6.74
C GLN A 95 8.12 1.15 7.63
N ARG A 96 7.02 1.78 7.32
CA ARG A 96 5.81 1.56 8.13
C ARG A 96 5.28 0.14 7.98
N ALA A 97 5.18 -0.29 6.75
CA ALA A 97 4.67 -1.67 6.51
C ALA A 97 5.57 -2.73 7.15
N PHE A 98 6.85 -2.59 6.95
CA PHE A 98 7.80 -3.57 7.54
C PHE A 98 7.58 -3.71 9.05
N ASP A 99 7.74 -2.63 9.76
CA ASP A 99 7.55 -2.68 11.23
C ASP A 99 6.11 -2.99 11.61
N LYS A 100 5.19 -2.22 11.10
CA LYS A 100 3.76 -2.45 11.43
C LYS A 100 3.34 -3.89 11.10
N ALA A 101 3.33 -4.22 9.84
CA ALA A 101 2.93 -5.60 9.45
C ALA A 101 3.55 -6.64 10.39
N LYS A 102 4.82 -6.50 10.65
CA LYS A 102 5.49 -7.48 11.55
C LYS A 102 4.76 -7.58 12.89
N ASP A 103 4.42 -6.44 13.45
CA ASP A 103 3.70 -6.47 14.76
C ASP A 103 2.40 -7.24 14.66
N LEU A 104 1.71 -7.06 13.55
CA LEU A 104 0.42 -7.78 13.37
C LEU A 104 0.65 -9.24 12.98
N GLY A 105 1.88 -9.55 12.65
CA GLY A 105 2.19 -10.96 12.26
C GLY A 105 2.57 -11.80 13.48
N ASN A 106 2.34 -11.26 14.67
CA ASN A 106 2.70 -12.02 15.91
C ASN A 106 1.57 -11.99 16.94
N LYS A 107 0.84 -10.90 16.98
CA LYS A 107 -0.27 -10.82 17.98
C LYS A 107 -1.57 -11.38 17.42
N VAL A 108 -1.78 -11.22 16.15
CA VAL A 108 -3.03 -11.75 15.55
C VAL A 108 -3.34 -13.15 16.07
N LYS A 109 -2.29 -13.87 16.41
CA LYS A 109 -2.48 -15.25 16.93
C LYS A 109 -1.58 -15.49 18.13
N GLY A 110 -0.31 -15.27 17.95
CA GLY A 110 0.67 -15.47 19.06
C GLY A 110 1.87 -16.29 18.58
N VAL A 111 1.90 -16.56 17.30
CA VAL A 111 3.03 -17.35 16.76
C VAL A 111 4.35 -16.62 16.99
N GLY A 112 5.36 -17.38 17.31
CA GLY A 112 6.70 -16.74 17.55
C GLY A 112 7.28 -16.21 16.24
N GLU A 113 8.29 -15.40 16.37
CA GLU A 113 8.93 -14.83 15.15
C GLU A 113 10.24 -14.16 15.49
N GLU A 114 10.72 -13.34 14.59
CA GLU A 114 12.00 -12.63 14.83
C GLU A 114 11.87 -11.17 14.45
N ASP A 115 12.99 -10.49 14.38
CA ASP A 115 12.95 -9.04 14.03
C ASP A 115 12.99 -8.87 12.51
N LEU A 116 13.24 -9.95 11.81
CA LEU A 116 13.30 -9.87 10.33
C LEU A 116 12.01 -10.38 9.71
N VAL A 117 11.45 -9.60 8.83
CA VAL A 117 10.18 -10.02 8.17
C VAL A 117 10.29 -11.44 7.64
N GLU A 118 9.36 -12.27 8.03
CA GLU A 118 9.39 -13.68 7.55
C GLU A 118 8.48 -13.83 6.33
N PHE A 119 8.30 -15.05 5.89
CA PHE A 119 7.43 -15.26 4.71
C PHE A 119 6.00 -14.83 5.01
N LEU A 120 5.52 -15.17 6.18
CA LEU A 120 4.14 -14.78 6.54
C LEU A 120 4.01 -13.26 6.59
N GLU A 121 4.88 -12.63 7.31
CA GLU A 121 4.81 -11.16 7.40
C GLU A 121 5.06 -10.53 6.04
N PHE A 122 5.90 -11.17 5.26
CA PHE A 122 6.17 -10.62 3.91
C PHE A 122 4.87 -10.45 3.16
N ARG A 123 3.98 -11.40 3.33
CA ARG A 123 2.68 -11.33 2.64
C ARG A 123 1.89 -10.14 3.17
N LEU A 124 1.81 -10.04 4.47
CA LEU A 124 1.06 -8.92 5.07
C LEU A 124 1.71 -7.58 4.72
N MET A 125 3.02 -7.60 4.56
CA MET A 125 3.72 -6.34 4.21
C MET A 125 3.25 -5.82 2.86
N LEU A 126 3.58 -6.55 1.83
CA LEU A 126 3.17 -6.11 0.47
C LEU A 126 1.71 -5.67 0.49
N CYS A 127 0.90 -6.37 1.23
CA CYS A 127 -0.53 -6.00 1.29
C CYS A 127 -0.68 -4.61 1.90
N TYR A 128 0.02 -4.38 2.98
CA TYR A 128 -0.07 -3.05 3.63
C TYR A 128 0.05 -1.95 2.58
N ILE A 129 0.97 -2.13 1.67
CA ILE A 129 1.16 -1.12 0.60
C ILE A 129 0.04 -1.22 -0.44
N TYR A 130 -0.06 -2.35 -1.07
CA TYR A 130 -1.12 -2.55 -2.09
C TYR A 130 -2.44 -1.90 -1.65
N ASP A 131 -2.83 -2.19 -0.45
CA ASP A 131 -4.10 -1.64 0.08
C ASP A 131 -4.03 -0.11 0.25
N ILE A 132 -3.11 0.36 1.05
CA ILE A 132 -3.01 1.82 1.25
C ILE A 132 -2.98 2.58 -0.08
N PHE A 133 -2.61 1.90 -1.13
CA PHE A 133 -2.56 2.58 -2.46
C PHE A 133 -3.98 2.73 -3.02
N GLU A 134 -4.72 1.65 -2.99
CA GLU A 134 -6.11 1.72 -3.52
C GLU A 134 -6.92 2.77 -2.78
N LEU A 135 -6.71 2.89 -1.50
CA LEU A 135 -7.48 3.89 -0.72
C LEU A 135 -7.11 5.33 -1.12
N THR A 136 -5.86 5.67 -0.96
CA THR A 136 -5.42 7.05 -1.31
C THR A 136 -6.05 7.51 -2.64
N VAL A 137 -6.09 6.63 -3.60
CA VAL A 137 -6.68 7.05 -4.90
C VAL A 137 -8.22 7.05 -4.84
N MET A 138 -8.76 6.30 -3.92
CA MET A 138 -10.24 6.27 -3.81
C MET A 138 -10.77 7.58 -3.21
N PHE A 139 -9.97 8.21 -2.40
CA PHE A 139 -10.40 9.48 -1.77
C PHE A 139 -10.01 10.70 -2.62
N ASP A 140 -8.86 10.65 -3.21
CA ASP A 140 -8.41 11.80 -4.06
C ASP A 140 -9.54 12.30 -4.95
N THR A 141 -10.56 11.50 -5.12
CA THR A 141 -11.68 11.93 -5.98
C THR A 141 -12.60 12.89 -5.24
N MET A 142 -12.65 12.76 -3.94
CA MET A 142 -13.52 13.65 -3.14
C MET A 142 -13.17 15.11 -3.42
N ASP A 143 -12.07 15.55 -2.87
CA ASP A 143 -11.65 16.96 -3.08
C ASP A 143 -10.90 17.11 -4.40
N LYS A 144 -11.17 18.19 -5.09
CA LYS A 144 -10.48 18.41 -6.38
C LYS A 144 -9.13 19.07 -6.15
N ASP A 145 -8.93 19.60 -4.97
CA ASP A 145 -7.64 20.25 -4.66
C ASP A 145 -6.57 19.21 -4.38
N GLY A 146 -5.34 19.55 -4.69
CA GLY A 146 -4.24 18.59 -4.44
C GLY A 146 -3.97 18.45 -2.95
N SER A 147 -5.02 18.26 -2.19
CA SER A 147 -4.86 18.11 -0.72
C SER A 147 -4.88 16.64 -0.32
N LEU A 148 -4.53 16.37 0.93
CA LEU A 148 -4.52 14.97 1.43
C LEU A 148 -5.23 14.87 2.76
N LEU A 149 -5.73 15.98 3.23
CA LEU A 149 -6.44 15.98 4.53
C LEU A 149 -7.94 15.79 4.33
N LEU A 150 -8.57 15.17 5.30
CA LEU A 150 -10.04 14.95 5.21
C LEU A 150 -10.77 15.51 6.42
N GLU A 151 -11.91 16.11 6.17
CA GLU A 151 -12.71 16.69 7.29
C GLU A 151 -13.93 15.84 7.60
N LEU A 152 -14.56 16.12 8.70
CA LEU A 152 -15.76 15.33 9.09
C LEU A 152 -16.67 15.12 7.88
N GLN A 153 -16.72 16.11 7.02
CA GLN A 153 -17.58 15.99 5.81
C GLN A 153 -17.28 14.71 5.05
N GLU A 154 -16.07 14.60 4.56
CA GLU A 154 -15.71 13.39 3.81
C GLU A 154 -15.97 12.13 4.64
N PHE A 155 -15.45 12.12 5.83
CA PHE A 155 -15.66 10.94 6.71
C PHE A 155 -17.11 10.46 6.65
N LYS A 156 -18.02 11.39 6.76
CA LYS A 156 -19.46 11.01 6.72
C LYS A 156 -19.80 10.29 5.41
N GLU A 157 -19.47 10.88 4.30
CA GLU A 157 -19.76 10.23 3.00
C GLU A 157 -18.76 9.13 2.70
N ALA A 158 -17.64 9.18 3.36
CA ALA A 158 -16.60 8.15 3.13
C ALA A 158 -16.94 6.87 3.88
N LEU A 159 -17.55 7.01 5.03
CA LEU A 159 -17.89 5.80 5.81
C LEU A 159 -18.59 4.76 4.90
N PRO A 160 -19.65 5.17 4.20
CA PRO A 160 -20.37 4.27 3.31
C PRO A 160 -19.50 3.91 2.11
N LYS A 161 -19.08 4.92 1.38
CA LYS A 161 -18.24 4.66 0.20
C LYS A 161 -17.09 3.73 0.56
N LEU A 162 -16.64 3.83 1.79
CA LEU A 162 -15.53 2.95 2.23
C LEU A 162 -16.02 1.52 2.42
N LYS A 163 -17.13 1.36 3.09
CA LYS A 163 -17.65 -0.01 3.30
C LYS A 163 -17.58 -0.82 2.02
N GLU A 164 -17.89 -0.19 0.92
CA GLU A 164 -17.84 -0.91 -0.37
C GLU A 164 -16.45 -1.53 -0.59
N TRP A 165 -15.44 -0.79 -0.19
CA TRP A 165 -14.05 -1.30 -0.36
C TRP A 165 -13.95 -2.78 -0.01
N GLY A 166 -14.35 -3.12 1.19
CA GLY A 166 -14.28 -4.55 1.61
C GLY A 166 -14.33 -4.67 3.13
N VAL A 167 -14.03 -3.59 3.81
CA VAL A 167 -14.05 -3.62 5.30
C VAL A 167 -15.37 -3.08 5.83
N ASP A 168 -15.35 -2.65 7.08
CA ASP A 168 -16.60 -2.10 7.67
C ASP A 168 -16.31 -1.42 9.01
N ILE A 169 -16.39 -0.12 9.02
CA ILE A 169 -16.12 0.62 10.27
C ILE A 169 -17.28 0.50 11.25
N THR A 170 -17.02 -0.07 12.40
CA THR A 170 -18.11 -0.22 13.40
C THR A 170 -18.70 1.15 13.72
N ASP A 171 -18.17 1.78 14.72
CA ASP A 171 -18.68 3.12 15.09
C ASP A 171 -18.14 4.13 14.11
N ALA A 172 -18.96 5.07 13.74
CA ALA A 172 -18.49 6.08 12.78
C ALA A 172 -17.83 7.26 13.49
N THR A 173 -18.62 8.24 13.77
CA THR A 173 -18.10 9.45 14.46
C THR A 173 -17.05 9.10 15.51
N THR A 174 -17.38 8.16 16.34
CA THR A 174 -16.44 7.74 17.40
C THR A 174 -15.11 7.29 16.80
N VAL A 175 -15.17 6.59 15.71
CA VAL A 175 -13.91 6.12 15.07
C VAL A 175 -13.13 7.28 14.49
N PHE A 176 -13.81 8.11 13.71
CA PHE A 176 -13.11 9.26 13.10
C PHE A 176 -12.18 9.90 14.11
N ASN A 177 -12.68 10.08 15.30
CA ASN A 177 -11.85 10.69 16.35
C ASN A 177 -10.79 9.69 16.82
N GLU A 178 -11.17 8.45 16.86
CA GLU A 178 -10.21 7.40 17.29
C GLU A 178 -8.98 7.37 16.39
N ILE A 179 -9.23 7.23 15.12
CA ILE A 179 -8.10 7.19 14.17
C ILE A 179 -7.12 8.32 14.44
N ASP A 180 -7.64 9.42 14.95
CA ASP A 180 -6.75 10.57 15.26
C ASP A 180 -6.29 10.53 16.70
N THR A 181 -5.14 9.95 16.93
CA THR A 181 -4.63 9.87 18.32
C THR A 181 -4.12 11.24 18.80
N ASN A 182 -3.68 12.03 17.87
CA ASN A 182 -3.18 13.37 18.25
C ASN A 182 -4.33 14.31 18.61
N GLY A 183 -5.38 14.23 17.84
CA GLY A 183 -6.54 15.12 18.13
C GLY A 183 -6.32 16.50 17.53
N SER A 184 -7.18 16.88 16.61
CA SER A 184 -7.05 18.21 15.99
C SER A 184 -8.37 18.67 15.40
N GLY A 185 -8.99 17.80 14.64
CA GLY A 185 -10.29 18.16 14.01
C GLY A 185 -10.41 17.56 12.60
N VAL A 186 -9.43 16.78 12.23
CA VAL A 186 -9.48 16.17 10.88
C VAL A 186 -8.67 14.87 10.82
N VAL A 187 -8.70 14.22 9.68
CA VAL A 187 -7.95 12.96 9.53
C VAL A 187 -7.25 12.93 8.16
N THR A 188 -5.97 12.66 8.17
CA THR A 188 -5.22 12.62 6.89
C THR A 188 -5.29 11.25 6.22
N PHE A 189 -4.97 11.22 4.94
CA PHE A 189 -5.00 9.92 4.19
C PHE A 189 -4.36 8.81 5.00
N ASP A 190 -3.04 8.79 5.00
CA ASP A 190 -2.30 7.74 5.76
C ASP A 190 -3.00 7.39 7.06
N GLU A 191 -3.55 8.37 7.71
CA GLU A 191 -4.23 8.09 9.00
C GLU A 191 -5.51 7.29 8.74
N PHE A 192 -6.39 7.85 7.96
CA PHE A 192 -7.65 7.14 7.67
C PHE A 192 -7.35 5.84 6.93
N SER A 193 -6.55 5.94 5.91
CA SER A 193 -6.19 4.73 5.14
C SER A 193 -5.60 3.66 6.05
N CYS A 194 -4.67 4.07 6.88
CA CYS A 194 -4.05 3.09 7.80
C CYS A 194 -5.11 2.24 8.49
N TRP A 195 -6.08 2.89 9.09
CA TRP A 195 -7.15 2.11 9.78
C TRP A 195 -7.76 1.08 8.82
N ALA A 196 -8.06 1.52 7.63
CA ALA A 196 -8.66 0.60 6.64
C ALA A 196 -7.67 -0.51 6.29
N VAL A 197 -6.62 -0.16 5.57
CA VAL A 197 -5.61 -1.17 5.18
C VAL A 197 -5.42 -2.22 6.27
N THR A 198 -5.00 -1.79 7.42
CA THR A 198 -4.79 -2.75 8.54
C THR A 198 -5.94 -3.74 8.62
N LYS A 199 -7.14 -3.23 8.66
CA LYS A 199 -8.32 -4.12 8.74
C LYS A 199 -8.38 -5.06 7.54
N LYS A 200 -8.63 -4.51 6.37
CA LYS A 200 -8.69 -5.37 5.15
C LYS A 200 -7.55 -6.38 5.16
N LEU A 201 -6.46 -5.99 5.75
CA LEU A 201 -5.30 -6.90 5.81
C LEU A 201 -5.45 -7.91 6.95
N GLN A 202 -5.98 -7.45 8.04
CA GLN A 202 -6.17 -8.37 9.20
C GLN A 202 -7.09 -9.53 8.84
N VAL A 203 -8.06 -9.26 8.00
CA VAL A 203 -9.01 -10.34 7.61
C VAL A 203 -8.46 -11.13 6.45
N CYS A 204 -7.74 -10.47 5.58
CA CYS A 204 -7.16 -11.17 4.41
C CYS A 204 -5.83 -11.82 4.79
N GLY A 205 -5.54 -11.84 6.06
CA GLY A 205 -4.26 -12.46 6.50
C GLY A 205 -4.45 -13.93 6.86
N ASP A 206 -5.11 -14.65 5.99
CA ASP A 206 -5.34 -16.10 6.27
C ASP A 206 -5.23 -16.98 5.01
N PRO A 207 -4.40 -16.57 4.04
CA PRO A 207 -4.23 -17.35 2.82
C PRO A 207 -3.59 -18.70 3.11
N ASP A 208 -2.28 -18.76 2.99
CA ASP A 208 -1.55 -20.04 3.27
C ASP A 208 -2.35 -21.25 2.82
N GLY A 209 -3.17 -21.07 1.82
CA GLY A 209 -4.00 -22.21 1.33
C GLY A 209 -4.92 -22.71 2.45
N GLU A 210 -5.86 -23.55 2.09
CA GLU A 210 -6.80 -24.08 3.12
C GLU A 210 -6.36 -25.46 3.58
N GLU A 211 -6.49 -25.70 4.86
CA GLU A 211 -6.09 -27.03 5.40
C GLU A 211 -4.58 -27.23 5.31
N ASN A 212 -4.14 -28.40 5.68
CA ASN A 212 -2.69 -28.71 5.64
C ASN A 212 -2.37 -29.63 4.47
N GLY A 213 -2.99 -29.38 3.35
CA GLY A 213 -2.73 -30.25 2.16
C GLY A 213 -3.76 -31.38 2.08
N ALA A 214 -4.41 -31.65 3.17
CA ALA A 214 -5.42 -32.74 3.17
C ALA A 214 -6.60 -32.38 2.28
N ASN A 215 -7.72 -33.00 2.51
CA ASN A 215 -8.91 -32.71 1.69
C ASN A 215 -10.19 -32.92 2.49
N GLU A 216 -11.27 -32.39 1.98
CA GLU A 216 -12.55 -32.56 2.70
C GLU A 216 -13.73 -32.49 1.72
N GLY A 217 -13.72 -31.48 0.89
CA GLY A 217 -14.82 -31.33 -0.09
C GLY A 217 -14.78 -32.46 -1.12
N ASN A 218 -13.69 -32.55 -1.82
CA ASN A 218 -13.56 -33.63 -2.84
C ASN A 218 -13.09 -34.93 -2.20
N LEU A 219 -13.50 -36.03 -2.77
CA LEU A 219 -13.08 -37.34 -2.21
C LEU A 219 -11.56 -37.50 -2.25
N GLU A 220 -11.02 -37.67 -3.43
CA GLU A 220 -9.55 -37.82 -3.54
C GLU A 220 -8.84 -36.65 -2.89
N MET A 1 6.20 27.10 -31.25
CA MET A 1 6.65 25.96 -30.42
C MET A 1 7.85 26.37 -29.57
N GLY A 2 8.77 25.47 -29.41
CA GLY A 2 9.97 25.80 -28.58
C GLY A 2 10.64 24.52 -28.07
N CYS A 3 11.44 24.65 -27.06
CA CYS A 3 12.12 23.46 -26.50
C CYS A 3 11.24 22.76 -25.48
N SER A 4 11.77 22.60 -24.29
CA SER A 4 10.99 21.93 -23.21
C SER A 4 10.46 22.95 -22.21
N GLY A 5 10.96 24.15 -22.30
CA GLY A 5 10.49 25.21 -21.37
C GLY A 5 11.62 26.20 -21.08
N SER A 6 11.30 27.47 -21.13
CA SER A 6 12.33 28.50 -20.86
C SER A 6 11.74 29.68 -20.09
N LYS A 7 10.49 29.55 -19.74
CA LYS A 7 9.83 30.64 -18.98
C LYS A 7 10.43 30.78 -17.59
N ASP A 8 10.26 31.93 -17.00
CA ASP A 8 10.81 32.14 -15.64
C ASP A 8 10.09 33.28 -14.94
N THR A 9 8.79 33.32 -15.12
CA THR A 9 8.00 34.40 -14.48
C THR A 9 6.61 33.91 -14.12
N THR A 10 6.18 34.21 -12.92
CA THR A 10 4.82 33.77 -12.50
C THR A 10 3.74 34.62 -13.13
N ASN A 11 4.14 35.72 -13.71
CA ASN A 11 3.14 36.61 -14.35
C ASN A 11 2.33 35.86 -15.41
N SER A 12 1.10 35.56 -15.09
CA SER A 12 0.24 34.83 -16.06
C SER A 12 -0.66 35.81 -16.81
N LYS A 13 -1.55 35.27 -17.60
CA LYS A 13 -2.47 36.15 -18.36
C LYS A 13 -3.60 35.35 -19.00
N ASP A 14 -4.44 36.03 -19.72
CA ASP A 14 -5.58 35.32 -20.37
C ASP A 14 -5.08 34.19 -21.25
N GLY A 15 -4.53 34.54 -22.39
CA GLY A 15 -4.02 33.49 -23.30
C GLY A 15 -5.16 32.58 -23.76
N ALA A 16 -4.89 31.79 -24.77
CA ALA A 16 -5.95 30.88 -25.28
C ALA A 16 -5.83 29.50 -24.64
N ALA A 17 -5.45 29.47 -23.39
CA ALA A 17 -5.30 28.18 -22.68
C ALA A 17 -6.12 28.16 -21.38
N SER A 18 -5.71 27.34 -20.45
CA SER A 18 -6.46 27.28 -19.17
C SER A 18 -5.54 26.87 -18.03
N LYS A 19 -4.28 26.69 -18.33
CA LYS A 19 -3.33 26.30 -17.28
C LYS A 19 -1.94 26.89 -17.55
N GLY A 20 -0.98 26.45 -16.78
CA GLY A 20 0.40 26.98 -16.99
C GLY A 20 1.44 25.93 -16.56
N GLY A 21 1.39 24.79 -17.17
CA GLY A 21 2.36 23.72 -16.80
C GLY A 21 1.93 22.38 -17.40
N LYS A 22 2.62 21.32 -17.01
CA LYS A 22 2.28 19.97 -17.53
C LYS A 22 2.08 18.99 -16.38
N ASP A 23 2.85 19.19 -15.33
CA ASP A 23 2.74 18.28 -14.15
C ASP A 23 2.38 19.08 -12.89
N GLY A 24 1.41 18.60 -12.17
CA GLY A 24 1.01 19.32 -10.93
C GLY A 24 -0.03 18.50 -10.14
N LYS A 25 0.36 17.31 -9.77
CA LYS A 25 -0.57 16.43 -9.00
C LYS A 25 -1.93 16.29 -9.69
N THR A 26 -2.08 15.22 -10.44
CA THR A 26 -3.36 15.00 -11.16
C THR A 26 -3.80 13.54 -11.02
N THR A 27 -5.02 13.34 -10.58
CA THR A 27 -5.52 11.96 -10.42
C THR A 27 -5.13 11.09 -11.61
N ALA A 28 -5.08 11.69 -12.76
CA ALA A 28 -4.70 10.92 -13.97
C ALA A 28 -3.36 10.22 -13.77
N ASP A 29 -2.33 11.00 -13.69
CA ASP A 29 -0.98 10.41 -13.50
C ASP A 29 -1.01 9.35 -12.41
N ARG A 30 -1.68 9.67 -11.33
CA ARG A 30 -1.76 8.70 -10.21
C ARG A 30 -2.51 7.45 -10.63
N LYS A 31 -3.35 7.58 -11.61
CA LYS A 31 -4.13 6.41 -12.09
C LYS A 31 -3.27 5.45 -12.89
N VAL A 32 -2.38 5.99 -13.69
CA VAL A 32 -1.51 5.12 -14.50
C VAL A 32 -0.44 4.43 -13.66
N ALA A 33 0.12 5.16 -12.73
CA ALA A 33 1.17 4.54 -11.88
C ALA A 33 0.60 3.51 -10.92
N TRP A 34 -0.41 3.90 -10.17
CA TRP A 34 -1.01 2.93 -9.22
C TRP A 34 -1.69 1.77 -9.93
N GLU A 35 -2.13 2.01 -11.14
CA GLU A 35 -2.80 0.91 -11.88
C GLU A 35 -1.80 -0.17 -12.26
N ARG A 36 -0.65 0.27 -12.71
CA ARG A 36 0.38 -0.71 -13.11
C ARG A 36 1.08 -1.25 -11.88
N ILE A 37 1.27 -0.39 -10.92
CA ILE A 37 1.95 -0.83 -9.68
C ILE A 37 1.06 -1.84 -8.94
N ARG A 38 -0.13 -1.42 -8.57
CA ARG A 38 -1.02 -2.34 -7.84
C ARG A 38 -1.13 -3.65 -8.60
N CYS A 39 -1.25 -3.56 -9.89
CA CYS A 39 -1.37 -4.81 -10.70
C CYS A 39 -0.18 -5.73 -10.41
N ALA A 40 0.97 -5.13 -10.25
CA ALA A 40 2.17 -5.95 -9.96
C ALA A 40 2.12 -6.52 -8.55
N ILE A 41 1.85 -5.67 -7.60
CA ILE A 41 1.78 -6.13 -6.19
C ILE A 41 0.61 -7.12 -5.98
N PRO A 42 0.92 -8.37 -5.61
CA PRO A 42 -0.12 -9.37 -5.40
C PRO A 42 -0.97 -9.05 -4.16
N ARG A 43 -2.20 -9.48 -4.18
CA ARG A 43 -3.08 -9.21 -3.02
C ARG A 43 -3.06 -10.38 -2.05
N ASP A 44 -2.23 -11.36 -2.34
CA ASP A 44 -2.14 -12.55 -1.46
C ASP A 44 -3.37 -13.44 -1.60
N LYS A 45 -3.36 -14.54 -0.88
CA LYS A 45 -4.52 -15.46 -0.95
C LYS A 45 -4.86 -15.81 -2.39
N ASP A 46 -4.09 -16.70 -2.97
CA ASP A 46 -4.34 -17.09 -4.37
C ASP A 46 -3.18 -17.92 -4.91
N ALA A 47 -3.47 -19.14 -5.29
CA ALA A 47 -2.39 -20.00 -5.83
C ALA A 47 -1.50 -19.22 -6.78
N GLU A 48 -2.10 -18.32 -7.51
CA GLU A 48 -1.30 -17.51 -8.46
C GLU A 48 -0.44 -16.52 -7.69
N SER A 49 -1.02 -15.94 -6.68
CA SER A 49 -0.26 -14.96 -5.88
C SER A 49 0.86 -15.66 -5.12
N LYS A 50 0.61 -16.88 -4.75
CA LYS A 50 1.63 -17.66 -4.01
C LYS A 50 2.88 -17.81 -4.87
N SER A 51 2.68 -18.18 -6.11
CA SER A 51 3.84 -18.34 -7.02
C SER A 51 4.56 -17.02 -7.22
N ARG A 52 3.80 -15.96 -7.28
CA ARG A 52 4.41 -14.63 -7.48
C ARG A 52 5.24 -14.22 -6.26
N ARG A 53 4.67 -14.41 -5.10
CA ARG A 53 5.41 -14.06 -3.86
C ARG A 53 6.76 -14.76 -3.81
N ILE A 54 6.75 -16.04 -4.05
CA ILE A 54 8.02 -16.80 -4.01
C ILE A 54 9.04 -16.18 -4.96
N GLU A 55 8.62 -15.89 -6.16
CA GLU A 55 9.56 -15.29 -7.13
C GLU A 55 10.06 -13.93 -6.64
N LEU A 56 9.15 -13.02 -6.46
CA LEU A 56 9.57 -11.68 -5.97
C LEU A 56 10.41 -11.79 -4.72
N PHE A 57 10.13 -12.80 -3.92
CA PHE A 57 10.92 -12.99 -2.68
C PHE A 57 12.36 -13.37 -3.01
N LYS A 58 12.51 -14.31 -3.89
CA LYS A 58 13.87 -14.76 -4.26
C LYS A 58 14.74 -13.57 -4.66
N GLN A 59 14.17 -12.67 -5.42
CA GLN A 59 14.96 -11.49 -5.86
C GLN A 59 15.67 -10.86 -4.67
N PHE A 60 14.93 -10.11 -3.89
CA PHE A 60 15.55 -9.45 -2.71
C PHE A 60 16.53 -10.39 -2.00
N ASP A 61 16.02 -11.51 -1.55
CA ASP A 61 16.90 -12.48 -0.84
C ASP A 61 17.54 -13.45 -1.84
N THR A 62 18.37 -12.94 -2.70
CA THR A 62 19.02 -13.82 -3.68
C THR A 62 20.13 -14.63 -3.02
N ASN A 63 20.19 -14.55 -1.72
CA ASN A 63 21.24 -15.32 -1.00
C ASN A 63 20.91 -16.81 -1.00
N GLY A 64 19.69 -17.13 -0.66
CA GLY A 64 19.29 -18.56 -0.63
C GLY A 64 18.44 -18.86 0.62
N THR A 65 18.60 -18.04 1.62
CA THR A 65 17.82 -18.27 2.86
C THR A 65 16.49 -17.53 2.80
N GLY A 66 16.48 -16.32 3.29
CA GLY A 66 15.21 -15.53 3.26
C GLY A 66 15.27 -14.40 4.30
N LYS A 67 16.44 -14.16 4.82
CA LYS A 67 16.58 -13.08 5.83
C LYS A 67 16.86 -11.75 5.15
N LEU A 68 15.83 -11.15 4.60
CA LEU A 68 16.01 -9.86 3.92
C LEU A 68 16.34 -8.75 4.92
N GLY A 69 15.52 -7.73 4.93
CA GLY A 69 15.76 -6.60 5.87
C GLY A 69 15.23 -5.31 5.26
N PHE A 70 14.62 -4.49 6.06
CA PHE A 70 14.07 -3.22 5.54
C PHE A 70 15.07 -2.56 4.59
N ARG A 71 16.26 -2.31 5.07
CA ARG A 71 17.27 -1.66 4.20
C ARG A 71 17.29 -2.31 2.82
N GLU A 72 17.42 -3.61 2.80
CA GLU A 72 17.44 -4.32 1.50
C GLU A 72 16.11 -4.16 0.78
N VAL A 73 15.04 -4.29 1.51
CA VAL A 73 13.71 -4.14 0.89
C VAL A 73 13.51 -2.74 0.34
N LEU A 74 13.95 -1.76 1.08
CA LEU A 74 13.80 -0.37 0.62
C LEU A 74 14.39 -0.20 -0.77
N ASP A 75 15.68 -0.40 -0.88
CA ASP A 75 16.33 -0.26 -2.20
C ASP A 75 15.75 -1.24 -3.21
N GLY A 76 15.46 -2.43 -2.75
CA GLY A 76 14.88 -3.45 -3.67
C GLY A 76 13.68 -2.88 -4.43
N CYS A 77 12.77 -2.29 -3.71
CA CYS A 77 11.58 -1.70 -4.38
C CYS A 77 11.98 -0.57 -5.32
N TYR A 78 12.85 0.27 -4.84
CA TYR A 78 13.31 1.41 -5.68
C TYR A 78 13.87 0.95 -7.03
N GLY A 79 14.81 0.04 -6.97
CA GLY A 79 15.42 -0.48 -8.24
C GLY A 79 14.50 -1.49 -8.93
N ILE A 80 13.28 -1.58 -8.49
CA ILE A 80 12.35 -2.55 -9.13
C ILE A 80 10.93 -2.02 -9.19
N LEU A 81 10.25 -2.02 -8.08
CA LEU A 81 8.85 -1.51 -8.06
C LEU A 81 8.80 0.00 -8.30
N LYS A 82 9.82 0.70 -7.90
CA LYS A 82 9.82 2.17 -8.10
C LYS A 82 8.51 2.76 -7.61
N LEU A 83 8.33 2.78 -6.32
CA LEU A 83 7.07 3.34 -5.78
C LEU A 83 7.20 4.85 -5.56
N ASP A 84 8.42 5.32 -5.53
CA ASP A 84 8.62 6.78 -5.32
C ASP A 84 8.26 7.57 -6.57
N GLU A 85 7.84 6.88 -7.59
CA GLU A 85 7.46 7.58 -8.85
C GLU A 85 6.02 8.06 -8.80
N PHE A 86 5.25 7.43 -7.94
CA PHE A 86 3.83 7.82 -7.81
C PHE A 86 3.59 8.67 -6.57
N THR A 87 3.84 8.12 -5.42
CA THR A 87 3.63 8.91 -4.17
C THR A 87 4.85 9.73 -3.78
N THR A 88 4.60 10.81 -3.10
CA THR A 88 5.72 11.67 -2.66
C THR A 88 6.31 11.14 -1.37
N HIS A 89 7.58 10.86 -1.39
CA HIS A 89 8.22 10.32 -0.17
C HIS A 89 7.83 8.85 -0.02
N LEU A 90 8.61 8.00 -0.61
CA LEU A 90 8.31 6.56 -0.54
C LEU A 90 8.75 5.89 0.78
N PRO A 91 9.87 6.31 1.35
CA PRO A 91 10.34 5.70 2.59
C PRO A 91 9.29 5.75 3.72
N ASP A 92 8.29 6.55 3.55
CA ASP A 92 7.24 6.64 4.61
C ASP A 92 6.31 5.42 4.64
N ILE A 93 5.83 5.01 3.49
CA ILE A 93 4.92 3.82 3.47
C ILE A 93 5.66 2.50 3.63
N VAL A 94 6.78 2.37 2.97
CA VAL A 94 7.54 1.10 3.09
C VAL A 94 7.97 0.85 4.52
N GLN A 95 8.46 1.88 5.18
CA GLN A 95 8.90 1.68 6.59
C GLN A 95 7.71 1.35 7.48
N ARG A 96 6.63 2.06 7.28
CA ARG A 96 5.43 1.80 8.11
C ARG A 96 4.91 0.37 7.90
N ALA A 97 5.01 -0.11 6.70
CA ALA A 97 4.53 -1.49 6.41
C ALA A 97 5.50 -2.53 6.94
N PHE A 98 6.75 -2.36 6.63
CA PHE A 98 7.76 -3.34 7.10
C PHE A 98 7.60 -3.63 8.59
N ASP A 99 7.74 -2.61 9.40
CA ASP A 99 7.60 -2.81 10.86
C ASP A 99 6.22 -3.34 11.23
N LYS A 100 5.20 -2.80 10.62
CA LYS A 100 3.84 -3.27 10.94
C LYS A 100 3.77 -4.80 10.92
N ALA A 101 4.10 -5.38 9.79
CA ALA A 101 4.07 -6.86 9.69
C ALA A 101 4.96 -7.50 10.74
N LYS A 102 6.06 -6.85 11.04
CA LYS A 102 6.99 -7.40 12.05
C LYS A 102 6.27 -7.65 13.38
N ASP A 103 5.35 -6.78 13.72
CA ASP A 103 4.60 -6.96 15.00
C ASP A 103 3.37 -7.84 14.81
N LEU A 104 2.93 -7.96 13.59
CA LEU A 104 1.72 -8.81 13.33
C LEU A 104 2.12 -10.28 13.17
N GLY A 105 3.31 -10.50 12.71
CA GLY A 105 3.76 -11.92 12.51
C GLY A 105 3.63 -12.70 13.82
N ASN A 106 3.62 -11.98 14.91
CA ASN A 106 3.49 -12.66 16.23
C ASN A 106 2.05 -12.67 16.71
N LYS A 107 1.23 -11.86 16.08
CA LYS A 107 -0.20 -11.79 16.47
C LYS A 107 -1.06 -12.62 15.53
N VAL A 108 -0.70 -13.87 15.36
CA VAL A 108 -1.48 -14.74 14.46
C VAL A 108 -1.06 -16.20 14.63
N LYS A 109 0.21 -16.39 14.88
CA LYS A 109 0.73 -17.77 15.05
C LYS A 109 1.73 -17.81 16.20
N GLY A 110 2.28 -16.67 16.52
CA GLY A 110 3.27 -16.61 17.62
C GLY A 110 4.59 -17.27 17.19
N VAL A 111 5.19 -16.72 16.17
CA VAL A 111 6.47 -17.29 15.70
C VAL A 111 7.65 -16.58 16.35
N GLY A 112 7.66 -15.28 16.26
CA GLY A 112 8.77 -14.50 16.88
C GLY A 112 9.16 -13.32 15.99
N GLU A 113 10.02 -12.48 16.49
CA GLU A 113 10.46 -11.31 15.70
C GLU A 113 11.93 -10.99 15.98
N GLU A 114 12.78 -11.37 15.07
CA GLU A 114 14.22 -11.10 15.27
C GLU A 114 14.57 -9.66 14.87
N ASP A 115 14.99 -9.49 13.65
CA ASP A 115 15.34 -8.11 13.19
C ASP A 115 15.22 -7.99 11.68
N LEU A 116 14.75 -9.05 11.06
CA LEU A 116 14.59 -9.03 9.57
C LEU A 116 13.27 -9.67 9.16
N VAL A 117 12.78 -9.27 8.02
CA VAL A 117 11.50 -9.84 7.54
C VAL A 117 11.69 -11.25 7.00
N GLU A 118 10.62 -12.01 6.97
CA GLU A 118 10.70 -13.41 6.45
C GLU A 118 9.53 -13.70 5.52
N PHE A 119 9.53 -14.88 4.95
CA PHE A 119 8.42 -15.24 4.04
C PHE A 119 7.07 -14.84 4.62
N LEU A 120 6.87 -15.13 5.88
CA LEU A 120 5.58 -14.77 6.52
C LEU A 120 5.40 -13.26 6.56
N GLU A 121 6.31 -12.59 7.21
CA GLU A 121 6.21 -11.11 7.29
C GLU A 121 6.20 -10.49 5.90
N PHE A 122 6.95 -11.06 5.00
CA PHE A 122 7.00 -10.52 3.63
C PHE A 122 5.60 -10.49 3.02
N ARG A 123 4.82 -11.49 3.34
CA ARG A 123 3.44 -11.55 2.80
C ARG A 123 2.58 -10.45 3.41
N LEU A 124 2.49 -10.45 4.71
CA LEU A 124 1.67 -9.41 5.39
C LEU A 124 2.14 -8.01 5.02
N MET A 125 3.41 -7.88 4.72
CA MET A 125 3.93 -6.54 4.35
C MET A 125 3.35 -6.07 3.03
N LEU A 126 3.66 -6.79 1.98
CA LEU A 126 3.14 -6.41 0.64
C LEU A 126 1.67 -6.02 0.73
N CYS A 127 0.94 -6.71 1.55
CA CYS A 127 -0.50 -6.39 1.68
C CYS A 127 -0.70 -4.98 2.22
N TYR A 128 -0.10 -4.69 3.33
CA TYR A 128 -0.24 -3.33 3.92
C TYR A 128 -0.08 -2.25 2.85
N ILE A 129 0.89 -2.45 1.99
CA ILE A 129 1.11 -1.44 0.91
C ILE A 129 -0.03 -1.45 -0.12
N TYR A 130 -0.28 -2.59 -0.69
CA TYR A 130 -1.38 -2.68 -1.70
C TYR A 130 -2.63 -1.94 -1.23
N ASP A 131 -3.14 -2.34 -0.10
CA ASP A 131 -4.36 -1.66 0.41
C ASP A 131 -4.13 -0.16 0.59
N ILE A 132 -3.10 0.18 1.31
CA ILE A 132 -2.79 1.61 1.52
C ILE A 132 -2.95 2.41 0.23
N PHE A 133 -2.50 1.83 -0.86
CA PHE A 133 -2.62 2.54 -2.15
C PHE A 133 -4.07 2.53 -2.66
N GLU A 134 -4.77 1.45 -2.44
CA GLU A 134 -6.16 1.39 -2.92
C GLU A 134 -6.96 2.57 -2.36
N LEU A 135 -6.81 2.82 -1.09
CA LEU A 135 -7.55 3.95 -0.47
C LEU A 135 -7.11 5.30 -1.04
N THR A 136 -5.82 5.51 -1.15
CA THR A 136 -5.34 6.80 -1.70
C THR A 136 -6.01 7.13 -3.03
N VAL A 137 -6.08 6.17 -3.92
CA VAL A 137 -6.72 6.44 -5.23
C VAL A 137 -8.24 6.55 -5.09
N MET A 138 -8.76 6.03 -4.00
CA MET A 138 -10.24 6.10 -3.81
C MET A 138 -10.63 7.47 -3.24
N PHE A 139 -9.73 8.07 -2.51
CA PHE A 139 -10.04 9.41 -1.92
C PHE A 139 -9.62 10.54 -2.85
N ASP A 140 -8.42 10.44 -3.38
CA ASP A 140 -7.91 11.50 -4.30
C ASP A 140 -9.02 12.10 -5.17
N THR A 141 -10.02 11.30 -5.46
CA THR A 141 -11.12 11.83 -6.30
C THR A 141 -12.03 12.76 -5.50
N MET A 142 -12.47 12.29 -4.36
CA MET A 142 -13.36 13.16 -3.54
C MET A 142 -12.53 14.07 -2.64
N ASP A 143 -11.44 14.57 -3.19
CA ASP A 143 -10.55 15.48 -2.41
C ASP A 143 -10.50 16.86 -3.04
N LYS A 144 -9.88 17.78 -2.35
CA LYS A 144 -9.78 19.17 -2.88
C LYS A 144 -8.43 19.39 -3.56
N ASP A 145 -8.41 19.32 -4.86
CA ASP A 145 -7.15 19.51 -5.59
C ASP A 145 -6.04 18.65 -5.01
N GLY A 146 -4.83 18.89 -5.43
CA GLY A 146 -3.68 18.08 -4.91
C GLY A 146 -3.56 18.26 -3.40
N SER A 147 -4.03 17.27 -2.66
CA SER A 147 -3.94 17.37 -1.19
C SER A 147 -4.15 16.00 -0.55
N LEU A 148 -3.27 15.66 0.38
CA LEU A 148 -3.39 14.34 1.06
C LEU A 148 -4.07 14.49 2.41
N LEU A 149 -5.34 14.81 2.38
CA LEU A 149 -6.08 14.97 3.66
C LEU A 149 -7.56 14.65 3.48
N LEU A 150 -8.16 14.12 4.51
CA LEU A 150 -9.61 13.76 4.44
C LEU A 150 -10.44 14.67 5.33
N GLU A 151 -11.43 15.30 4.73
CA GLU A 151 -12.31 16.20 5.52
C GLU A 151 -13.60 15.49 5.90
N LEU A 152 -14.17 15.90 7.01
CA LEU A 152 -15.44 15.26 7.44
C LEU A 152 -16.36 15.03 6.25
N GLN A 153 -16.18 15.80 5.23
CA GLN A 153 -17.03 15.65 4.02
C GLN A 153 -16.74 14.32 3.34
N GLU A 154 -15.52 14.17 2.89
CA GLU A 154 -15.16 12.91 2.21
C GLU A 154 -15.42 11.74 3.16
N PHE A 155 -15.17 11.96 4.42
CA PHE A 155 -15.38 10.88 5.41
C PHE A 155 -16.79 10.34 5.29
N LYS A 156 -17.75 11.21 5.15
CA LYS A 156 -19.15 10.74 5.03
C LYS A 156 -19.31 9.94 3.74
N GLU A 157 -18.72 10.44 2.68
CA GLU A 157 -18.83 9.71 1.38
C GLU A 157 -17.93 8.49 1.38
N ALA A 158 -16.90 8.55 2.19
CA ALA A 158 -15.96 7.41 2.26
C ALA A 158 -16.64 6.22 2.91
N LEU A 159 -17.56 6.49 3.80
CA LEU A 159 -18.25 5.38 4.48
C LEU A 159 -18.79 4.37 3.46
N PRO A 160 -19.68 4.82 2.58
CA PRO A 160 -20.23 3.95 1.56
C PRO A 160 -19.12 3.33 0.74
N LYS A 161 -18.25 4.18 0.23
CA LYS A 161 -17.13 3.66 -0.58
C LYS A 161 -16.29 2.69 0.23
N LEU A 162 -16.24 2.90 1.52
CA LEU A 162 -15.45 2.00 2.38
C LEU A 162 -16.20 0.70 2.62
N LYS A 163 -17.42 0.82 3.07
CA LYS A 163 -18.23 -0.41 3.33
C LYS A 163 -18.04 -1.41 2.21
N GLU A 164 -17.88 -0.90 1.02
CA GLU A 164 -17.68 -1.82 -0.14
C GLU A 164 -16.25 -2.32 -0.17
N TRP A 165 -15.34 -1.47 0.25
CA TRP A 165 -13.91 -1.86 0.26
C TRP A 165 -13.72 -3.18 0.99
N GLY A 166 -14.34 -3.29 2.14
CA GLY A 166 -14.20 -4.56 2.92
C GLY A 166 -14.53 -4.29 4.40
N VAL A 167 -14.40 -3.06 4.81
CA VAL A 167 -14.69 -2.72 6.23
C VAL A 167 -16.17 -2.43 6.42
N ASP A 168 -16.50 -1.84 7.55
CA ASP A 168 -17.92 -1.52 7.82
C ASP A 168 -18.05 -0.19 8.54
N ILE A 169 -17.23 -0.01 9.53
CA ILE A 169 -17.29 1.26 10.30
C ILE A 169 -18.72 1.57 10.74
N THR A 170 -19.09 1.06 11.87
CA THR A 170 -20.46 1.30 12.37
C THR A 170 -20.65 2.78 12.69
N ASP A 171 -20.14 3.20 13.81
CA ASP A 171 -20.27 4.63 14.19
C ASP A 171 -19.27 5.47 13.40
N ALA A 172 -19.78 6.34 12.59
CA ALA A 172 -18.89 7.21 11.78
C ALA A 172 -18.18 8.26 12.63
N THR A 173 -18.84 9.38 12.81
CA THR A 173 -18.24 10.49 13.61
C THR A 173 -17.35 9.97 14.75
N THR A 174 -17.83 9.00 15.47
CA THR A 174 -17.01 8.45 16.58
C THR A 174 -15.65 8.03 16.07
N VAL A 175 -15.64 7.15 15.12
CA VAL A 175 -14.35 6.69 14.57
C VAL A 175 -13.48 7.88 14.15
N PHE A 176 -14.06 8.78 13.40
CA PHE A 176 -13.27 9.96 12.97
C PHE A 176 -12.53 10.55 14.15
N ASN A 177 -13.12 10.43 15.31
CA ASN A 177 -12.47 10.97 16.52
C ASN A 177 -11.51 9.95 17.12
N GLU A 178 -11.66 8.72 16.71
CA GLU A 178 -10.77 7.66 17.25
C GLU A 178 -9.46 7.63 16.48
N ILE A 179 -9.53 7.87 15.20
CA ILE A 179 -8.31 7.87 14.38
C ILE A 179 -7.64 9.24 14.39
N ASP A 180 -8.29 10.18 15.02
CA ASP A 180 -7.71 11.55 15.07
C ASP A 180 -6.48 11.58 15.98
N THR A 181 -5.45 12.24 15.51
CA THR A 181 -4.20 12.32 16.31
C THR A 181 -3.60 13.72 16.20
N ASN A 182 -4.01 14.42 15.18
CA ASN A 182 -3.49 15.80 14.97
C ASN A 182 -4.64 16.77 14.88
N GLY A 183 -5.61 16.59 15.77
CA GLY A 183 -6.84 17.48 15.82
C GLY A 183 -6.71 18.71 14.92
N SER A 184 -7.54 18.77 13.92
CA SER A 184 -7.48 19.93 13.00
C SER A 184 -8.76 20.00 12.16
N GLY A 185 -9.62 19.05 12.37
CA GLY A 185 -10.90 19.04 11.60
C GLY A 185 -10.79 18.11 10.39
N VAL A 186 -9.63 17.54 10.21
CA VAL A 186 -9.42 16.63 9.06
C VAL A 186 -8.40 15.55 9.39
N VAL A 187 -8.56 14.39 8.78
CA VAL A 187 -7.60 13.28 9.04
C VAL A 187 -6.72 13.03 7.81
N THR A 188 -5.51 12.65 8.06
CA THR A 188 -4.58 12.39 6.92
C THR A 188 -4.75 10.96 6.40
N PHE A 189 -4.34 10.76 5.18
CA PHE A 189 -4.44 9.41 4.58
C PHE A 189 -3.83 8.35 5.48
N ASP A 190 -2.53 8.42 5.64
CA ASP A 190 -1.83 7.42 6.50
C ASP A 190 -2.63 7.09 7.77
N GLU A 191 -3.36 8.05 8.25
CA GLU A 191 -4.16 7.79 9.48
C GLU A 191 -5.45 7.03 9.16
N PHE A 192 -6.29 7.66 8.40
CA PHE A 192 -7.57 7.01 8.02
C PHE A 192 -7.32 5.63 7.42
N SER A 193 -6.41 5.57 6.49
CA SER A 193 -6.09 4.28 5.85
C SER A 193 -5.57 3.27 6.86
N CYS A 194 -4.60 3.68 7.65
CA CYS A 194 -4.05 2.74 8.66
C CYS A 194 -5.16 1.95 9.32
N TRP A 195 -6.17 2.64 9.80
CA TRP A 195 -7.29 1.91 10.45
C TRP A 195 -7.89 0.88 9.51
N ALA A 196 -8.20 1.32 8.31
CA ALA A 196 -8.80 0.38 7.33
C ALA A 196 -7.83 -0.76 6.99
N VAL A 197 -6.77 -0.43 6.27
CA VAL A 197 -5.77 -1.47 5.88
C VAL A 197 -5.65 -2.59 6.92
N THR A 198 -5.19 -2.26 8.08
CA THR A 198 -5.05 -3.29 9.14
C THR A 198 -6.32 -4.11 9.31
N LYS A 199 -7.41 -3.45 9.62
CA LYS A 199 -8.69 -4.20 9.80
C LYS A 199 -8.88 -5.25 8.71
N LYS A 200 -8.78 -4.83 7.48
CA LYS A 200 -8.96 -5.81 6.36
C LYS A 200 -7.92 -6.93 6.44
N LEU A 201 -6.72 -6.59 6.78
CA LEU A 201 -5.66 -7.62 6.88
C LEU A 201 -5.84 -8.52 8.10
N GLN A 202 -5.85 -7.92 9.25
CA GLN A 202 -6.02 -8.72 10.49
C GLN A 202 -7.25 -9.63 10.42
N VAL A 203 -8.26 -9.20 9.71
CA VAL A 203 -9.47 -10.04 9.61
C VAL A 203 -9.38 -10.99 8.41
N CYS A 204 -8.58 -10.62 7.45
CA CYS A 204 -8.44 -11.49 6.25
C CYS A 204 -7.34 -12.53 6.47
N GLY A 205 -6.75 -12.51 7.64
CA GLY A 205 -5.66 -13.49 7.92
C GLY A 205 -6.19 -14.92 7.79
N ASP A 206 -5.94 -15.52 6.66
CA ASP A 206 -6.43 -16.91 6.45
C ASP A 206 -5.75 -17.55 5.23
N PRO A 207 -4.66 -18.28 5.46
CA PRO A 207 -3.94 -18.94 4.38
C PRO A 207 -4.82 -19.96 3.67
N ASP A 208 -5.08 -19.72 2.41
CA ASP A 208 -5.93 -20.66 1.64
C ASP A 208 -5.24 -22.01 1.46
N GLY A 209 -4.02 -21.97 1.00
CA GLY A 209 -3.28 -23.24 0.78
C GLY A 209 -2.69 -23.74 2.11
N GLU A 210 -2.19 -24.95 2.10
CA GLU A 210 -1.60 -25.51 3.33
C GLU A 210 -0.40 -24.69 3.79
N GLU A 211 0.44 -25.29 4.57
CA GLU A 211 1.64 -24.56 5.05
C GLU A 211 2.70 -24.49 3.96
N ASN A 212 3.81 -23.87 4.28
CA ASN A 212 4.89 -23.75 3.27
C ASN A 212 5.30 -25.12 2.75
N GLY A 213 5.74 -25.97 3.65
CA GLY A 213 6.16 -27.34 3.23
C GLY A 213 7.68 -27.39 3.06
N ALA A 214 8.12 -27.97 1.97
CA ALA A 214 9.58 -28.06 1.73
C ALA A 214 9.86 -28.53 0.31
N ASN A 215 11.07 -28.95 0.07
CA ASN A 215 11.43 -29.42 -1.29
C ASN A 215 12.78 -30.13 -1.30
N GLU A 216 13.45 -30.10 -2.42
CA GLU A 216 14.77 -30.77 -2.52
C GLU A 216 15.82 -30.00 -1.71
N GLY A 217 15.63 -29.96 -0.42
CA GLY A 217 16.61 -29.22 0.44
C GLY A 217 17.70 -30.18 0.93
N ASN A 218 18.21 -29.91 2.10
CA ASN A 218 19.27 -30.78 2.66
C ASN A 218 18.67 -32.05 3.25
N LEU A 219 18.17 -31.94 4.45
CA LEU A 219 17.57 -33.14 5.10
C LEU A 219 16.35 -33.62 4.30
N GLU A 220 16.10 -34.90 4.37
CA GLU A 220 14.94 -35.46 3.63
C GLU A 220 14.91 -34.92 2.21
N MET A 1 33.37 54.47 3.08
CA MET A 1 31.92 54.47 3.41
C MET A 1 31.11 54.84 2.17
N GLY A 2 30.43 53.86 1.63
CA GLY A 2 29.61 54.14 0.41
C GLY A 2 28.21 54.61 0.82
N CYS A 3 27.22 53.81 0.52
CA CYS A 3 25.84 54.20 0.87
C CYS A 3 24.95 52.97 1.01
N SER A 4 24.11 52.76 0.03
CA SER A 4 23.21 51.58 0.10
C SER A 4 22.72 51.20 -1.29
N GLY A 5 23.47 51.58 -2.30
CA GLY A 5 23.06 51.24 -3.68
C GLY A 5 21.72 51.90 -4.02
N SER A 6 21.03 51.33 -4.97
CA SER A 6 19.71 51.91 -5.35
C SER A 6 18.95 50.95 -6.25
N LYS A 7 17.72 50.67 -5.88
CA LYS A 7 16.91 49.74 -6.70
C LYS A 7 17.62 48.41 -6.89
N ASP A 8 17.09 47.59 -7.76
CA ASP A 8 17.73 46.28 -8.01
C ASP A 8 17.62 45.88 -9.47
N THR A 9 17.26 44.64 -9.71
CA THR A 9 17.13 44.19 -11.11
C THR A 9 16.40 42.85 -11.18
N THR A 10 15.82 42.58 -12.32
CA THR A 10 15.09 41.30 -12.49
C THR A 10 15.89 40.32 -13.35
N ASN A 11 15.74 39.05 -13.06
CA ASN A 11 16.49 38.04 -13.84
C ASN A 11 15.78 36.69 -13.76
N SER A 12 16.01 35.86 -14.74
CA SER A 12 15.36 34.53 -14.74
C SER A 12 15.96 33.63 -15.83
N LYS A 13 17.18 33.21 -15.63
CA LYS A 13 17.81 32.35 -16.65
C LYS A 13 19.00 31.59 -16.06
N ASP A 14 19.68 32.23 -15.13
CA ASP A 14 20.86 31.57 -14.50
C ASP A 14 21.68 30.79 -15.53
N GLY A 15 22.33 29.75 -15.07
CA GLY A 15 23.17 28.92 -16.00
C GLY A 15 22.67 27.48 -16.01
N ALA A 16 21.42 27.30 -16.37
CA ALA A 16 20.86 25.93 -16.40
C ALA A 16 19.61 25.88 -17.28
N ALA A 17 19.54 24.88 -18.10
CA ALA A 17 18.35 24.76 -18.99
C ALA A 17 17.10 24.45 -18.17
N SER A 18 16.11 23.91 -18.84
CA SER A 18 14.86 23.57 -18.11
C SER A 18 14.18 22.36 -18.72
N LYS A 19 13.97 21.35 -17.92
CA LYS A 19 13.32 20.13 -18.45
C LYS A 19 11.90 20.42 -18.89
N GLY A 20 11.28 21.36 -18.23
CA GLY A 20 9.89 21.71 -18.60
C GLY A 20 8.90 20.67 -18.06
N GLY A 21 8.97 19.48 -18.59
CA GLY A 21 8.05 18.42 -18.12
C GLY A 21 6.81 18.37 -19.01
N LYS A 22 6.17 17.22 -19.04
CA LYS A 22 4.94 17.08 -19.87
C LYS A 22 3.75 16.63 -19.03
N ASP A 23 2.59 17.12 -19.38
CA ASP A 23 1.38 16.73 -18.61
C ASP A 23 1.49 17.19 -17.16
N GLY A 24 2.26 16.47 -16.39
CA GLY A 24 2.43 16.84 -14.94
C GLY A 24 1.75 15.81 -14.03
N LYS A 25 1.47 16.21 -12.82
CA LYS A 25 0.80 15.28 -11.87
C LYS A 25 -0.71 15.52 -11.84
N THR A 26 -1.46 14.47 -11.65
CA THR A 26 -2.94 14.63 -11.60
C THR A 26 -3.61 13.30 -11.32
N THR A 27 -4.70 13.35 -10.59
CA THR A 27 -5.44 12.10 -10.26
C THR A 27 -5.46 11.13 -11.43
N ALA A 28 -5.50 11.66 -12.62
CA ALA A 28 -5.51 10.77 -13.81
C ALA A 28 -4.18 10.07 -14.00
N ASP A 29 -3.12 10.84 -13.98
CA ASP A 29 -1.78 10.23 -14.16
C ASP A 29 -1.56 9.09 -13.19
N ARG A 30 -1.50 9.41 -11.92
CA ARG A 30 -1.28 8.33 -10.91
C ARG A 30 -2.18 7.14 -11.18
N LYS A 31 -3.43 7.39 -11.45
CA LYS A 31 -4.35 6.26 -11.71
C LYS A 31 -3.71 5.28 -12.69
N VAL A 32 -3.11 5.82 -13.72
CA VAL A 32 -2.46 4.93 -14.72
C VAL A 32 -1.23 4.23 -14.14
N ALA A 33 -0.39 5.00 -13.48
CA ALA A 33 0.83 4.40 -12.87
C ALA A 33 0.47 3.47 -11.72
N TRP A 34 -0.50 3.87 -10.93
CA TRP A 34 -0.89 3.01 -9.79
C TRP A 34 -1.67 1.81 -10.28
N GLU A 35 -2.16 1.88 -11.48
CA GLU A 35 -2.93 0.74 -12.02
C GLU A 35 -1.97 -0.34 -12.48
N ARG A 36 -0.88 0.08 -13.07
CA ARG A 36 0.12 -0.89 -13.55
C ARG A 36 0.88 -1.43 -12.37
N ILE A 37 1.20 -0.54 -11.47
CA ILE A 37 1.93 -0.95 -10.27
C ILE A 37 1.05 -1.88 -9.44
N ARG A 38 -0.12 -1.38 -9.11
CA ARG A 38 -1.07 -2.20 -8.30
C ARG A 38 -1.07 -3.64 -8.80
N CYS A 39 -1.21 -3.79 -10.09
CA CYS A 39 -1.23 -5.16 -10.67
C CYS A 39 0.06 -5.88 -10.32
N ALA A 40 1.14 -5.15 -10.33
CA ALA A 40 2.44 -5.76 -10.02
C ALA A 40 2.41 -6.41 -8.65
N ILE A 41 1.92 -5.69 -7.67
CA ILE A 41 1.85 -6.27 -6.30
C ILE A 41 0.72 -7.33 -6.21
N PRO A 42 1.08 -8.58 -5.90
CA PRO A 42 0.09 -9.65 -5.79
C PRO A 42 -0.87 -9.41 -4.61
N ARG A 43 -2.13 -9.33 -4.91
CA ARG A 43 -3.13 -9.12 -3.84
C ARG A 43 -4.46 -9.74 -4.21
N ASP A 44 -4.45 -10.59 -5.20
CA ASP A 44 -5.70 -11.25 -5.63
C ASP A 44 -5.83 -12.64 -5.02
N LYS A 45 -6.86 -13.34 -5.43
CA LYS A 45 -7.06 -14.70 -4.88
C LYS A 45 -6.59 -15.77 -5.87
N ASP A 46 -5.87 -15.34 -6.87
CA ASP A 46 -5.38 -16.32 -7.87
C ASP A 46 -4.13 -17.03 -7.37
N ALA A 47 -3.95 -18.26 -7.81
CA ALA A 47 -2.75 -19.02 -7.36
C ALA A 47 -1.48 -18.26 -7.68
N GLU A 48 -1.54 -17.45 -8.71
CA GLU A 48 -0.35 -16.66 -9.09
C GLU A 48 0.29 -16.03 -7.86
N SER A 49 -0.55 -15.64 -6.93
CA SER A 49 -0.01 -15.02 -5.70
C SER A 49 1.00 -15.94 -5.02
N LYS A 50 0.57 -17.13 -4.72
CA LYS A 50 1.49 -18.09 -4.05
C LYS A 50 2.80 -18.18 -4.83
N SER A 51 2.69 -18.45 -6.09
CA SER A 51 3.93 -18.56 -6.92
C SER A 51 4.68 -17.25 -6.92
N ARG A 52 4.00 -16.18 -7.25
CA ARG A 52 4.66 -14.86 -7.27
C ARG A 52 5.38 -14.60 -5.96
N ARG A 53 4.66 -14.76 -4.88
CA ARG A 53 5.29 -14.53 -3.55
C ARG A 53 6.65 -15.22 -3.48
N ILE A 54 6.69 -16.43 -3.93
CA ILE A 54 7.97 -17.19 -3.90
C ILE A 54 8.97 -16.59 -4.88
N GLU A 55 8.47 -16.12 -5.99
CA GLU A 55 9.38 -15.53 -7.01
C GLU A 55 9.84 -14.14 -6.57
N LEU A 56 8.90 -13.23 -6.47
CA LEU A 56 9.27 -11.86 -6.04
C LEU A 56 10.16 -11.89 -4.81
N PHE A 57 9.90 -12.84 -3.94
CA PHE A 57 10.73 -12.93 -2.72
C PHE A 57 12.13 -13.42 -3.04
N LYS A 58 12.21 -14.46 -3.80
CA LYS A 58 13.54 -15.01 -4.17
C LYS A 58 14.31 -13.99 -4.99
N GLN A 59 13.60 -13.04 -5.54
CA GLN A 59 14.26 -12.00 -6.35
C GLN A 59 15.04 -11.04 -5.47
N PHE A 60 14.33 -10.36 -4.62
CA PHE A 60 15.01 -9.39 -3.71
C PHE A 60 16.27 -10.02 -3.12
N ASP A 61 16.10 -11.17 -2.53
CA ASP A 61 17.26 -11.85 -1.93
C ASP A 61 17.80 -12.92 -2.86
N THR A 62 18.52 -13.83 -2.31
CA THR A 62 19.08 -14.92 -3.14
C THR A 62 19.28 -16.17 -2.29
N ASN A 63 18.22 -16.58 -1.65
CA ASN A 63 18.28 -17.79 -0.79
C ASN A 63 18.98 -17.46 0.54
N GLY A 64 18.66 -16.33 1.09
CA GLY A 64 19.27 -15.93 2.38
C GLY A 64 18.56 -16.60 3.56
N THR A 65 18.25 -17.85 3.40
CA THR A 65 17.54 -18.60 4.47
C THR A 65 16.41 -17.77 5.08
N GLY A 66 16.01 -16.74 4.40
CA GLY A 66 14.90 -15.89 4.93
C GLY A 66 15.38 -15.06 6.14
N LYS A 67 16.40 -14.28 5.92
CA LYS A 67 16.94 -13.43 7.03
C LYS A 67 17.28 -12.04 6.51
N LEU A 68 16.37 -11.47 5.78
CA LEU A 68 16.62 -10.11 5.23
C LEU A 68 16.39 -9.04 6.30
N GLY A 69 15.72 -7.99 5.91
CA GLY A 69 15.44 -6.89 6.87
C GLY A 69 14.76 -5.73 6.14
N PHE A 70 14.65 -4.61 6.80
CA PHE A 70 14.00 -3.45 6.15
C PHE A 70 14.92 -2.80 5.11
N ARG A 71 16.09 -2.42 5.54
CA ARG A 71 17.05 -1.79 4.59
C ARG A 71 17.08 -2.55 3.28
N GLU A 72 17.45 -3.80 3.37
CA GLU A 72 17.52 -4.62 2.12
C GLU A 72 16.19 -4.54 1.37
N VAL A 73 15.12 -4.72 2.09
CA VAL A 73 13.79 -4.66 1.43
C VAL A 73 13.60 -3.31 0.75
N LEU A 74 13.95 -2.26 1.44
CA LEU A 74 13.78 -0.91 0.85
C LEU A 74 14.35 -0.88 -0.56
N ASP A 75 15.65 -0.97 -0.66
CA ASP A 75 16.28 -0.96 -2.00
C ASP A 75 15.67 -2.02 -2.91
N GLY A 76 15.23 -3.10 -2.30
CA GLY A 76 14.63 -4.19 -3.12
C GLY A 76 13.45 -3.64 -3.93
N CYS A 77 12.52 -3.03 -3.25
CA CYS A 77 11.35 -2.47 -3.95
C CYS A 77 11.71 -1.16 -4.62
N TYR A 78 12.42 -0.33 -3.90
CA TYR A 78 12.82 0.98 -4.45
C TYR A 78 13.81 0.80 -5.60
N GLY A 79 14.50 -0.31 -5.61
CA GLY A 79 15.48 -0.55 -6.70
C GLY A 79 14.83 -1.28 -7.88
N ILE A 80 14.12 -2.32 -7.59
CA ILE A 80 13.45 -3.08 -8.68
C ILE A 80 12.07 -2.51 -9.00
N LEU A 81 11.20 -2.51 -8.04
CA LEU A 81 9.84 -1.98 -8.29
C LEU A 81 9.92 -0.51 -8.71
N LYS A 82 10.72 0.25 -8.02
CA LYS A 82 10.86 1.68 -8.37
C LYS A 82 9.56 2.44 -8.06
N LEU A 83 9.03 2.23 -6.89
CA LEU A 83 7.77 2.94 -6.52
C LEU A 83 8.01 4.44 -6.36
N ASP A 84 9.19 4.89 -6.70
CA ASP A 84 9.49 6.34 -6.58
C ASP A 84 8.94 7.13 -7.76
N GLU A 85 8.20 6.47 -8.61
CA GLU A 85 7.63 7.18 -9.78
C GLU A 85 6.21 7.68 -9.50
N PHE A 86 5.35 6.77 -9.19
CA PHE A 86 3.94 7.16 -8.90
C PHE A 86 3.80 7.91 -7.57
N THR A 87 3.98 7.19 -6.50
CA THR A 87 3.85 7.82 -5.17
C THR A 87 4.96 8.81 -4.86
N THR A 88 4.70 9.60 -3.84
CA THR A 88 5.68 10.60 -3.42
C THR A 88 6.26 10.15 -2.09
N HIS A 89 7.55 10.30 -1.95
CA HIS A 89 8.20 9.87 -0.67
C HIS A 89 7.95 8.38 -0.49
N LEU A 90 8.76 7.61 -1.14
CA LEU A 90 8.63 6.14 -1.04
C LEU A 90 9.21 5.53 0.26
N PRO A 91 10.29 6.08 0.78
CA PRO A 91 10.90 5.55 2.01
C PRO A 91 9.92 5.51 3.19
N ASP A 92 8.91 6.33 3.14
CA ASP A 92 7.93 6.34 4.26
C ASP A 92 6.99 5.12 4.21
N ILE A 93 6.14 5.10 3.22
CA ILE A 93 5.19 3.96 3.09
C ILE A 93 5.86 2.60 3.30
N VAL A 94 7.01 2.39 2.72
CA VAL A 94 7.69 1.07 2.90
C VAL A 94 8.13 0.86 4.35
N GLN A 95 8.70 1.87 4.95
CA GLN A 95 9.14 1.71 6.36
C GLN A 95 7.98 1.28 7.26
N ARG A 96 6.83 1.83 7.02
CA ARG A 96 5.65 1.45 7.85
C ARG A 96 5.28 0.00 7.66
N ALA A 97 5.02 -0.37 6.44
CA ALA A 97 4.64 -1.78 6.16
C ALA A 97 5.61 -2.78 6.79
N PHE A 98 6.86 -2.66 6.46
CA PHE A 98 7.86 -3.61 7.03
C PHE A 98 7.76 -3.71 8.56
N ASP A 99 8.04 -2.62 9.23
CA ASP A 99 7.97 -2.64 10.72
C ASP A 99 6.57 -3.02 11.25
N LYS A 100 5.58 -2.28 10.84
CA LYS A 100 4.20 -2.60 11.32
C LYS A 100 3.80 -4.04 10.98
N ALA A 101 3.76 -4.34 9.71
CA ALA A 101 3.38 -5.72 9.31
C ALA A 101 4.04 -6.76 10.20
N LYS A 102 5.28 -6.55 10.52
CA LYS A 102 5.99 -7.53 11.39
C LYS A 102 5.27 -7.70 12.73
N ASP A 103 5.08 -6.60 13.41
CA ASP A 103 4.39 -6.68 14.73
C ASP A 103 3.07 -7.43 14.63
N LEU A 104 2.18 -6.93 13.82
CA LEU A 104 0.87 -7.61 13.66
C LEU A 104 1.02 -8.98 13.01
N GLY A 105 2.19 -9.29 12.56
CA GLY A 105 2.40 -10.61 11.91
C GLY A 105 2.62 -11.73 12.95
N ASN A 106 3.29 -11.42 14.03
CA ASN A 106 3.53 -12.47 15.07
C ASN A 106 2.68 -12.27 16.32
N LYS A 107 2.15 -11.09 16.48
CA LYS A 107 1.31 -10.85 17.69
C LYS A 107 -0.05 -11.52 17.55
N VAL A 108 -0.23 -12.25 16.48
CA VAL A 108 -1.53 -12.95 16.27
C VAL A 108 -1.37 -14.45 16.48
N LYS A 109 -0.30 -14.99 15.95
CA LYS A 109 -0.05 -16.45 16.12
C LYS A 109 1.10 -16.69 17.06
N GLY A 110 1.71 -15.62 17.52
CA GLY A 110 2.86 -15.77 18.45
C GLY A 110 3.90 -16.72 17.87
N VAL A 111 4.27 -16.50 16.64
CA VAL A 111 5.27 -17.38 16.01
C VAL A 111 6.67 -17.05 16.53
N GLY A 112 6.80 -15.91 17.14
CA GLY A 112 8.13 -15.50 17.68
C GLY A 112 8.86 -14.63 16.67
N GLU A 113 10.12 -14.34 16.95
CA GLU A 113 10.92 -13.50 16.03
C GLU A 113 10.32 -12.10 15.90
N GLU A 114 11.17 -11.15 15.62
CA GLU A 114 10.68 -9.76 15.49
C GLU A 114 11.79 -8.84 14.99
N ASP A 115 12.53 -9.32 14.03
CA ASP A 115 13.64 -8.51 13.48
C ASP A 115 13.80 -8.75 11.99
N LEU A 116 13.80 -10.00 11.61
CA LEU A 116 13.96 -10.33 10.17
C LEU A 116 12.63 -10.72 9.56
N VAL A 117 12.37 -10.23 8.38
CA VAL A 117 11.09 -10.57 7.71
C VAL A 117 11.03 -12.05 7.37
N GLU A 118 9.83 -12.55 7.21
CA GLU A 118 9.69 -13.98 6.87
C GLU A 118 8.51 -14.18 5.92
N PHE A 119 8.43 -15.35 5.33
CA PHE A 119 7.32 -15.62 4.39
C PHE A 119 6.01 -15.12 4.97
N LEU A 120 5.89 -15.21 6.27
CA LEU A 120 4.63 -14.76 6.91
C LEU A 120 4.51 -13.24 6.85
N GLU A 121 5.35 -12.56 7.56
CA GLU A 121 5.30 -11.08 7.55
C GLU A 121 5.54 -10.54 6.14
N PHE A 122 6.35 -11.23 5.39
CA PHE A 122 6.62 -10.77 4.01
C PHE A 122 5.33 -10.59 3.24
N ARG A 123 4.49 -11.59 3.25
CA ARG A 123 3.21 -11.49 2.53
C ARG A 123 2.35 -10.35 3.09
N LEU A 124 2.17 -10.35 4.38
CA LEU A 124 1.36 -9.28 5.01
C LEU A 124 1.91 -7.90 4.67
N MET A 125 3.19 -7.84 4.43
CA MET A 125 3.81 -6.53 4.10
C MET A 125 3.33 -6.04 2.74
N LEU A 126 3.62 -6.80 1.73
CA LEU A 126 3.20 -6.40 0.36
C LEU A 126 1.73 -5.95 0.37
N CYS A 127 0.95 -6.59 1.20
CA CYS A 127 -0.49 -6.21 1.27
C CYS A 127 -0.65 -4.80 1.84
N TYR A 128 0.01 -4.54 2.93
CA TYR A 128 -0.10 -3.19 3.54
C TYR A 128 0.11 -2.11 2.49
N ILE A 129 1.13 -2.27 1.70
CA ILE A 129 1.40 -1.26 0.64
C ILE A 129 0.25 -1.23 -0.37
N TYR A 130 0.08 -2.31 -1.09
CA TYR A 130 -1.00 -2.37 -2.10
C TYR A 130 -2.28 -1.73 -1.57
N ASP A 131 -2.53 -1.93 -0.31
CA ASP A 131 -3.75 -1.35 0.29
C ASP A 131 -3.63 0.17 0.40
N ILE A 132 -2.59 0.61 1.07
CA ILE A 132 -2.39 2.07 1.24
C ILE A 132 -2.51 2.79 -0.10
N PHE A 133 -1.95 2.22 -1.13
CA PHE A 133 -2.03 2.86 -2.46
C PHE A 133 -3.46 2.84 -2.98
N GLU A 134 -4.14 1.76 -2.69
CA GLU A 134 -5.54 1.62 -3.15
C GLU A 134 -6.47 2.72 -2.63
N LEU A 135 -6.68 2.80 -1.33
CA LEU A 135 -7.58 3.86 -0.84
C LEU A 135 -6.96 5.27 -0.89
N THR A 136 -5.67 5.36 -1.10
CA THR A 136 -5.07 6.71 -1.15
C THR A 136 -5.55 7.41 -2.41
N VAL A 137 -5.46 6.69 -3.52
CA VAL A 137 -5.91 7.29 -4.79
C VAL A 137 -7.42 7.44 -4.76
N MET A 138 -8.04 6.52 -4.07
CA MET A 138 -9.52 6.55 -3.95
C MET A 138 -9.99 7.89 -3.42
N PHE A 139 -9.23 8.45 -2.50
CA PHE A 139 -9.62 9.75 -1.94
C PHE A 139 -9.13 10.92 -2.80
N ASP A 140 -8.07 10.70 -3.52
CA ASP A 140 -7.56 11.80 -4.38
C ASP A 140 -8.68 12.37 -5.25
N THR A 141 -9.72 11.60 -5.40
CA THR A 141 -10.85 12.06 -6.25
C THR A 141 -11.83 12.88 -5.41
N MET A 142 -11.90 12.56 -4.14
CA MET A 142 -12.83 13.29 -3.25
C MET A 142 -12.39 14.75 -3.12
N ASP A 143 -11.20 15.02 -3.58
CA ASP A 143 -10.68 16.41 -3.49
C ASP A 143 -9.80 16.73 -4.70
N LYS A 144 -9.82 17.96 -5.11
CA LYS A 144 -8.99 18.34 -6.28
C LYS A 144 -7.52 18.03 -6.03
N ASP A 145 -6.82 18.98 -5.46
CA ASP A 145 -5.39 18.75 -5.18
C ASP A 145 -4.88 19.69 -4.10
N GLY A 146 -3.81 19.30 -3.46
CA GLY A 146 -3.26 20.17 -2.38
C GLY A 146 -4.07 20.01 -1.10
N SER A 147 -4.77 18.91 -1.00
CA SER A 147 -5.59 18.67 0.21
C SER A 147 -5.75 17.18 0.47
N LEU A 148 -4.72 16.56 0.98
CA LEU A 148 -4.81 15.11 1.27
C LEU A 148 -5.44 14.87 2.62
N LEU A 149 -6.74 14.95 2.67
CA LEU A 149 -7.45 14.72 3.95
C LEU A 149 -8.95 14.53 3.74
N LEU A 150 -9.61 14.06 4.77
CA LEU A 150 -11.08 13.82 4.68
C LEU A 150 -11.84 14.66 5.70
N GLU A 151 -13.11 14.84 5.45
CA GLU A 151 -13.95 15.64 6.38
C GLU A 151 -15.31 14.97 6.59
N LEU A 152 -16.01 15.41 7.60
CA LEU A 152 -17.35 14.83 7.89
C LEU A 152 -18.12 14.54 6.60
N GLN A 153 -17.88 15.34 5.60
CA GLN A 153 -18.60 15.12 4.32
C GLN A 153 -18.08 13.87 3.62
N GLU A 154 -16.85 13.94 3.17
CA GLU A 154 -16.27 12.76 2.48
C GLU A 154 -16.27 11.58 3.42
N PHE A 155 -16.34 11.88 4.69
CA PHE A 155 -16.33 10.80 5.71
C PHE A 155 -17.57 9.93 5.56
N LYS A 156 -18.71 10.57 5.44
CA LYS A 156 -19.97 9.80 5.29
C LYS A 156 -20.00 9.08 3.95
N GLU A 157 -19.50 9.74 2.93
CA GLU A 157 -19.48 9.10 1.59
C GLU A 157 -18.40 8.03 1.52
N ALA A 158 -17.41 8.17 2.37
CA ALA A 158 -16.32 7.18 2.38
C ALA A 158 -16.80 5.87 2.99
N LEU A 159 -17.71 5.97 3.94
CA LEU A 159 -18.23 4.74 4.58
C LEU A 159 -18.65 3.70 3.52
N PRO A 160 -19.58 4.09 2.66
CA PRO A 160 -20.05 3.19 1.61
C PRO A 160 -18.89 2.79 0.71
N LYS A 161 -18.18 3.78 0.23
CA LYS A 161 -17.04 3.49 -0.66
C LYS A 161 -16.00 2.63 0.06
N LEU A 162 -15.95 2.77 1.37
CA LEU A 162 -14.99 1.98 2.15
C LEU A 162 -15.44 0.54 2.28
N LYS A 163 -16.64 0.34 2.74
CA LYS A 163 -17.14 -1.04 2.88
C LYS A 163 -16.83 -1.85 1.63
N GLU A 164 -17.00 -1.24 0.49
CA GLU A 164 -16.73 -1.97 -0.78
C GLU A 164 -15.23 -2.21 -0.95
N TRP A 165 -14.49 -1.88 0.06
CA TRP A 165 -13.03 -2.08 0.00
C TRP A 165 -12.63 -3.40 0.65
N GLY A 166 -13.18 -3.66 1.81
CA GLY A 166 -12.84 -4.95 2.51
C GLY A 166 -13.06 -4.84 4.02
N VAL A 167 -13.12 -3.62 4.51
CA VAL A 167 -13.34 -3.43 5.97
C VAL A 167 -14.80 -3.19 6.29
N ASP A 168 -15.06 -2.67 7.46
CA ASP A 168 -16.46 -2.40 7.87
C ASP A 168 -16.51 -1.47 9.07
N ILE A 169 -15.87 -0.35 8.93
CA ILE A 169 -15.85 0.64 10.05
C ILE A 169 -17.21 0.74 10.76
N THR A 170 -17.17 0.60 12.07
CA THR A 170 -18.42 0.68 12.86
C THR A 170 -18.47 2.00 13.62
N ASP A 171 -19.65 2.48 13.90
CA ASP A 171 -19.75 3.76 14.64
C ASP A 171 -18.89 4.83 13.95
N ALA A 172 -19.47 5.47 12.98
CA ALA A 172 -18.73 6.53 12.24
C ALA A 172 -18.09 7.57 13.18
N THR A 173 -18.83 8.60 13.46
CA THR A 173 -18.32 9.69 14.37
C THR A 173 -17.34 9.18 15.42
N THR A 174 -17.65 8.09 16.05
CA THR A 174 -16.72 7.57 17.08
C THR A 174 -15.36 7.24 16.49
N VAL A 175 -15.35 6.61 15.35
CA VAL A 175 -14.04 6.27 14.72
C VAL A 175 -13.31 7.53 14.27
N PHE A 176 -14.05 8.48 13.75
CA PHE A 176 -13.41 9.73 13.29
C PHE A 176 -12.62 10.38 14.43
N ASN A 177 -13.13 10.26 15.62
CA ASN A 177 -12.41 10.87 16.78
C ASN A 177 -11.33 9.93 17.30
N GLU A 178 -11.49 8.66 17.04
CA GLU A 178 -10.48 7.69 17.51
C GLU A 178 -9.20 7.78 16.69
N ILE A 179 -9.36 7.85 15.40
CA ILE A 179 -8.16 7.94 14.53
C ILE A 179 -7.45 9.28 14.69
N ASP A 180 -8.21 10.30 14.98
CA ASP A 180 -7.59 11.64 15.16
C ASP A 180 -6.50 11.60 16.23
N THR A 181 -5.60 12.53 16.16
CA THR A 181 -4.51 12.56 17.18
C THR A 181 -4.04 13.98 17.42
N ASN A 182 -3.52 14.60 16.37
CA ASN A 182 -3.02 15.99 16.50
C ASN A 182 -3.78 16.92 15.56
N GLY A 183 -5.07 16.76 15.52
CA GLY A 183 -5.89 17.63 14.63
C GLY A 183 -7.26 17.91 15.26
N SER A 184 -8.13 18.48 14.49
CA SER A 184 -9.49 18.79 15.04
C SER A 184 -10.39 19.35 13.96
N GLY A 185 -10.94 18.47 13.16
CA GLY A 185 -11.86 18.95 12.08
C GLY A 185 -11.74 18.05 10.84
N VAL A 186 -10.56 17.53 10.61
CA VAL A 186 -10.37 16.64 9.44
C VAL A 186 -9.28 15.61 9.70
N VAL A 187 -9.21 14.63 8.83
CA VAL A 187 -8.17 13.56 8.99
C VAL A 187 -7.30 13.47 7.74
N THR A 188 -6.13 12.90 7.90
CA THR A 188 -5.20 12.76 6.74
C THR A 188 -5.16 11.32 6.22
N PHE A 189 -4.69 11.17 5.00
CA PHE A 189 -4.60 9.80 4.40
C PHE A 189 -3.86 8.86 5.33
N ASP A 190 -2.59 9.14 5.50
CA ASP A 190 -1.75 8.29 6.38
C ASP A 190 -2.52 7.81 7.60
N GLU A 191 -3.37 8.64 8.11
CA GLU A 191 -4.16 8.22 9.31
C GLU A 191 -5.33 7.34 8.89
N PHE A 192 -6.24 7.90 8.15
CA PHE A 192 -7.42 7.11 7.69
C PHE A 192 -6.99 5.71 7.25
N SER A 193 -6.02 5.67 6.38
CA SER A 193 -5.54 4.35 5.87
C SER A 193 -5.03 3.45 7.01
N CYS A 194 -4.05 3.93 7.75
CA CYS A 194 -3.50 3.10 8.89
C CYS A 194 -4.59 2.28 9.56
N TRP A 195 -5.61 2.95 10.03
CA TRP A 195 -6.71 2.19 10.71
C TRP A 195 -7.42 1.28 9.72
N ALA A 196 -7.45 1.70 8.49
CA ALA A 196 -8.13 0.87 7.45
C ALA A 196 -7.27 -0.32 7.04
N VAL A 197 -6.21 -0.04 6.32
CA VAL A 197 -5.32 -1.14 5.87
C VAL A 197 -5.12 -2.18 6.98
N THR A 198 -4.75 -1.71 8.14
CA THR A 198 -4.54 -2.66 9.26
C THR A 198 -5.80 -3.47 9.56
N LYS A 199 -6.85 -2.78 9.92
CA LYS A 199 -8.11 -3.49 10.22
C LYS A 199 -8.41 -4.52 9.14
N LYS A 200 -8.26 -4.11 7.91
CA LYS A 200 -8.54 -5.04 6.78
C LYS A 200 -7.57 -6.23 6.81
N LEU A 201 -6.34 -5.95 7.14
CA LEU A 201 -5.33 -7.05 7.20
C LEU A 201 -5.59 -7.99 8.36
N GLN A 202 -5.41 -7.49 9.56
CA GLN A 202 -5.62 -8.35 10.76
C GLN A 202 -6.84 -9.25 10.62
N VAL A 203 -7.91 -8.73 10.08
CA VAL A 203 -9.13 -9.56 9.92
C VAL A 203 -8.98 -10.49 8.73
N CYS A 204 -8.19 -10.08 7.78
CA CYS A 204 -7.98 -10.92 6.57
C CYS A 204 -6.67 -11.68 6.67
N GLY A 205 -6.05 -11.64 7.82
CA GLY A 205 -4.76 -12.36 7.99
C GLY A 205 -4.95 -13.88 7.89
N ASP A 206 -5.41 -14.33 6.75
CA ASP A 206 -5.62 -15.79 6.59
C ASP A 206 -6.22 -16.13 5.20
N PRO A 207 -5.45 -15.85 4.17
CA PRO A 207 -5.86 -16.11 2.80
C PRO A 207 -5.75 -17.61 2.46
N ASP A 208 -4.62 -17.99 1.90
CA ASP A 208 -4.37 -19.42 1.52
C ASP A 208 -5.66 -20.21 1.30
N GLY A 209 -6.22 -20.08 0.12
CA GLY A 209 -7.48 -20.82 -0.17
C GLY A 209 -8.70 -19.98 0.20
N GLU A 210 -9.59 -19.82 -0.75
CA GLU A 210 -10.82 -19.03 -0.49
C GLU A 210 -11.92 -19.44 -1.45
N GLU A 211 -11.88 -20.67 -1.88
CA GLU A 211 -12.91 -21.16 -2.83
C GLU A 211 -14.30 -20.69 -2.41
N ASN A 212 -15.10 -20.36 -3.37
CA ASN A 212 -16.47 -19.89 -3.08
C ASN A 212 -17.40 -20.19 -4.24
N GLY A 213 -16.98 -21.09 -5.08
CA GLY A 213 -17.82 -21.45 -6.27
C GLY A 213 -16.94 -21.64 -7.50
N ALA A 214 -16.90 -20.64 -8.33
CA ALA A 214 -16.06 -20.72 -9.56
C ALA A 214 -14.79 -19.89 -9.41
N ASN A 215 -14.23 -19.51 -10.52
CA ASN A 215 -12.98 -18.69 -10.46
C ASN A 215 -13.32 -17.21 -10.50
N GLU A 216 -12.70 -16.46 -9.63
CA GLU A 216 -12.97 -15.00 -9.61
C GLU A 216 -12.30 -14.31 -10.78
N GLY A 217 -12.93 -13.27 -11.26
CA GLY A 217 -12.34 -12.54 -12.43
C GLY A 217 -13.23 -11.34 -12.79
N ASN A 218 -14.27 -11.61 -13.52
CA ASN A 218 -15.18 -10.51 -13.93
C ASN A 218 -16.20 -10.23 -12.83
N LEU A 219 -16.23 -11.08 -11.84
CA LEU A 219 -17.19 -10.88 -10.73
C LEU A 219 -16.89 -9.59 -9.98
N GLU A 220 -15.88 -8.88 -10.44
CA GLU A 220 -15.52 -7.61 -9.76
C GLU A 220 -15.26 -7.84 -8.27
N MET A 1 22.78 -22.97 -5.97
CA MET A 1 22.66 -24.34 -5.39
C MET A 1 21.32 -24.49 -4.68
N GLY A 2 20.41 -25.15 -5.33
CA GLY A 2 19.07 -25.34 -4.70
C GLY A 2 19.05 -26.63 -3.88
N CYS A 3 17.90 -26.98 -3.37
CA CYS A 3 17.79 -28.22 -2.57
C CYS A 3 18.23 -29.43 -3.37
N SER A 4 17.34 -29.91 -4.21
CA SER A 4 17.69 -31.10 -5.03
C SER A 4 17.04 -31.00 -6.41
N GLY A 5 17.86 -30.85 -7.42
CA GLY A 5 17.31 -30.75 -8.79
C GLY A 5 16.88 -29.31 -9.09
N SER A 6 17.78 -28.55 -9.66
CA SER A 6 17.46 -27.14 -10.00
C SER A 6 17.77 -26.84 -11.46
N LYS A 7 17.36 -25.69 -11.92
CA LYS A 7 17.62 -25.33 -13.33
C LYS A 7 17.84 -23.83 -13.47
N ASP A 8 19.03 -23.38 -13.18
CA ASP A 8 19.32 -21.94 -13.30
C ASP A 8 18.22 -21.12 -12.63
N THR A 9 17.65 -20.22 -13.38
CA THR A 9 16.57 -19.37 -12.81
C THR A 9 15.62 -18.90 -13.90
N THR A 10 14.36 -19.22 -13.74
CA THR A 10 13.37 -18.79 -14.76
C THR A 10 13.52 -17.31 -15.07
N ASN A 11 13.91 -17.01 -16.28
CA ASN A 11 14.08 -15.59 -16.67
C ASN A 11 13.82 -15.39 -18.15
N SER A 12 13.08 -14.36 -18.48
CA SER A 12 12.76 -14.08 -19.90
C SER A 12 13.21 -12.67 -20.29
N LYS A 13 12.26 -11.79 -20.46
CA LYS A 13 12.61 -10.40 -20.84
C LYS A 13 12.74 -9.53 -19.60
N ASP A 14 13.34 -8.38 -19.77
CA ASP A 14 13.51 -7.47 -18.62
C ASP A 14 13.52 -6.02 -19.06
N GLY A 15 13.46 -5.13 -18.13
CA GLY A 15 13.47 -3.68 -18.48
C GLY A 15 13.24 -2.82 -17.24
N ALA A 16 13.38 -1.54 -17.39
CA ALA A 16 13.19 -0.64 -16.23
C ALA A 16 12.82 0.76 -16.69
N ALA A 17 12.26 0.84 -17.87
CA ALA A 17 11.87 2.17 -18.41
C ALA A 17 10.59 2.66 -17.75
N SER A 18 10.29 3.92 -17.94
CA SER A 18 9.06 4.49 -17.34
C SER A 18 8.75 5.86 -17.92
N LYS A 19 7.80 6.53 -17.33
CA LYS A 19 7.43 7.89 -17.83
C LYS A 19 7.25 8.86 -16.68
N GLY A 20 6.49 9.89 -16.90
CA GLY A 20 6.26 10.89 -15.82
C GLY A 20 5.10 11.81 -16.18
N GLY A 21 4.31 12.16 -15.19
CA GLY A 21 3.16 13.06 -15.45
C GLY A 21 3.60 14.51 -15.43
N LYS A 22 3.00 15.31 -16.27
CA LYS A 22 3.37 16.74 -16.31
C LYS A 22 2.48 17.55 -15.37
N ASP A 23 2.08 18.71 -15.81
CA ASP A 23 1.21 19.55 -14.95
C ASP A 23 -0.04 18.79 -14.51
N GLY A 24 -0.23 17.64 -15.10
CA GLY A 24 -1.42 16.82 -14.74
C GLY A 24 -1.07 15.77 -13.68
N LYS A 25 -1.45 16.05 -12.45
CA LYS A 25 -1.15 15.09 -11.34
C LYS A 25 -2.42 14.76 -10.56
N THR A 26 -3.50 14.57 -11.27
CA THR A 26 -4.78 14.24 -10.58
C THR A 26 -5.03 12.74 -10.58
N THR A 27 -6.25 12.36 -10.32
CA THR A 27 -6.57 10.91 -10.30
C THR A 27 -6.19 10.24 -11.61
N ALA A 28 -6.15 11.03 -12.66
CA ALA A 28 -5.78 10.45 -13.98
C ALA A 28 -4.39 9.84 -13.96
N ASP A 29 -3.42 10.64 -13.62
CA ASP A 29 -2.03 10.11 -13.59
C ASP A 29 -1.84 9.14 -12.43
N ARG A 30 -2.47 9.42 -11.32
CA ARG A 30 -2.34 8.52 -10.16
C ARG A 30 -3.02 7.19 -10.42
N LYS A 31 -4.32 7.24 -10.60
CA LYS A 31 -5.06 5.99 -10.86
C LYS A 31 -4.35 5.15 -11.92
N VAL A 32 -4.03 5.76 -13.01
CA VAL A 32 -3.33 5.01 -14.09
C VAL A 32 -2.10 4.29 -13.54
N ALA A 33 -1.25 5.03 -12.89
CA ALA A 33 -0.03 4.41 -12.33
C ALA A 33 -0.37 3.34 -11.29
N TRP A 34 -1.33 3.64 -10.46
CA TRP A 34 -1.71 2.64 -9.42
C TRP A 34 -2.45 1.47 -10.05
N GLU A 35 -2.97 1.67 -11.22
CA GLU A 35 -3.68 0.56 -11.89
C GLU A 35 -2.70 -0.46 -12.39
N ARG A 36 -1.60 0.02 -12.90
CA ARG A 36 -0.58 -0.91 -13.43
C ARG A 36 0.22 -1.48 -12.27
N ILE A 37 0.57 -0.62 -11.36
CA ILE A 37 1.34 -1.08 -10.19
C ILE A 37 0.52 -2.11 -9.45
N ARG A 38 -0.63 -1.69 -8.98
CA ARG A 38 -1.51 -2.62 -8.23
C ARG A 38 -1.55 -3.97 -8.93
N CYS A 39 -1.86 -3.95 -10.20
CA CYS A 39 -1.91 -5.22 -10.95
C CYS A 39 -0.65 -6.03 -10.71
N ALA A 40 0.44 -5.34 -10.53
CA ALA A 40 1.72 -6.04 -10.28
C ALA A 40 1.77 -6.59 -8.86
N ILE A 41 1.69 -5.70 -7.90
CA ILE A 41 1.73 -6.16 -6.49
C ILE A 41 0.65 -7.23 -6.23
N PRO A 42 1.06 -8.41 -5.75
CA PRO A 42 0.12 -9.49 -5.48
C PRO A 42 -0.92 -9.09 -4.43
N ARG A 43 -2.04 -9.75 -4.48
CA ARG A 43 -3.12 -9.44 -3.50
C ARG A 43 -4.18 -10.55 -3.52
N ASP A 44 -4.04 -11.46 -4.45
CA ASP A 44 -5.03 -12.56 -4.54
C ASP A 44 -4.54 -13.79 -3.78
N LYS A 45 -4.96 -14.94 -4.22
CA LYS A 45 -4.53 -16.19 -3.53
C LYS A 45 -4.50 -17.36 -4.50
N ASP A 46 -4.48 -17.06 -5.77
CA ASP A 46 -4.46 -18.16 -6.78
C ASP A 46 -3.04 -18.72 -6.93
N ALA A 47 -2.77 -19.25 -8.09
CA ALA A 47 -1.41 -19.81 -8.32
C ALA A 47 -0.48 -18.76 -8.88
N GLU A 48 -1.00 -17.90 -9.72
CA GLU A 48 -0.14 -16.84 -10.31
C GLU A 48 0.31 -15.86 -9.24
N SER A 49 -0.56 -15.58 -8.30
CA SER A 49 -0.18 -14.63 -7.22
C SER A 49 0.90 -15.23 -6.33
N LYS A 50 0.62 -16.38 -5.78
CA LYS A 50 1.63 -17.02 -4.89
C LYS A 50 2.98 -17.09 -5.59
N SER A 51 2.98 -17.56 -6.80
CA SER A 51 4.25 -17.66 -7.55
C SER A 51 4.96 -16.32 -7.55
N ARG A 52 4.24 -15.29 -7.90
CA ARG A 52 4.86 -13.94 -7.92
C ARG A 52 5.44 -13.60 -6.57
N ARG A 53 4.73 -13.96 -5.53
CA ARG A 53 5.23 -13.66 -4.17
C ARG A 53 6.60 -14.28 -3.95
N ILE A 54 6.76 -15.49 -4.40
CA ILE A 54 8.07 -16.17 -4.24
C ILE A 54 9.11 -15.57 -5.17
N GLU A 55 8.73 -15.41 -6.41
CA GLU A 55 9.69 -14.82 -7.39
C GLU A 55 10.06 -13.40 -6.98
N LEU A 56 9.06 -12.60 -6.71
CA LEU A 56 9.34 -11.20 -6.31
C LEU A 56 10.31 -11.16 -5.14
N PHE A 57 10.06 -11.99 -4.17
CA PHE A 57 10.95 -12.02 -2.99
C PHE A 57 12.30 -12.64 -3.34
N LYS A 58 12.33 -13.35 -4.43
CA LYS A 58 13.60 -13.99 -4.86
C LYS A 58 14.60 -12.93 -5.30
N GLN A 59 14.29 -12.26 -6.37
CA GLN A 59 15.20 -11.21 -6.87
C GLN A 59 15.54 -10.21 -5.75
N PHE A 60 14.64 -10.10 -4.80
CA PHE A 60 14.89 -9.17 -3.68
C PHE A 60 16.12 -9.57 -2.89
N ASP A 61 16.47 -10.83 -2.95
CA ASP A 61 17.66 -11.30 -2.21
C ASP A 61 18.88 -11.30 -3.11
N THR A 62 19.93 -11.92 -2.63
CA THR A 62 21.18 -11.97 -3.45
C THR A 62 21.87 -13.30 -3.26
N ASN A 63 21.13 -14.26 -2.75
CA ASN A 63 21.73 -15.60 -2.54
C ASN A 63 20.64 -16.65 -2.39
N GLY A 64 20.11 -16.78 -1.20
CA GLY A 64 19.04 -17.78 -0.97
C GLY A 64 18.81 -17.99 0.53
N THR A 65 18.89 -16.92 1.27
CA THR A 65 18.68 -17.03 2.73
C THR A 65 17.22 -17.33 3.05
N GLY A 66 16.35 -16.47 2.58
CA GLY A 66 14.89 -16.69 2.84
C GLY A 66 14.40 -15.72 3.92
N LYS A 67 15.28 -14.87 4.38
CA LYS A 67 14.88 -13.91 5.43
C LYS A 67 15.67 -12.61 5.29
N LEU A 68 15.11 -11.67 4.58
CA LEU A 68 15.82 -10.37 4.41
C LEU A 68 15.52 -9.42 5.57
N GLY A 69 15.70 -8.16 5.33
CA GLY A 69 15.44 -7.14 6.38
C GLY A 69 14.87 -5.89 5.74
N PHE A 70 14.73 -4.84 6.51
CA PHE A 70 14.18 -3.59 5.93
C PHE A 70 15.15 -2.99 4.92
N ARG A 71 16.33 -2.66 5.39
CA ARG A 71 17.35 -2.06 4.46
C ARG A 71 17.32 -2.75 3.10
N GLU A 72 17.51 -4.04 3.12
CA GLU A 72 17.50 -4.79 1.84
C GLU A 72 16.15 -4.66 1.15
N VAL A 73 15.12 -5.09 1.81
CA VAL A 73 13.78 -5.01 1.20
C VAL A 73 13.56 -3.62 0.61
N LEU A 74 13.97 -2.61 1.33
CA LEU A 74 13.80 -1.23 0.83
C LEU A 74 14.34 -1.13 -0.59
N ASP A 75 15.64 -1.20 -0.71
CA ASP A 75 16.26 -1.10 -2.05
C ASP A 75 15.58 -2.04 -3.04
N GLY A 76 15.23 -3.22 -2.58
CA GLY A 76 14.55 -4.19 -3.48
C GLY A 76 13.49 -3.47 -4.33
N CYS A 77 12.49 -2.95 -3.68
CA CYS A 77 11.43 -2.24 -4.43
C CYS A 77 11.89 -0.84 -4.81
N TYR A 78 12.31 -0.11 -3.83
CA TYR A 78 12.78 1.27 -4.10
C TYR A 78 13.69 1.32 -5.33
N GLY A 79 14.31 0.21 -5.64
CA GLY A 79 15.21 0.17 -6.84
C GLY A 79 14.56 -0.54 -8.02
N ILE A 80 13.78 -1.56 -7.73
CA ILE A 80 13.13 -2.31 -8.85
C ILE A 80 11.74 -1.75 -9.13
N LEU A 81 10.88 -1.81 -8.15
CA LEU A 81 9.50 -1.30 -8.35
C LEU A 81 9.47 0.22 -8.30
N LYS A 82 10.42 0.81 -7.61
CA LYS A 82 10.47 2.29 -7.49
C LYS A 82 9.05 2.87 -7.39
N LEU A 83 8.46 2.69 -6.24
CA LEU A 83 7.09 3.22 -6.05
C LEU A 83 7.10 4.74 -5.96
N ASP A 84 8.24 5.32 -6.22
CA ASP A 84 8.34 6.81 -6.16
C ASP A 84 7.70 7.45 -7.37
N GLU A 85 7.25 6.64 -8.29
CA GLU A 85 6.62 7.21 -9.52
C GLU A 85 5.16 7.61 -9.28
N PHE A 86 4.42 6.74 -8.66
CA PHE A 86 2.98 7.05 -8.39
C PHE A 86 2.82 7.87 -7.11
N THR A 87 3.57 7.53 -6.09
CA THR A 87 3.45 8.27 -4.81
C THR A 87 4.67 9.16 -4.54
N THR A 88 4.50 10.07 -3.61
CA THR A 88 5.59 11.00 -3.26
C THR A 88 6.15 10.64 -1.88
N HIS A 89 7.43 10.35 -1.83
CA HIS A 89 8.03 9.99 -0.53
C HIS A 89 7.40 8.72 0.01
N LEU A 90 8.04 7.61 -0.29
CA LEU A 90 7.51 6.30 0.17
C LEU A 90 8.49 5.51 1.06
N PRO A 91 9.63 6.11 1.45
CA PRO A 91 10.57 5.38 2.28
C PRO A 91 9.88 4.97 3.56
N ASP A 92 8.89 5.74 3.93
CA ASP A 92 8.14 5.44 5.16
C ASP A 92 7.09 4.38 4.88
N ILE A 93 6.46 4.49 3.73
CA ILE A 93 5.42 3.49 3.39
C ILE A 93 5.98 2.09 3.59
N VAL A 94 7.09 1.81 2.96
CA VAL A 94 7.70 0.48 3.11
C VAL A 94 8.05 0.23 4.57
N GLN A 95 8.67 1.21 5.18
CA GLN A 95 9.06 1.05 6.61
C GLN A 95 7.83 0.70 7.46
N ARG A 96 6.79 1.47 7.31
CA ARG A 96 5.56 1.20 8.10
C ARG A 96 5.07 -0.23 7.91
N ALA A 97 5.23 -0.73 6.71
CA ALA A 97 4.78 -2.12 6.45
C ALA A 97 5.75 -3.14 7.07
N PHE A 98 7.01 -2.96 6.81
CA PHE A 98 8.01 -3.90 7.37
C PHE A 98 7.90 -4.00 8.89
N ASP A 99 7.94 -2.87 9.54
CA ASP A 99 7.84 -2.87 11.02
C ASP A 99 6.53 -3.49 11.50
N LYS A 100 5.44 -2.89 11.11
CA LYS A 100 4.12 -3.42 11.53
C LYS A 100 4.07 -4.94 11.43
N ALA A 101 4.36 -5.44 10.27
CA ALA A 101 4.34 -6.93 10.09
C ALA A 101 5.19 -7.61 11.16
N LYS A 102 6.42 -7.20 11.29
CA LYS A 102 7.30 -7.81 12.31
C LYS A 102 6.66 -7.79 13.69
N ASP A 103 5.73 -6.91 13.88
CA ASP A 103 5.06 -6.83 15.19
C ASP A 103 3.88 -7.80 15.27
N LEU A 104 3.03 -7.76 14.29
CA LEU A 104 1.86 -8.67 14.29
C LEU A 104 2.26 -10.08 13.84
N GLY A 105 3.33 -10.16 13.09
CA GLY A 105 3.78 -11.51 12.61
C GLY A 105 3.83 -12.51 13.77
N ASN A 106 4.60 -12.18 14.77
CA ASN A 106 4.71 -13.10 15.94
C ASN A 106 3.37 -13.24 16.66
N LYS A 107 2.60 -12.19 16.65
CA LYS A 107 1.28 -12.24 17.32
C LYS A 107 0.34 -13.23 16.63
N VAL A 108 0.92 -14.27 16.09
CA VAL A 108 0.10 -15.29 15.39
C VAL A 108 0.62 -16.69 15.72
N LYS A 109 1.84 -16.73 16.17
CA LYS A 109 2.45 -18.03 16.52
C LYS A 109 3.43 -17.85 17.66
N GLY A 110 3.99 -16.68 17.75
CA GLY A 110 4.97 -16.41 18.84
C GLY A 110 6.36 -16.93 18.46
N VAL A 111 6.97 -16.28 17.49
CA VAL A 111 8.32 -16.71 17.06
C VAL A 111 9.39 -15.87 17.75
N GLY A 112 10.61 -16.36 17.73
CA GLY A 112 11.72 -15.61 18.37
C GLY A 112 11.91 -14.26 17.68
N GLU A 113 11.83 -13.21 18.45
CA GLU A 113 12.01 -11.86 17.86
C GLU A 113 13.46 -11.62 17.45
N GLU A 114 13.65 -10.91 16.37
CA GLU A 114 15.03 -10.64 15.90
C GLU A 114 15.08 -9.31 15.15
N ASP A 115 15.22 -9.38 13.86
CA ASP A 115 15.29 -8.14 13.05
C ASP A 115 15.10 -8.43 11.57
N LEU A 116 15.00 -9.70 11.25
CA LEU A 116 14.81 -10.08 9.83
C LEU A 116 13.34 -10.32 9.51
N VAL A 117 13.04 -10.41 8.24
CA VAL A 117 11.62 -10.65 7.83
C VAL A 117 11.43 -12.09 7.40
N GLU A 118 10.30 -12.66 7.77
CA GLU A 118 10.03 -14.07 7.40
C GLU A 118 8.90 -14.14 6.36
N PHE A 119 8.88 -15.22 5.61
CA PHE A 119 7.82 -15.35 4.59
C PHE A 119 6.47 -14.95 5.15
N LEU A 120 6.34 -15.08 6.45
CA LEU A 120 5.05 -14.71 7.10
C LEU A 120 4.85 -13.21 7.02
N GLU A 121 5.79 -12.47 7.54
CA GLU A 121 5.65 -10.99 7.50
C GLU A 121 5.62 -10.51 6.07
N PHE A 122 6.33 -11.19 5.22
CA PHE A 122 6.35 -10.79 3.80
C PHE A 122 4.94 -10.72 3.25
N ARG A 123 4.17 -11.73 3.53
CA ARG A 123 2.78 -11.75 3.04
C ARG A 123 2.00 -10.57 3.62
N LEU A 124 2.17 -10.36 4.89
CA LEU A 124 1.46 -9.23 5.54
C LEU A 124 2.00 -7.90 5.04
N MET A 125 3.29 -7.81 4.96
CA MET A 125 3.91 -6.53 4.49
C MET A 125 3.37 -6.14 3.13
N LEU A 126 3.59 -6.98 2.16
CA LEU A 126 3.09 -6.66 0.80
C LEU A 126 1.64 -6.23 0.85
N CYS A 127 0.85 -6.99 1.56
CA CYS A 127 -0.59 -6.63 1.67
C CYS A 127 -0.73 -5.19 2.15
N TYR A 128 -0.02 -4.87 3.20
CA TYR A 128 -0.10 -3.49 3.73
C TYR A 128 0.00 -2.48 2.59
N ILE A 129 1.09 -2.54 1.88
CA ILE A 129 1.26 -1.58 0.75
C ILE A 129 0.10 -1.68 -0.23
N TYR A 130 -0.02 -2.81 -0.86
CA TYR A 130 -1.13 -3.00 -1.83
C TYR A 130 -2.44 -2.41 -1.31
N ASP A 131 -2.71 -2.66 -0.05
CA ASP A 131 -3.96 -2.13 0.55
C ASP A 131 -3.87 -0.62 0.80
N ILE A 132 -2.81 -0.20 1.45
CA ILE A 132 -2.67 1.25 1.74
C ILE A 132 -2.64 2.07 0.45
N PHE A 133 -2.24 1.46 -0.65
CA PHE A 133 -2.20 2.22 -1.91
C PHE A 133 -3.62 2.42 -2.41
N GLU A 134 -4.37 1.35 -2.47
CA GLU A 134 -5.76 1.46 -2.95
C GLU A 134 -6.50 2.51 -2.14
N LEU A 135 -6.32 2.46 -0.85
CA LEU A 135 -7.01 3.45 0.03
C LEU A 135 -6.71 4.88 -0.43
N THR A 136 -5.45 5.24 -0.41
CA THR A 136 -5.10 6.63 -0.84
C THR A 136 -5.71 6.96 -2.19
N VAL A 137 -5.84 5.98 -3.03
CA VAL A 137 -6.42 6.23 -4.36
C VAL A 137 -7.93 6.44 -4.27
N MET A 138 -8.53 5.94 -3.22
CA MET A 138 -9.99 6.11 -3.07
C MET A 138 -10.33 7.49 -2.53
N PHE A 139 -9.43 8.03 -1.75
CA PHE A 139 -9.68 9.38 -1.19
C PHE A 139 -9.21 10.47 -2.15
N ASP A 140 -8.13 10.19 -2.85
CA ASP A 140 -7.59 11.18 -3.82
C ASP A 140 -8.72 11.90 -4.55
N THR A 141 -9.77 11.18 -4.85
CA THR A 141 -10.90 11.82 -5.56
C THR A 141 -11.91 12.36 -4.57
N MET A 142 -11.47 13.30 -3.77
CA MET A 142 -12.37 13.90 -2.76
C MET A 142 -12.30 15.42 -2.80
N ASP A 143 -11.11 15.94 -2.61
CA ASP A 143 -10.96 17.42 -2.63
C ASP A 143 -10.52 17.90 -4.01
N LYS A 144 -10.33 19.18 -4.13
CA LYS A 144 -9.91 19.74 -5.44
C LYS A 144 -8.49 19.28 -5.79
N ASP A 145 -8.07 18.21 -5.17
CA ASP A 145 -6.70 17.70 -5.45
C ASP A 145 -5.64 18.69 -4.99
N GLY A 146 -4.48 18.19 -4.64
CA GLY A 146 -3.40 19.08 -4.17
C GLY A 146 -3.31 19.07 -2.64
N SER A 147 -4.06 18.20 -2.03
CA SER A 147 -4.02 18.13 -0.55
C SER A 147 -4.60 16.80 -0.06
N LEU A 148 -3.83 16.10 0.72
CA LEU A 148 -4.30 14.80 1.24
C LEU A 148 -5.00 14.98 2.58
N LEU A 149 -6.29 15.23 2.51
CA LEU A 149 -7.06 15.43 3.77
C LEU A 149 -8.46 14.85 3.63
N LEU A 150 -9.17 14.78 4.72
CA LEU A 150 -10.53 14.23 4.66
C LEU A 150 -11.42 14.85 5.74
N GLU A 151 -12.40 15.61 5.30
CA GLU A 151 -13.31 16.26 6.27
C GLU A 151 -14.68 15.58 6.29
N LEU A 152 -15.53 16.04 7.17
CA LEU A 152 -16.88 15.44 7.27
C LEU A 152 -17.46 15.14 5.88
N GLN A 153 -17.34 16.09 4.99
CA GLN A 153 -17.88 15.88 3.62
C GLN A 153 -17.29 14.63 2.99
N GLU A 154 -16.01 14.66 2.76
CA GLU A 154 -15.36 13.48 2.14
C GLU A 154 -15.52 12.26 3.03
N PHE A 155 -15.40 12.47 4.31
CA PHE A 155 -15.54 11.34 5.25
C PHE A 155 -16.82 10.55 4.97
N LYS A 156 -17.89 11.27 4.73
CA LYS A 156 -19.17 10.58 4.44
C LYS A 156 -19.11 9.86 3.11
N GLU A 157 -18.44 10.46 2.15
CA GLU A 157 -18.34 9.80 0.81
C GLU A 157 -17.37 8.63 0.88
N ALA A 158 -16.44 8.70 1.80
CA ALA A 158 -15.46 7.60 1.93
C ALA A 158 -16.13 6.34 2.44
N LEU A 159 -17.02 6.50 3.39
CA LEU A 159 -17.71 5.32 3.96
C LEU A 159 -18.13 4.34 2.84
N PRO A 160 -18.95 4.80 1.91
CA PRO A 160 -19.39 3.94 0.81
C PRO A 160 -18.19 3.42 0.02
N LYS A 161 -17.34 4.34 -0.39
CA LYS A 161 -16.15 3.91 -1.16
C LYS A 161 -15.29 2.95 -0.34
N LEU A 162 -15.38 3.07 0.95
CA LEU A 162 -14.57 2.17 1.82
C LEU A 162 -15.22 0.81 1.94
N LYS A 163 -16.51 0.79 2.10
CA LYS A 163 -17.22 -0.52 2.22
C LYS A 163 -16.84 -1.43 1.06
N GLU A 164 -16.92 -0.91 -0.14
CA GLU A 164 -16.57 -1.74 -1.32
C GLU A 164 -15.16 -2.31 -1.19
N TRP A 165 -14.41 -1.77 -0.27
CA TRP A 165 -13.02 -2.26 -0.08
C TRP A 165 -13.02 -3.61 0.65
N GLY A 166 -13.18 -3.56 1.95
CA GLY A 166 -13.18 -4.82 2.74
C GLY A 166 -13.59 -4.53 4.18
N VAL A 167 -13.53 -3.27 4.54
CA VAL A 167 -13.90 -2.88 5.93
C VAL A 167 -15.33 -2.35 5.95
N ASP A 168 -15.72 -1.77 7.05
CA ASP A 168 -17.08 -1.23 7.14
C ASP A 168 -17.24 -0.33 8.37
N ILE A 169 -16.52 0.77 8.37
CA ILE A 169 -16.60 1.70 9.53
C ILE A 169 -18.04 1.84 10.01
N THR A 170 -18.30 1.34 11.19
CA THR A 170 -19.68 1.42 11.73
C THR A 170 -20.02 2.87 12.06
N ASP A 171 -20.28 3.14 13.31
CA ASP A 171 -20.63 4.53 13.69
C ASP A 171 -19.64 5.49 13.06
N ALA A 172 -20.02 6.03 11.94
CA ALA A 172 -19.14 6.99 11.23
C ALA A 172 -18.57 8.08 12.14
N THR A 173 -19.31 9.15 12.26
CA THR A 173 -18.88 10.31 13.12
C THR A 173 -18.00 9.88 14.31
N THR A 174 -18.42 8.88 15.02
CA THR A 174 -17.60 8.43 16.18
C THR A 174 -16.21 7.98 15.74
N VAL A 175 -16.16 7.01 14.89
CA VAL A 175 -14.83 6.53 14.42
C VAL A 175 -14.02 7.69 13.86
N PHE A 176 -14.64 8.49 13.05
CA PHE A 176 -13.91 9.65 12.46
C PHE A 176 -13.10 10.36 13.54
N ASN A 177 -13.72 10.58 14.66
CA ASN A 177 -13.02 11.26 15.77
C ASN A 177 -11.91 10.39 16.35
N GLU A 178 -12.23 9.15 16.61
CA GLU A 178 -11.20 8.23 17.18
C GLU A 178 -9.88 8.38 16.44
N ILE A 179 -9.96 8.62 15.16
CA ILE A 179 -8.74 8.76 14.36
C ILE A 179 -8.30 10.23 14.31
N ASP A 180 -9.25 11.11 14.40
CA ASP A 180 -8.92 12.56 14.37
C ASP A 180 -8.86 13.13 15.77
N THR A 181 -7.67 13.52 16.19
CA THR A 181 -7.51 14.10 17.54
C THR A 181 -6.55 15.28 17.51
N ASN A 182 -5.60 15.22 16.63
CA ASN A 182 -4.63 16.34 16.53
C ASN A 182 -5.15 17.43 15.60
N GLY A 183 -6.04 17.04 14.71
CA GLY A 183 -6.60 18.03 13.76
C GLY A 183 -7.78 18.76 14.40
N SER A 184 -8.69 19.23 13.58
CA SER A 184 -9.86 19.94 14.12
C SER A 184 -11.01 19.96 13.12
N GLY A 185 -11.32 18.82 12.58
CA GLY A 185 -12.45 18.74 11.57
C GLY A 185 -11.99 18.07 10.28
N VAL A 186 -10.83 17.46 10.32
CA VAL A 186 -10.33 16.78 9.09
C VAL A 186 -9.16 15.85 9.42
N VAL A 187 -9.25 14.64 8.91
CA VAL A 187 -8.16 13.65 9.15
C VAL A 187 -7.38 13.41 7.87
N THR A 188 -6.11 13.11 8.00
CA THR A 188 -5.29 12.86 6.79
C THR A 188 -5.26 11.39 6.37
N PHE A 189 -4.78 11.15 5.18
CA PHE A 189 -4.71 9.75 4.66
C PHE A 189 -3.90 8.86 5.60
N ASP A 190 -2.62 9.13 5.67
CA ASP A 190 -1.73 8.32 6.56
C ASP A 190 -2.45 7.84 7.81
N GLU A 191 -3.31 8.66 8.33
CA GLU A 191 -4.05 8.27 9.56
C GLU A 191 -5.26 7.42 9.18
N PHE A 192 -6.10 7.96 8.36
CA PHE A 192 -7.31 7.22 7.93
C PHE A 192 -6.92 5.88 7.31
N SER A 193 -5.88 5.90 6.53
CA SER A 193 -5.43 4.64 5.89
C SER A 193 -4.95 3.62 6.92
N CYS A 194 -4.02 4.03 7.76
CA CYS A 194 -3.51 3.08 8.80
C CYS A 194 -4.66 2.33 9.45
N TRP A 195 -5.64 3.05 9.93
CA TRP A 195 -6.78 2.37 10.60
C TRP A 195 -7.41 1.35 9.65
N ALA A 196 -7.50 1.71 8.41
CA ALA A 196 -8.11 0.77 7.43
C ALA A 196 -7.18 -0.41 7.14
N VAL A 197 -6.11 -0.15 6.43
CA VAL A 197 -5.15 -1.26 6.11
C VAL A 197 -4.91 -2.16 7.31
N THR A 198 -4.62 -1.56 8.43
CA THR A 198 -4.36 -2.38 9.65
C THR A 198 -5.58 -3.24 9.99
N LYS A 199 -6.75 -2.66 9.93
CA LYS A 199 -7.97 -3.44 10.25
C LYS A 199 -8.14 -4.62 9.30
N LYS A 200 -8.46 -4.33 8.07
CA LYS A 200 -8.65 -5.42 7.09
C LYS A 200 -7.50 -6.43 7.17
N LEU A 201 -6.37 -5.97 7.61
CA LEU A 201 -5.21 -6.90 7.72
C LEU A 201 -5.30 -7.76 8.98
N GLN A 202 -5.63 -7.15 10.08
CA GLN A 202 -5.74 -7.93 11.35
C GLN A 202 -6.82 -8.99 11.23
N VAL A 203 -7.87 -8.69 10.52
CA VAL A 203 -8.96 -9.69 10.38
C VAL A 203 -8.73 -10.59 9.18
N CYS A 204 -7.86 -10.17 8.30
CA CYS A 204 -7.58 -11.00 7.10
C CYS A 204 -7.48 -12.48 7.46
N GLY A 205 -7.18 -12.74 8.71
CA GLY A 205 -7.07 -14.16 9.15
C GLY A 205 -5.73 -14.76 8.69
N ASP A 206 -5.69 -16.06 8.62
CA ASP A 206 -4.43 -16.72 8.18
C ASP A 206 -4.45 -16.98 6.65
N PRO A 207 -3.52 -16.35 5.92
CA PRO A 207 -3.45 -16.52 4.47
C PRO A 207 -3.10 -17.96 4.10
N ASP A 208 -2.58 -18.13 2.92
CA ASP A 208 -2.21 -19.50 2.46
C ASP A 208 -3.42 -20.42 2.42
N GLY A 209 -4.12 -20.40 1.31
CA GLY A 209 -5.32 -21.27 1.19
C GLY A 209 -4.97 -22.56 0.44
N GLU A 210 -5.83 -22.96 -0.45
CA GLU A 210 -5.55 -24.21 -1.22
C GLU A 210 -6.43 -24.30 -2.45
N GLU A 211 -5.99 -25.08 -3.41
CA GLU A 211 -6.78 -25.22 -4.65
C GLU A 211 -6.44 -26.53 -5.35
N ASN A 212 -7.44 -27.21 -5.82
CA ASN A 212 -7.18 -28.50 -6.52
C ASN A 212 -8.45 -29.06 -7.13
N GLY A 213 -9.58 -28.69 -6.56
CA GLY A 213 -10.87 -29.20 -7.10
C GLY A 213 -11.26 -28.41 -8.33
N ALA A 214 -10.91 -27.15 -8.34
CA ALA A 214 -11.26 -26.29 -9.50
C ALA A 214 -12.76 -26.33 -9.78
N ASN A 215 -13.11 -26.36 -11.03
CA ASN A 215 -14.55 -26.38 -11.39
C ASN A 215 -14.73 -26.55 -12.89
N GLU A 216 -15.83 -27.14 -13.29
CA GLU A 216 -16.06 -27.34 -14.74
C GLU A 216 -17.56 -27.39 -15.05
N GLY A 217 -18.36 -27.19 -14.05
CA GLY A 217 -19.84 -27.23 -14.29
C GLY A 217 -20.31 -28.66 -14.58
N ASN A 218 -21.14 -28.79 -15.57
CA ASN A 218 -21.64 -30.15 -15.91
C ASN A 218 -21.91 -30.27 -17.41
N LEU A 219 -21.56 -29.24 -18.14
CA LEU A 219 -21.78 -29.27 -19.61
C LEU A 219 -20.49 -29.66 -20.35
N GLU A 220 -19.86 -30.71 -19.88
CA GLU A 220 -18.61 -31.17 -20.53
C GLU A 220 -17.64 -30.00 -20.70
N MET A 1 14.09 1.10 -21.56
CA MET A 1 14.41 -0.05 -20.69
C MET A 1 15.24 -1.08 -21.46
N GLY A 2 14.62 -1.69 -22.44
CA GLY A 2 15.36 -2.71 -23.24
C GLY A 2 14.41 -3.45 -24.17
N CYS A 3 13.13 -3.35 -23.89
CA CYS A 3 12.15 -4.06 -24.75
C CYS A 3 12.03 -3.38 -26.11
N SER A 4 12.79 -2.33 -26.30
CA SER A 4 12.73 -1.62 -27.61
C SER A 4 13.45 -2.43 -28.69
N GLY A 5 14.28 -3.34 -28.27
CA GLY A 5 15.02 -4.18 -29.26
C GLY A 5 16.34 -4.66 -28.68
N SER A 6 17.43 -4.19 -29.23
CA SER A 6 18.75 -4.61 -28.73
C SER A 6 18.90 -4.25 -27.25
N LYS A 7 19.51 -5.13 -26.51
CA LYS A 7 19.70 -4.86 -25.06
C LYS A 7 20.97 -4.06 -24.82
N ASP A 8 21.68 -3.78 -25.89
CA ASP A 8 22.94 -3.01 -25.75
C ASP A 8 23.92 -3.73 -24.83
N THR A 9 24.49 -2.99 -23.91
CA THR A 9 25.46 -3.60 -22.96
C THR A 9 25.30 -3.01 -21.57
N THR A 10 26.41 -2.66 -20.97
CA THR A 10 26.34 -2.09 -19.61
C THR A 10 26.10 -0.58 -19.68
N ASN A 11 25.60 -0.03 -18.61
CA ASN A 11 25.34 1.44 -18.60
C ASN A 11 26.60 2.20 -18.97
N SER A 12 26.44 3.19 -19.82
CA SER A 12 27.62 3.97 -20.25
C SER A 12 28.03 4.97 -19.16
N LYS A 13 27.71 6.22 -19.38
CA LYS A 13 28.08 7.25 -18.38
C LYS A 13 27.05 8.38 -18.37
N ASP A 14 26.24 8.41 -17.35
CA ASP A 14 25.22 9.48 -17.28
C ASP A 14 24.64 9.58 -15.87
N GLY A 15 24.02 10.69 -15.58
CA GLY A 15 23.42 10.86 -14.22
C GLY A 15 22.80 12.25 -14.09
N ALA A 16 23.50 13.25 -14.56
CA ALA A 16 22.95 14.62 -14.46
C ALA A 16 22.05 14.93 -15.65
N ALA A 17 20.83 14.47 -15.57
CA ALA A 17 19.88 14.73 -16.68
C ALA A 17 18.46 14.31 -16.28
N SER A 18 18.26 14.09 -15.01
CA SER A 18 16.92 13.70 -14.52
C SER A 18 16.18 14.87 -13.88
N LYS A 19 15.36 14.56 -12.92
CA LYS A 19 14.59 15.64 -12.23
C LYS A 19 13.65 16.35 -13.20
N GLY A 20 12.38 16.10 -13.04
CA GLY A 20 11.39 16.75 -13.94
C GLY A 20 9.97 16.32 -13.56
N GLY A 21 9.63 15.09 -13.85
CA GLY A 21 8.26 14.61 -13.52
C GLY A 21 7.20 15.52 -14.14
N LYS A 22 6.15 15.76 -13.41
CA LYS A 22 5.08 16.64 -13.93
C LYS A 22 4.45 17.47 -12.81
N ASP A 23 4.14 18.69 -13.12
CA ASP A 23 3.52 19.55 -12.09
C ASP A 23 2.00 19.45 -12.12
N GLY A 24 1.52 18.23 -12.18
CA GLY A 24 0.03 18.03 -12.22
C GLY A 24 -0.36 16.93 -11.22
N LYS A 25 0.03 15.72 -11.51
CA LYS A 25 -0.32 14.60 -10.60
C LYS A 25 -1.80 14.64 -10.23
N THR A 26 -2.61 14.01 -11.06
CA THR A 26 -4.08 13.98 -10.78
C THR A 26 -4.61 12.56 -10.83
N THR A 27 -5.88 12.41 -10.56
CA THR A 27 -6.48 11.06 -10.58
C THR A 27 -6.03 10.29 -11.81
N ALA A 28 -5.63 11.02 -12.82
CA ALA A 28 -5.17 10.36 -14.06
C ALA A 28 -3.75 9.82 -13.90
N ASP A 29 -2.81 10.72 -13.82
CA ASP A 29 -1.39 10.29 -13.65
C ASP A 29 -1.24 9.36 -12.45
N ARG A 30 -2.05 9.58 -11.47
CA ARG A 30 -1.98 8.72 -10.26
C ARG A 30 -2.59 7.37 -10.53
N LYS A 31 -3.60 7.35 -11.37
CA LYS A 31 -4.27 6.05 -11.69
C LYS A 31 -3.39 5.18 -12.60
N VAL A 32 -2.74 5.79 -13.55
CA VAL A 32 -1.88 4.99 -14.47
C VAL A 32 -0.66 4.41 -13.73
N ALA A 33 0.06 5.25 -13.05
CA ALA A 33 1.24 4.74 -12.31
C ALA A 33 0.86 3.69 -11.27
N TRP A 34 -0.28 3.88 -10.65
CA TRP A 34 -0.71 2.90 -9.62
C TRP A 34 -1.26 1.65 -10.27
N GLU A 35 -1.78 1.80 -11.45
CA GLU A 35 -2.33 0.64 -12.16
C GLU A 35 -1.21 -0.29 -12.57
N ARG A 36 -0.06 0.29 -12.83
CA ARG A 36 1.10 -0.52 -13.24
C ARG A 36 1.68 -1.18 -12.01
N ILE A 37 1.86 -0.39 -10.99
CA ILE A 37 2.42 -0.93 -9.75
C ILE A 37 1.48 -1.97 -9.17
N ARG A 38 0.27 -1.54 -8.89
CA ARG A 38 -0.73 -2.49 -8.32
C ARG A 38 -0.65 -3.83 -9.03
N CYS A 39 -0.70 -3.80 -10.34
CA CYS A 39 -0.63 -5.07 -11.10
C CYS A 39 0.63 -5.83 -10.75
N ALA A 40 1.69 -5.11 -10.48
CA ALA A 40 2.96 -5.78 -10.13
C ALA A 40 2.98 -6.24 -8.67
N ILE A 41 2.13 -5.64 -7.86
CA ILE A 41 2.08 -6.04 -6.43
C ILE A 41 0.90 -6.99 -6.16
N PRO A 42 1.19 -8.24 -5.81
CA PRO A 42 0.13 -9.22 -5.53
C PRO A 42 -0.64 -8.86 -4.27
N ARG A 43 -1.69 -9.59 -4.01
CA ARG A 43 -2.48 -9.29 -2.79
C ARG A 43 -3.48 -10.41 -2.52
N ASP A 44 -4.12 -10.88 -3.54
CA ASP A 44 -5.10 -11.98 -3.35
C ASP A 44 -4.41 -13.32 -3.08
N LYS A 45 -5.20 -14.32 -2.74
CA LYS A 45 -4.62 -15.65 -2.46
C LYS A 45 -4.95 -16.63 -3.59
N ASP A 46 -4.38 -16.39 -4.75
CA ASP A 46 -4.65 -17.29 -5.91
C ASP A 46 -3.36 -17.98 -6.34
N ALA A 47 -3.51 -19.16 -6.89
CA ALA A 47 -2.30 -19.92 -7.35
C ALA A 47 -1.36 -18.99 -8.10
N GLU A 48 -1.91 -18.14 -8.92
CA GLU A 48 -1.05 -17.22 -9.70
C GLU A 48 -0.46 -16.15 -8.78
N SER A 49 -1.25 -15.66 -7.88
CA SER A 49 -0.75 -14.62 -6.95
C SER A 49 0.37 -15.18 -6.09
N LYS A 50 0.05 -16.17 -5.31
CA LYS A 50 1.07 -16.77 -4.43
C LYS A 50 2.35 -17.08 -5.22
N SER A 51 2.19 -17.69 -6.36
CA SER A 51 3.37 -18.01 -7.18
C SER A 51 4.23 -16.77 -7.42
N ARG A 52 3.56 -15.66 -7.65
CA ARG A 52 4.32 -14.41 -7.89
C ARG A 52 5.21 -14.08 -6.69
N ARG A 53 4.61 -14.02 -5.54
CA ARG A 53 5.40 -13.70 -4.32
C ARG A 53 6.68 -14.52 -4.28
N ILE A 54 6.57 -15.78 -4.56
CA ILE A 54 7.77 -16.65 -4.54
C ILE A 54 8.82 -16.14 -5.52
N GLU A 55 8.38 -15.71 -6.67
CA GLU A 55 9.35 -15.18 -7.68
C GLU A 55 9.93 -13.85 -7.23
N LEU A 56 9.07 -12.91 -6.96
CA LEU A 56 9.56 -11.57 -6.52
C LEU A 56 10.42 -11.70 -5.25
N PHE A 57 10.09 -12.66 -4.43
CA PHE A 57 10.89 -12.83 -3.19
C PHE A 57 12.30 -13.25 -3.55
N LYS A 58 12.41 -14.28 -4.34
CA LYS A 58 13.75 -14.74 -4.73
C LYS A 58 14.54 -13.59 -5.35
N GLN A 59 13.83 -12.68 -5.97
CA GLN A 59 14.51 -11.53 -6.60
C GLN A 59 15.23 -10.72 -5.54
N PHE A 60 14.48 -10.08 -4.67
CA PHE A 60 15.10 -9.28 -3.60
C PHE A 60 16.28 -10.02 -3.00
N ASP A 61 16.07 -11.27 -2.70
CA ASP A 61 17.15 -12.08 -2.11
C ASP A 61 17.99 -12.74 -3.18
N THR A 62 18.58 -11.94 -4.02
CA THR A 62 19.42 -12.52 -5.11
C THR A 62 20.66 -13.18 -4.53
N ASN A 63 20.78 -13.14 -3.23
CA ASN A 63 21.95 -13.76 -2.57
C ASN A 63 21.62 -15.18 -2.12
N GLY A 64 20.37 -15.51 -2.12
CA GLY A 64 19.96 -16.88 -1.68
C GLY A 64 20.10 -17.02 -0.16
N THR A 65 19.09 -16.57 0.54
CA THR A 65 19.14 -16.66 2.02
C THR A 65 17.73 -16.75 2.61
N GLY A 66 16.98 -15.69 2.43
CA GLY A 66 15.57 -15.67 2.96
C GLY A 66 15.42 -14.55 3.99
N LYS A 67 16.49 -14.25 4.68
CA LYS A 67 16.43 -13.17 5.69
C LYS A 67 16.81 -11.83 5.06
N LEU A 68 15.81 -11.13 4.60
CA LEU A 68 16.09 -9.82 3.97
C LEU A 68 16.40 -8.76 5.01
N GLY A 69 15.49 -7.83 5.18
CA GLY A 69 15.70 -6.76 6.18
C GLY A 69 15.11 -5.45 5.65
N PHE A 70 14.71 -4.58 6.54
CA PHE A 70 14.13 -3.30 6.06
C PHE A 70 15.10 -2.58 5.13
N ARG A 71 16.22 -2.18 5.66
CA ARG A 71 17.21 -1.46 4.82
C ARG A 71 17.36 -2.16 3.48
N GLU A 72 17.67 -3.44 3.54
CA GLU A 72 17.84 -4.20 2.28
C GLU A 72 16.55 -4.16 1.48
N VAL A 73 15.45 -4.34 2.16
CA VAL A 73 14.15 -4.31 1.43
C VAL A 73 13.94 -2.96 0.80
N LEU A 74 14.30 -1.92 1.52
CA LEU A 74 14.13 -0.56 0.97
C LEU A 74 14.69 -0.52 -0.45
N ASP A 75 15.98 -0.72 -0.54
CA ASP A 75 16.63 -0.70 -1.88
C ASP A 75 15.90 -1.63 -2.85
N GLY A 76 15.66 -2.85 -2.40
CA GLY A 76 14.95 -3.83 -3.28
C GLY A 76 13.78 -3.14 -4.00
N CYS A 77 12.79 -2.77 -3.24
CA CYS A 77 11.61 -2.10 -3.84
C CYS A 77 12.02 -0.77 -4.47
N TYR A 78 12.68 0.04 -3.69
CA TYR A 78 13.12 1.36 -4.19
C TYR A 78 13.96 1.22 -5.45
N GLY A 79 14.39 0.00 -5.73
CA GLY A 79 15.24 -0.23 -6.94
C GLY A 79 14.46 -1.01 -8.01
N ILE A 80 13.79 -2.06 -7.59
CA ILE A 80 13.03 -2.87 -8.57
C ILE A 80 11.58 -2.39 -8.68
N LEU A 81 11.00 -2.03 -7.57
CA LEU A 81 9.59 -1.57 -7.60
C LEU A 81 9.52 -0.06 -7.89
N LYS A 82 10.51 0.66 -7.45
CA LYS A 82 10.50 2.13 -7.69
C LYS A 82 9.15 2.73 -7.34
N LEU A 83 8.82 2.68 -6.08
CA LEU A 83 7.52 3.25 -5.64
C LEU A 83 7.49 4.76 -5.86
N ASP A 84 8.65 5.34 -5.93
CA ASP A 84 8.73 6.81 -6.13
C ASP A 84 8.24 7.22 -7.52
N GLU A 85 7.89 6.26 -8.33
CA GLU A 85 7.40 6.60 -9.70
C GLU A 85 5.92 7.01 -9.67
N PHE A 86 5.22 6.53 -8.69
CA PHE A 86 3.77 6.87 -8.59
C PHE A 86 3.51 7.91 -7.49
N THR A 87 3.69 7.53 -6.27
CA THR A 87 3.45 8.49 -5.15
C THR A 87 4.72 9.23 -4.78
N THR A 88 4.56 10.19 -3.89
CA THR A 88 5.73 10.99 -3.44
C THR A 88 6.01 10.72 -1.96
N HIS A 89 7.21 10.33 -1.68
CA HIS A 89 7.55 10.05 -0.26
C HIS A 89 6.87 8.77 0.19
N LEU A 90 7.63 7.71 0.21
CA LEU A 90 7.10 6.42 0.63
C LEU A 90 8.09 5.61 1.48
N PRO A 91 9.17 6.23 1.99
CA PRO A 91 10.13 5.51 2.81
C PRO A 91 9.44 5.03 4.06
N ASP A 92 8.41 5.74 4.43
CA ASP A 92 7.66 5.36 5.65
C ASP A 92 6.68 4.26 5.34
N ILE A 93 6.03 4.36 4.21
CA ILE A 93 5.05 3.33 3.83
C ILE A 93 5.63 1.95 4.07
N VAL A 94 6.82 1.73 3.56
CA VAL A 94 7.47 0.41 3.74
C VAL A 94 7.89 0.22 5.20
N GLN A 95 8.49 1.25 5.76
CA GLN A 95 8.93 1.14 7.18
C GLN A 95 7.80 0.62 8.06
N ARG A 96 6.66 1.25 7.96
CA ARG A 96 5.51 0.79 8.79
C ARG A 96 5.07 -0.60 8.38
N ALA A 97 5.08 -0.86 7.11
CA ALA A 97 4.67 -2.20 6.62
C ALA A 97 5.58 -3.28 7.16
N PHE A 98 6.86 -3.12 6.97
CA PHE A 98 7.82 -4.14 7.47
C PHE A 98 7.59 -4.43 8.95
N ASP A 99 7.57 -3.38 9.74
CA ASP A 99 7.36 -3.58 11.20
C ASP A 99 5.97 -4.15 11.51
N LYS A 100 4.96 -3.35 11.30
CA LYS A 100 3.57 -3.82 11.57
C LYS A 100 3.38 -5.28 11.14
N ALA A 101 3.51 -5.51 9.86
CA ALA A 101 3.34 -6.90 9.35
C ALA A 101 4.05 -7.91 10.26
N LYS A 102 5.26 -7.60 10.62
CA LYS A 102 6.03 -8.53 11.49
C LYS A 102 5.43 -8.57 12.89
N ASP A 103 5.30 -7.43 13.49
CA ASP A 103 4.73 -7.38 14.86
C ASP A 103 3.48 -8.23 14.97
N LEU A 104 2.61 -8.10 14.00
CA LEU A 104 1.35 -8.89 14.04
C LEU A 104 1.54 -10.24 13.33
N GLY A 105 2.61 -10.37 12.60
CA GLY A 105 2.85 -11.66 11.87
C GLY A 105 2.97 -12.82 12.86
N ASN A 106 2.66 -12.56 14.11
CA ASN A 106 2.76 -13.64 15.13
C ASN A 106 1.42 -14.34 15.29
N LYS A 107 0.39 -13.56 15.48
CA LYS A 107 -0.95 -14.18 15.65
C LYS A 107 -1.19 -15.26 14.61
N VAL A 108 -0.97 -14.92 13.37
CA VAL A 108 -1.18 -15.92 12.29
C VAL A 108 -0.32 -17.15 12.53
N LYS A 109 0.96 -17.00 12.37
CA LYS A 109 1.87 -18.14 12.58
C LYS A 109 2.24 -18.27 14.06
N GLY A 110 3.37 -17.75 14.41
CA GLY A 110 3.81 -17.83 15.84
C GLY A 110 5.33 -18.07 15.92
N VAL A 111 6.05 -17.04 16.30
CA VAL A 111 7.53 -17.17 16.40
C VAL A 111 8.04 -16.44 17.63
N GLY A 112 9.23 -16.80 18.06
CA GLY A 112 9.81 -16.12 19.25
C GLY A 112 10.17 -14.68 18.94
N GLU A 113 9.32 -14.02 18.20
CA GLU A 113 9.59 -12.61 17.84
C GLU A 113 11.00 -12.46 17.25
N GLU A 114 11.09 -12.67 15.96
CA GLU A 114 12.41 -12.55 15.30
C GLU A 114 12.75 -11.08 15.03
N ASP A 115 13.35 -10.85 13.89
CA ASP A 115 13.72 -9.45 13.55
C ASP A 115 13.60 -9.23 12.05
N LEU A 116 14.14 -10.14 11.29
CA LEU A 116 14.08 -10.00 9.81
C LEU A 116 12.66 -10.27 9.31
N VAL A 117 12.57 -10.77 8.10
CA VAL A 117 11.24 -11.07 7.53
C VAL A 117 11.25 -12.40 6.80
N GLU A 118 10.10 -13.01 6.71
CA GLU A 118 10.02 -14.32 6.01
C GLU A 118 8.74 -14.40 5.18
N PHE A 119 8.54 -15.54 4.56
CA PHE A 119 7.32 -15.71 3.73
C PHE A 119 6.08 -15.19 4.43
N LEU A 120 5.88 -15.64 5.64
CA LEU A 120 4.70 -15.18 6.41
C LEU A 120 4.59 -13.65 6.44
N GLU A 121 5.49 -13.03 7.16
CA GLU A 121 5.46 -11.55 7.24
C GLU A 121 5.61 -10.93 5.85
N PHE A 122 6.42 -11.54 5.03
CA PHE A 122 6.62 -10.98 3.67
C PHE A 122 5.28 -10.79 2.98
N ARG A 123 4.41 -11.74 3.15
CA ARG A 123 3.07 -11.65 2.52
C ARG A 123 2.28 -10.49 3.13
N LEU A 124 2.20 -10.49 4.42
CA LEU A 124 1.45 -9.40 5.10
C LEU A 124 2.07 -8.05 4.81
N MET A 125 3.33 -8.06 4.45
CA MET A 125 4.02 -6.79 4.14
C MET A 125 3.49 -6.21 2.85
N LEU A 126 3.77 -6.88 1.76
CA LEU A 126 3.30 -6.38 0.46
C LEU A 126 1.84 -5.96 0.55
N CYS A 127 1.11 -6.63 1.40
CA CYS A 127 -0.33 -6.30 1.56
C CYS A 127 -0.48 -4.89 2.13
N TYR A 128 0.12 -4.66 3.27
CA TYR A 128 0.03 -3.32 3.88
C TYR A 128 0.22 -2.24 2.84
N ILE A 129 1.13 -2.50 1.91
CA ILE A 129 1.38 -1.50 0.85
C ILE A 129 0.25 -1.52 -0.19
N TYR A 130 0.16 -2.60 -0.92
CA TYR A 130 -0.91 -2.72 -1.96
C TYR A 130 -2.21 -2.07 -1.50
N ASP A 131 -2.57 -2.33 -0.27
CA ASP A 131 -3.84 -1.75 0.25
C ASP A 131 -3.75 -0.23 0.38
N ILE A 132 -2.81 0.23 1.17
CA ILE A 132 -2.66 1.70 1.35
C ILE A 132 -2.75 2.42 0.01
N PHE A 133 -2.29 1.79 -1.04
CA PHE A 133 -2.35 2.47 -2.35
C PHE A 133 -3.79 2.55 -2.81
N GLU A 134 -4.45 1.43 -2.85
CA GLU A 134 -5.86 1.43 -3.28
C GLU A 134 -6.61 2.57 -2.62
N LEU A 135 -6.50 2.65 -1.32
CA LEU A 135 -7.20 3.73 -0.58
C LEU A 135 -6.92 5.09 -1.21
N THR A 136 -5.68 5.48 -1.21
CA THR A 136 -5.31 6.79 -1.80
C THR A 136 -6.00 7.04 -3.15
N VAL A 137 -5.71 6.20 -4.10
CA VAL A 137 -6.33 6.37 -5.44
C VAL A 137 -7.86 6.27 -5.40
N MET A 138 -8.38 5.21 -4.83
CA MET A 138 -9.86 5.07 -4.77
C MET A 138 -10.52 6.22 -4.01
N PHE A 139 -9.73 7.01 -3.32
CA PHE A 139 -10.33 8.14 -2.56
C PHE A 139 -10.41 9.40 -3.42
N ASP A 140 -9.31 9.72 -4.07
CA ASP A 140 -9.30 10.93 -4.93
C ASP A 140 -10.42 10.90 -5.96
N THR A 141 -11.23 9.88 -5.90
CA THR A 141 -12.34 9.79 -6.88
C THR A 141 -13.61 10.43 -6.33
N MET A 142 -13.78 10.35 -5.02
CA MET A 142 -14.98 10.95 -4.40
C MET A 142 -14.65 12.32 -3.83
N ASP A 143 -14.03 13.15 -4.64
CA ASP A 143 -13.67 14.51 -4.15
C ASP A 143 -13.73 15.52 -5.29
N LYS A 144 -14.31 16.66 -5.00
CA LYS A 144 -14.41 17.70 -6.06
C LYS A 144 -13.03 18.14 -6.51
N ASP A 145 -12.02 17.75 -5.77
CA ASP A 145 -10.65 18.15 -6.14
C ASP A 145 -9.62 17.35 -5.35
N GLY A 146 -8.95 16.45 -6.02
CA GLY A 146 -7.93 15.63 -5.32
C GLY A 146 -7.02 16.52 -4.46
N SER A 147 -7.16 16.41 -3.17
CA SER A 147 -6.31 17.23 -2.26
C SER A 147 -5.85 16.42 -1.07
N LEU A 148 -6.01 15.12 -1.15
CA LEU A 148 -5.58 14.26 -0.03
C LEU A 148 -6.08 14.81 1.29
N LEU A 149 -7.37 14.85 1.45
CA LEU A 149 -7.94 15.37 2.71
C LEU A 149 -9.45 15.12 2.77
N LEU A 150 -9.89 14.48 3.81
CA LEU A 150 -11.35 14.18 3.94
C LEU A 150 -11.99 15.05 5.02
N GLU A 151 -13.28 15.20 4.93
CA GLU A 151 -13.98 16.03 5.94
C GLU A 151 -15.38 15.48 6.21
N LEU A 152 -16.09 16.13 7.10
CA LEU A 152 -17.47 15.68 7.43
C LEU A 152 -18.22 15.23 6.18
N GLN A 153 -18.01 15.92 5.09
CA GLN A 153 -18.70 15.54 3.84
C GLN A 153 -18.16 14.22 3.32
N GLU A 154 -16.93 14.25 2.89
CA GLU A 154 -16.34 13.01 2.36
C GLU A 154 -16.48 11.88 3.38
N PHE A 155 -16.53 12.24 4.64
CA PHE A 155 -16.67 11.19 5.67
C PHE A 155 -17.95 10.40 5.45
N LYS A 156 -19.06 11.09 5.42
CA LYS A 156 -20.35 10.40 5.21
C LYS A 156 -20.30 9.58 3.93
N GLU A 157 -19.55 10.05 2.97
CA GLU A 157 -19.45 9.32 1.69
C GLU A 157 -18.33 8.26 1.76
N ALA A 158 -17.40 8.48 2.65
CA ALA A 158 -16.28 7.52 2.79
C ALA A 158 -16.69 6.30 3.62
N LEU A 159 -17.39 6.53 4.70
CA LEU A 159 -17.81 5.37 5.54
C LEU A 159 -18.35 4.23 4.66
N PRO A 160 -19.29 4.53 3.77
CA PRO A 160 -19.85 3.51 2.90
C PRO A 160 -18.81 3.01 1.90
N LYS A 161 -18.22 3.93 1.17
CA LYS A 161 -17.19 3.53 0.19
C LYS A 161 -16.09 2.70 0.85
N LEU A 162 -15.80 3.00 2.08
CA LEU A 162 -14.74 2.24 2.78
C LEU A 162 -15.23 0.86 3.18
N LYS A 163 -16.42 0.81 3.72
CA LYS A 163 -16.96 -0.51 4.14
C LYS A 163 -16.78 -1.53 3.02
N GLU A 164 -16.97 -1.09 1.80
CA GLU A 164 -16.80 -2.02 0.65
C GLU A 164 -15.33 -2.30 0.39
N TRP A 165 -14.49 -1.84 1.27
CA TRP A 165 -13.03 -2.06 1.11
C TRP A 165 -12.58 -3.30 1.87
N GLY A 166 -12.98 -3.38 3.12
CA GLY A 166 -12.58 -4.56 3.93
C GLY A 166 -12.89 -4.32 5.41
N VAL A 167 -12.93 -3.06 5.79
CA VAL A 167 -13.22 -2.74 7.23
C VAL A 167 -14.69 -2.38 7.42
N ASP A 168 -14.98 -1.76 8.53
CA ASP A 168 -16.39 -1.37 8.80
C ASP A 168 -16.45 -0.12 9.66
N ILE A 169 -15.35 0.19 10.30
CA ILE A 169 -15.32 1.40 11.16
C ILE A 169 -16.49 1.42 12.13
N THR A 170 -16.27 0.87 13.30
CA THR A 170 -17.36 0.85 14.31
C THR A 170 -17.71 2.27 14.70
N ASP A 171 -18.98 2.55 14.78
CA ASP A 171 -19.39 3.92 15.15
C ASP A 171 -18.63 4.94 14.30
N ALA A 172 -19.12 5.16 13.12
CA ALA A 172 -18.46 6.12 12.20
C ALA A 172 -18.09 7.45 12.89
N THR A 173 -19.07 8.33 12.99
CA THR A 173 -18.83 9.65 13.65
C THR A 173 -17.76 9.61 14.75
N THR A 174 -17.88 8.69 15.66
CA THR A 174 -16.86 8.62 16.74
C THR A 174 -15.47 8.38 16.16
N VAL A 175 -15.35 7.35 15.37
CA VAL A 175 -14.02 7.06 14.78
C VAL A 175 -13.45 8.30 14.12
N PHE A 176 -14.27 9.00 13.37
CA PHE A 176 -13.76 10.23 12.70
C PHE A 176 -13.10 11.13 13.73
N ASN A 177 -13.69 11.18 14.89
CA ASN A 177 -13.10 12.03 15.96
C ASN A 177 -11.91 11.34 16.60
N GLU A 178 -11.74 10.08 16.28
CA GLU A 178 -10.59 9.32 16.85
C GLU A 178 -9.34 9.48 16.00
N ILE A 179 -9.48 9.20 14.74
CA ILE A 179 -8.31 9.34 13.83
C ILE A 179 -7.85 10.79 13.73
N ASP A 180 -8.79 11.69 13.69
CA ASP A 180 -8.42 13.12 13.58
C ASP A 180 -7.76 13.61 14.87
N THR A 181 -6.67 12.98 15.23
CA THR A 181 -5.96 13.38 16.46
C THR A 181 -4.89 14.43 16.16
N ASN A 182 -4.88 14.89 14.94
CA ASN A 182 -3.88 15.92 14.55
C ASN A 182 -4.51 16.96 13.64
N GLY A 183 -5.76 17.25 13.87
CA GLY A 183 -6.45 18.26 13.01
C GLY A 183 -7.56 18.96 13.80
N SER A 184 -8.70 19.12 13.18
CA SER A 184 -9.81 19.79 13.88
C SER A 184 -11.15 19.44 13.23
N GLY A 185 -11.08 18.89 12.05
CA GLY A 185 -12.36 18.52 11.35
C GLY A 185 -12.06 17.84 10.01
N VAL A 186 -10.86 17.32 9.89
CA VAL A 186 -10.49 16.64 8.62
C VAL A 186 -9.48 15.53 8.89
N VAL A 187 -9.28 14.69 7.90
CA VAL A 187 -8.32 13.58 8.07
C VAL A 187 -7.61 13.28 6.76
N THR A 188 -6.30 13.33 6.78
CA THR A 188 -5.53 13.04 5.54
C THR A 188 -5.59 11.56 5.20
N PHE A 189 -5.06 11.24 4.05
CA PHE A 189 -5.07 9.82 3.61
C PHE A 189 -4.23 8.95 4.54
N ASP A 190 -2.98 9.31 4.70
CA ASP A 190 -2.08 8.52 5.59
C ASP A 190 -2.80 8.10 6.87
N GLU A 191 -3.71 8.91 7.31
CA GLU A 191 -4.45 8.57 8.54
C GLU A 191 -5.59 7.61 8.24
N PHE A 192 -6.43 7.99 7.32
CA PHE A 192 -7.57 7.12 6.96
C PHE A 192 -7.09 5.73 6.58
N SER A 193 -5.97 5.69 5.90
CA SER A 193 -5.41 4.38 5.48
C SER A 193 -4.88 3.59 6.67
N CYS A 194 -3.85 4.14 7.30
CA CYS A 194 -3.25 3.46 8.48
C CYS A 194 -4.30 2.73 9.32
N TRP A 195 -5.33 3.44 9.68
CA TRP A 195 -6.40 2.80 10.50
C TRP A 195 -7.07 1.67 9.72
N ALA A 196 -7.40 1.93 8.48
CA ALA A 196 -8.06 0.89 7.67
C ALA A 196 -7.12 -0.27 7.37
N VAL A 197 -6.13 -0.05 6.53
CA VAL A 197 -5.17 -1.14 6.19
C VAL A 197 -4.85 -2.01 7.42
N THR A 198 -4.41 -1.38 8.47
CA THR A 198 -4.08 -2.15 9.68
C THR A 198 -5.20 -3.13 10.01
N LYS A 199 -6.35 -2.61 10.35
CA LYS A 199 -7.48 -3.49 10.68
C LYS A 199 -7.69 -4.53 9.59
N LYS A 200 -7.54 -4.10 8.37
CA LYS A 200 -7.73 -5.05 7.24
C LYS A 200 -6.63 -6.10 7.21
N LEU A 201 -5.56 -5.83 7.90
CA LEU A 201 -4.44 -6.81 7.92
C LEU A 201 -4.71 -7.95 8.90
N GLN A 202 -5.00 -7.60 10.13
CA GLN A 202 -5.27 -8.65 11.14
C GLN A 202 -6.68 -9.22 10.98
N VAL A 203 -7.49 -8.59 10.17
CA VAL A 203 -8.87 -9.09 9.99
C VAL A 203 -8.94 -10.08 8.82
N CYS A 204 -8.39 -9.67 7.70
CA CYS A 204 -8.42 -10.57 6.51
C CYS A 204 -7.09 -11.30 6.34
N GLY A 205 -6.25 -11.20 7.32
CA GLY A 205 -4.92 -11.88 7.22
C GLY A 205 -5.07 -13.39 7.47
N ASP A 206 -5.18 -14.14 6.41
CA ASP A 206 -5.33 -15.61 6.58
C ASP A 206 -4.74 -16.36 5.38
N PRO A 207 -3.45 -16.23 5.22
CA PRO A 207 -2.73 -16.88 4.13
C PRO A 207 -2.79 -18.40 4.27
N ASP A 208 -2.91 -19.08 3.17
CA ASP A 208 -2.97 -20.56 3.22
C ASP A 208 -3.09 -21.16 1.82
N GLY A 209 -4.32 -21.30 1.36
CA GLY A 209 -4.54 -21.87 0.00
C GLY A 209 -5.45 -23.10 0.09
N GLU A 210 -6.05 -23.28 1.24
CA GLU A 210 -6.95 -24.45 1.43
C GLU A 210 -8.38 -24.10 1.04
N GLU A 211 -9.13 -25.07 0.64
CA GLU A 211 -10.53 -24.80 0.25
C GLU A 211 -11.35 -26.09 0.23
N ASN A 212 -12.64 -25.95 0.35
CA ASN A 212 -13.50 -27.16 0.33
C ASN A 212 -14.96 -26.76 0.14
N GLY A 213 -15.22 -25.49 0.21
CA GLY A 213 -16.62 -24.99 0.03
C GLY A 213 -17.14 -24.36 1.33
N ALA A 214 -17.86 -23.28 1.18
CA ALA A 214 -18.40 -22.60 2.38
C ALA A 214 -19.78 -22.03 2.10
N ASN A 215 -20.39 -22.51 1.04
CA ASN A 215 -21.74 -22.02 0.67
C ASN A 215 -22.65 -23.19 0.31
N GLU A 216 -23.78 -23.26 0.97
CA GLU A 216 -24.73 -24.36 0.69
C GLU A 216 -26.17 -23.86 0.75
N GLY A 217 -26.90 -24.32 1.73
CA GLY A 217 -28.32 -23.87 1.86
C GLY A 217 -29.18 -25.01 2.43
N ASN A 218 -30.44 -24.99 2.09
CA ASN A 218 -31.34 -26.06 2.61
C ASN A 218 -31.17 -27.34 1.80
N LEU A 219 -29.97 -27.58 1.35
CA LEU A 219 -29.71 -28.81 0.55
C LEU A 219 -30.68 -28.93 -0.62
N GLU A 220 -30.54 -29.99 -1.36
CA GLU A 220 -31.45 -30.17 -2.53
C GLU A 220 -31.60 -28.87 -3.31
N MET A 1 -16.97 -1.46 -29.15
CA MET A 1 -16.41 -0.85 -30.39
C MET A 1 -16.39 0.66 -30.27
N GLY A 2 -16.51 1.14 -29.06
CA GLY A 2 -16.50 2.62 -28.86
C GLY A 2 -15.08 3.13 -28.61
N CYS A 3 -14.22 2.23 -28.20
CA CYS A 3 -12.81 2.62 -27.95
C CYS A 3 -12.76 3.88 -27.09
N SER A 4 -12.11 4.89 -27.60
CA SER A 4 -12.00 6.16 -26.83
C SER A 4 -11.91 7.37 -27.76
N GLY A 5 -12.65 7.32 -28.83
CA GLY A 5 -12.61 8.46 -29.79
C GLY A 5 -11.47 8.29 -30.80
N SER A 6 -10.43 9.09 -30.64
CA SER A 6 -9.29 8.97 -31.57
C SER A 6 -7.98 9.31 -30.86
N LYS A 7 -7.19 8.29 -30.63
CA LYS A 7 -5.89 8.53 -29.94
C LYS A 7 -4.78 8.78 -30.95
N ASP A 8 -5.02 8.39 -32.18
CA ASP A 8 -3.98 8.61 -33.22
C ASP A 8 -3.89 10.08 -33.61
N THR A 9 -4.92 10.83 -33.28
CA THR A 9 -4.91 12.27 -33.62
C THR A 9 -3.90 13.02 -32.76
N THR A 10 -4.33 14.12 -32.20
CA THR A 10 -3.41 14.91 -31.35
C THR A 10 -3.19 14.22 -30.01
N ASN A 11 -2.04 14.46 -29.43
CA ASN A 11 -1.73 13.83 -28.12
C ASN A 11 -1.01 14.83 -27.22
N SER A 12 -1.04 14.59 -25.94
CA SER A 12 -0.36 15.52 -25.02
C SER A 12 -0.69 16.96 -25.37
N LYS A 13 -1.91 17.34 -25.10
CA LYS A 13 -2.32 18.74 -25.41
C LYS A 13 -1.23 19.73 -25.03
N ASP A 14 -0.64 20.34 -26.02
CA ASP A 14 0.43 21.33 -25.75
C ASP A 14 -0.14 22.74 -25.74
N GLY A 15 -0.16 23.36 -24.59
CA GLY A 15 -0.69 24.75 -24.50
C GLY A 15 -0.18 25.61 -25.65
N ALA A 16 -1.09 26.17 -26.40
CA ALA A 16 -0.68 27.02 -27.54
C ALA A 16 -0.44 28.46 -27.08
N ALA A 17 0.82 28.81 -26.98
CA ALA A 17 1.15 30.19 -26.54
C ALA A 17 0.32 30.58 -25.32
N SER A 18 0.20 29.67 -24.40
CA SER A 18 -0.58 29.97 -23.18
C SER A 18 0.24 30.78 -22.19
N LYS A 19 -0.28 30.92 -21.00
CA LYS A 19 0.47 31.70 -19.96
C LYS A 19 1.27 30.77 -19.05
N GLY A 20 0.63 30.30 -18.02
CA GLY A 20 1.34 29.39 -17.07
C GLY A 20 0.58 29.32 -15.74
N GLY A 21 0.63 28.19 -15.09
CA GLY A 21 -0.08 28.08 -13.78
C GLY A 21 0.43 26.87 -12.98
N LYS A 22 -0.50 26.04 -12.55
CA LYS A 22 -0.11 24.84 -11.76
C LYS A 22 -0.71 23.57 -12.36
N ASP A 23 -0.13 22.45 -12.04
CA ASP A 23 -0.65 21.16 -12.58
C ASP A 23 0.07 19.98 -11.92
N GLY A 24 1.32 19.85 -12.22
CA GLY A 24 2.12 18.73 -11.62
C GLY A 24 1.35 17.41 -11.65
N LYS A 25 1.27 16.77 -10.52
CA LYS A 25 0.56 15.48 -10.42
C LYS A 25 -0.83 15.53 -11.07
N THR A 26 -1.41 14.37 -11.24
CA THR A 26 -2.75 14.27 -11.86
C THR A 26 -3.34 12.88 -11.59
N THR A 27 -4.34 12.84 -10.74
CA THR A 27 -4.99 11.54 -10.41
C THR A 27 -5.11 10.65 -11.65
N ALA A 28 -5.25 11.25 -12.79
CA ALA A 28 -5.38 10.46 -14.03
C ALA A 28 -4.17 9.56 -14.24
N ASP A 29 -3.06 10.15 -14.51
CA ASP A 29 -1.83 9.34 -14.73
C ASP A 29 -1.51 8.48 -13.51
N ARG A 30 -1.66 9.05 -12.35
CA ARG A 30 -1.36 8.29 -11.11
C ARG A 30 -2.15 6.99 -11.09
N LYS A 31 -3.43 7.08 -11.33
CA LYS A 31 -4.27 5.86 -11.32
C LYS A 31 -3.74 4.83 -12.30
N VAL A 32 -3.29 5.28 -13.44
CA VAL A 32 -2.76 4.32 -14.45
C VAL A 32 -1.58 3.53 -13.89
N ALA A 33 -0.60 4.25 -13.38
CA ALA A 33 0.59 3.56 -12.83
C ALA A 33 0.21 2.69 -11.63
N TRP A 34 -0.63 3.21 -10.78
CA TRP A 34 -1.02 2.42 -9.59
C TRP A 34 -1.96 1.29 -9.99
N GLU A 35 -2.64 1.46 -11.10
CA GLU A 35 -3.56 0.40 -11.55
C GLU A 35 -2.77 -0.82 -12.01
N ARG A 36 -1.67 -0.56 -12.65
CA ARG A 36 -0.83 -1.67 -13.13
C ARG A 36 -0.07 -2.26 -11.96
N ILE A 37 0.46 -1.40 -11.16
CA ILE A 37 1.20 -1.87 -9.99
C ILE A 37 0.26 -2.63 -9.06
N ARG A 38 -0.82 -2.01 -8.72
CA ARG A 38 -1.80 -2.66 -7.82
C ARG A 38 -2.02 -4.10 -8.27
N CYS A 39 -2.29 -4.26 -9.53
CA CYS A 39 -2.52 -5.63 -10.05
C CYS A 39 -1.32 -6.50 -9.79
N ALA A 40 -0.15 -5.90 -9.85
CA ALA A 40 1.08 -6.68 -9.59
C ALA A 40 1.15 -7.15 -8.15
N ILE A 41 1.11 -6.22 -7.23
CA ILE A 41 1.17 -6.61 -5.80
C ILE A 41 -0.04 -7.52 -5.44
N PRO A 42 0.24 -8.68 -4.83
CA PRO A 42 -0.82 -9.62 -4.45
C PRO A 42 -1.81 -9.01 -3.46
N ARG A 43 -3.03 -9.48 -3.52
CA ARG A 43 -4.07 -8.96 -2.60
C ARG A 43 -5.09 -10.06 -2.27
N ASP A 44 -5.26 -10.97 -3.21
CA ASP A 44 -6.23 -12.07 -2.99
C ASP A 44 -5.52 -13.31 -2.45
N LYS A 45 -6.06 -14.46 -2.77
CA LYS A 45 -5.43 -15.73 -2.30
C LYS A 45 -5.47 -16.80 -3.38
N ASP A 46 -5.03 -16.45 -4.57
CA ASP A 46 -5.04 -17.45 -5.68
C ASP A 46 -3.66 -18.07 -5.85
N ALA A 47 -3.54 -18.91 -6.85
CA ALA A 47 -2.23 -19.56 -7.09
C ALA A 47 -1.28 -18.62 -7.81
N GLU A 48 -1.82 -17.79 -8.65
CA GLU A 48 -0.97 -16.83 -9.39
C GLU A 48 -0.14 -15.99 -8.43
N SER A 49 -0.82 -15.33 -7.53
CA SER A 49 -0.10 -14.48 -6.54
C SER A 49 0.90 -15.29 -5.73
N LYS A 50 0.44 -16.41 -5.22
CA LYS A 50 1.36 -17.26 -4.42
C LYS A 50 2.69 -17.45 -5.14
N SER A 51 2.62 -17.67 -6.42
CA SER A 51 3.87 -17.87 -7.19
C SER A 51 4.65 -16.57 -7.30
N ARG A 52 3.93 -15.47 -7.36
CA ARG A 52 4.62 -14.16 -7.47
C ARG A 52 5.39 -13.84 -6.20
N ARG A 53 4.67 -13.61 -5.14
CA ARG A 53 5.35 -13.29 -3.85
C ARG A 53 6.53 -14.23 -3.62
N ILE A 54 6.33 -15.49 -3.93
CA ILE A 54 7.43 -16.47 -3.73
C ILE A 54 8.66 -16.06 -4.52
N GLU A 55 8.46 -15.68 -5.75
CA GLU A 55 9.60 -15.26 -6.59
C GLU A 55 10.11 -13.88 -6.19
N LEU A 56 9.23 -12.91 -6.22
CA LEU A 56 9.65 -11.53 -5.84
C LEU A 56 10.52 -11.56 -4.60
N PHE A 57 10.31 -12.56 -3.78
CA PHE A 57 11.13 -12.65 -2.54
C PHE A 57 12.48 -13.24 -2.87
N LYS A 58 12.48 -14.37 -3.53
CA LYS A 58 13.76 -15.01 -3.89
C LYS A 58 14.70 -13.98 -4.49
N GLN A 59 14.13 -12.89 -4.91
CA GLN A 59 14.96 -11.82 -5.51
C GLN A 59 15.68 -11.01 -4.44
N PHE A 60 14.92 -10.46 -3.52
CA PHE A 60 15.55 -9.66 -2.44
C PHE A 60 16.60 -10.49 -1.69
N ASP A 61 16.60 -11.77 -1.93
CA ASP A 61 17.59 -12.63 -1.25
C ASP A 61 19.01 -12.30 -1.69
N THR A 62 19.24 -11.06 -2.02
CA THR A 62 20.59 -10.67 -2.45
C THR A 62 21.62 -11.01 -1.39
N ASN A 63 21.15 -11.30 -0.20
CA ASN A 63 22.07 -11.66 0.90
C ASN A 63 22.13 -13.17 1.10
N GLY A 64 21.01 -13.81 0.94
CA GLY A 64 20.97 -15.30 1.13
C GLY A 64 20.88 -15.64 2.62
N THR A 65 19.70 -15.50 3.16
CA THR A 65 19.52 -15.82 4.60
C THR A 65 18.14 -16.40 4.86
N GLY A 66 17.14 -15.79 4.26
CA GLY A 66 15.74 -16.28 4.46
C GLY A 66 14.91 -15.26 5.23
N LYS A 67 15.53 -14.15 5.55
CA LYS A 67 14.80 -13.09 6.31
C LYS A 67 15.65 -11.82 6.40
N LEU A 68 15.35 -10.87 5.56
CA LEU A 68 16.12 -9.61 5.58
C LEU A 68 15.44 -8.56 6.47
N GLY A 69 16.10 -7.45 6.64
CA GLY A 69 15.50 -6.37 7.49
C GLY A 69 14.75 -5.36 6.61
N PHE A 70 14.47 -4.21 7.18
CA PHE A 70 13.74 -3.18 6.41
C PHE A 70 14.64 -2.54 5.34
N ARG A 71 15.69 -1.90 5.78
CA ARG A 71 16.61 -1.25 4.82
C ARG A 71 16.92 -2.17 3.63
N GLU A 72 17.09 -3.44 3.92
CA GLU A 72 17.39 -4.38 2.82
C GLU A 72 16.27 -4.37 1.79
N VAL A 73 15.08 -4.65 2.24
CA VAL A 73 13.93 -4.66 1.30
C VAL A 73 13.80 -3.30 0.62
N LEU A 74 14.02 -2.25 1.37
CA LEU A 74 13.91 -0.89 0.78
C LEU A 74 14.60 -0.85 -0.58
N ASP A 75 15.90 -0.99 -0.56
CA ASP A 75 16.66 -0.97 -1.82
C ASP A 75 16.07 -1.95 -2.84
N GLY A 76 15.66 -3.10 -2.37
CA GLY A 76 15.07 -4.09 -3.29
C GLY A 76 13.99 -3.44 -4.17
N CYS A 77 12.90 -3.07 -3.56
CA CYS A 77 11.82 -2.42 -4.33
C CYS A 77 12.26 -1.06 -4.86
N TYR A 78 12.73 -0.25 -3.96
CA TYR A 78 13.19 1.10 -4.36
C TYR A 78 14.06 1.04 -5.61
N GLY A 79 14.66 -0.11 -5.85
CA GLY A 79 15.54 -0.25 -7.07
C GLY A 79 14.88 -1.15 -8.11
N ILE A 80 14.32 -2.24 -7.67
CA ILE A 80 13.66 -3.17 -8.64
C ILE A 80 12.25 -2.71 -8.96
N LEU A 81 11.41 -2.70 -7.97
CA LEU A 81 10.01 -2.28 -8.19
C LEU A 81 9.94 -0.80 -8.57
N LYS A 82 10.84 -0.02 -8.04
CA LYS A 82 10.84 1.43 -8.36
C LYS A 82 9.46 2.02 -8.14
N LEU A 83 9.10 2.20 -6.90
CA LEU A 83 7.76 2.77 -6.60
C LEU A 83 7.77 4.29 -6.81
N ASP A 84 8.94 4.84 -6.97
CA ASP A 84 9.04 6.31 -7.18
C ASP A 84 8.27 6.76 -8.42
N GLU A 85 8.28 5.94 -9.43
CA GLU A 85 7.56 6.29 -10.69
C GLU A 85 6.17 6.87 -10.41
N PHE A 86 5.34 6.09 -9.76
CA PHE A 86 3.97 6.57 -9.46
C PHE A 86 3.97 7.65 -8.37
N THR A 87 4.28 7.25 -7.18
CA THR A 87 4.32 8.22 -6.05
C THR A 87 5.72 8.73 -5.78
N THR A 88 5.85 10.05 -5.67
CA THR A 88 7.20 10.61 -5.40
C THR A 88 7.40 10.75 -3.89
N HIS A 89 7.66 9.63 -3.28
CA HIS A 89 7.89 9.56 -1.80
C HIS A 89 7.50 8.17 -1.32
N LEU A 90 8.35 7.22 -1.63
CA LEU A 90 8.07 5.82 -1.22
C LEU A 90 8.85 5.33 0.03
N PRO A 91 9.82 6.11 0.53
CA PRO A 91 10.58 5.69 1.71
C PRO A 91 9.73 5.70 2.99
N ASP A 92 8.76 6.58 3.04
CA ASP A 92 7.89 6.65 4.24
C ASP A 92 6.82 5.55 4.25
N ILE A 93 6.14 5.40 3.16
CA ILE A 93 5.08 4.36 3.11
C ILE A 93 5.66 2.94 3.25
N VAL A 94 6.78 2.70 2.62
CA VAL A 94 7.38 1.35 2.72
C VAL A 94 7.86 1.10 4.14
N GLN A 95 8.50 2.07 4.73
CA GLN A 95 8.99 1.88 6.12
C GLN A 95 7.81 1.57 7.04
N ARG A 96 6.73 2.26 6.86
CA ARG A 96 5.54 2.03 7.71
C ARG A 96 5.10 0.57 7.61
N ALA A 97 4.87 0.14 6.41
CA ALA A 97 4.43 -1.28 6.22
C ALA A 97 5.35 -2.24 6.94
N PHE A 98 6.62 -2.18 6.62
CA PHE A 98 7.59 -3.10 7.30
C PHE A 98 7.31 -3.18 8.80
N ASP A 99 7.39 -2.06 9.46
CA ASP A 99 7.13 -2.05 10.92
C ASP A 99 5.83 -2.76 11.28
N LYS A 100 4.72 -2.14 10.94
CA LYS A 100 3.41 -2.78 11.26
C LYS A 100 3.39 -4.24 10.85
N ALA A 101 3.75 -4.51 9.64
CA ALA A 101 3.75 -5.92 9.16
C ALA A 101 4.33 -6.86 10.23
N LYS A 102 5.35 -6.40 10.90
CA LYS A 102 5.98 -7.25 11.95
C LYS A 102 5.08 -7.37 13.17
N ASP A 103 4.54 -6.25 13.60
CA ASP A 103 3.66 -6.28 14.79
C ASP A 103 2.40 -7.10 14.55
N LEU A 104 1.81 -6.92 13.39
CA LEU A 104 0.57 -7.69 13.08
C LEU A 104 0.90 -9.03 12.43
N GLY A 105 2.09 -9.15 11.91
CA GLY A 105 2.48 -10.43 11.26
C GLY A 105 2.78 -11.52 12.30
N ASN A 106 2.44 -11.24 13.55
CA ASN A 106 2.69 -12.24 14.63
C ASN A 106 1.44 -12.50 15.47
N LYS A 107 0.47 -11.63 15.34
CA LYS A 107 -0.77 -11.83 16.12
C LYS A 107 -1.49 -13.10 15.69
N VAL A 108 -1.23 -13.54 14.48
CA VAL A 108 -1.90 -14.78 14.00
C VAL A 108 -1.88 -15.84 15.08
N LYS A 109 -0.73 -16.05 15.64
CA LYS A 109 -0.61 -17.06 16.71
C LYS A 109 -0.76 -16.38 18.07
N GLY A 110 -0.82 -15.08 18.06
CA GLY A 110 -0.96 -14.32 19.33
C GLY A 110 0.35 -14.36 20.12
N VAL A 111 1.31 -13.62 19.64
CA VAL A 111 2.62 -13.58 20.33
C VAL A 111 3.36 -12.28 20.03
N GLY A 112 4.45 -12.06 20.72
CA GLY A 112 5.22 -10.82 20.48
C GLY A 112 5.77 -10.80 19.06
N GLU A 113 6.84 -10.07 18.85
CA GLU A 113 7.44 -10.00 17.51
C GLU A 113 8.95 -9.85 17.59
N GLU A 114 9.63 -10.22 16.54
CA GLU A 114 11.11 -10.09 16.53
C GLU A 114 11.55 -8.80 15.86
N ASP A 115 12.03 -8.93 14.65
CA ASP A 115 12.48 -7.71 13.92
C ASP A 115 12.65 -8.00 12.43
N LEU A 116 13.52 -8.92 12.12
CA LEU A 116 13.74 -9.27 10.70
C LEU A 116 12.46 -9.80 10.07
N VAL A 117 12.22 -9.41 8.84
CA VAL A 117 10.99 -9.90 8.16
C VAL A 117 11.22 -11.28 7.56
N GLU A 118 10.14 -11.98 7.33
CA GLU A 118 10.26 -13.35 6.75
C GLU A 118 9.12 -13.64 5.79
N PHE A 119 9.12 -14.80 5.22
CA PHE A 119 8.04 -15.16 4.27
C PHE A 119 6.68 -14.77 4.82
N LEU A 120 6.47 -15.02 6.09
CA LEU A 120 5.17 -14.67 6.71
C LEU A 120 4.99 -13.15 6.75
N GLU A 121 5.75 -12.51 7.60
CA GLU A 121 5.64 -11.04 7.72
C GLU A 121 5.75 -10.38 6.36
N PHE A 122 6.45 -11.02 5.46
CA PHE A 122 6.60 -10.44 4.10
C PHE A 122 5.25 -10.32 3.43
N ARG A 123 4.52 -11.40 3.40
CA ARG A 123 3.19 -11.37 2.75
C ARG A 123 2.31 -10.28 3.37
N LEU A 124 2.31 -10.22 4.67
CA LEU A 124 1.49 -9.19 5.36
C LEU A 124 1.94 -7.79 4.94
N MET A 125 3.21 -7.64 4.70
CA MET A 125 3.73 -6.30 4.31
C MET A 125 3.19 -5.91 2.93
N LEU A 126 3.46 -6.73 1.94
CA LEU A 126 2.97 -6.41 0.59
C LEU A 126 1.52 -5.94 0.63
N CYS A 127 0.69 -6.68 1.31
CA CYS A 127 -0.73 -6.30 1.39
C CYS A 127 -0.86 -4.89 1.98
N TYR A 128 -0.07 -4.60 2.97
CA TYR A 128 -0.14 -3.26 3.60
C TYR A 128 0.01 -2.16 2.56
N ILE A 129 0.99 -2.31 1.71
CA ILE A 129 1.22 -1.28 0.66
C ILE A 129 0.09 -1.31 -0.38
N TYR A 130 -0.22 -2.48 -0.86
CA TYR A 130 -1.30 -2.59 -1.87
C TYR A 130 -2.53 -1.81 -1.44
N ASP A 131 -2.88 -1.98 -0.19
CA ASP A 131 -4.07 -1.27 0.34
C ASP A 131 -3.83 0.24 0.45
N ILE A 132 -2.92 0.62 1.30
CA ILE A 132 -2.64 2.07 1.46
C ILE A 132 -2.54 2.78 0.11
N PHE A 133 -2.07 2.09 -0.90
CA PHE A 133 -1.97 2.74 -2.24
C PHE A 133 -3.37 2.97 -2.79
N GLU A 134 -4.17 1.95 -2.72
CA GLU A 134 -5.56 2.07 -3.24
C GLU A 134 -6.32 3.17 -2.52
N LEU A 135 -6.29 3.14 -1.22
CA LEU A 135 -7.01 4.18 -0.43
C LEU A 135 -6.64 5.59 -0.91
N THR A 136 -5.37 5.89 -0.87
CA THR A 136 -4.93 7.25 -1.31
C THR A 136 -5.55 7.66 -2.63
N VAL A 137 -5.42 6.83 -3.63
CA VAL A 137 -6.02 7.18 -4.95
C VAL A 137 -7.54 7.09 -4.92
N MET A 138 -8.07 6.48 -3.89
CA MET A 138 -9.55 6.36 -3.81
C MET A 138 -10.17 7.60 -3.17
N PHE A 139 -9.39 8.27 -2.35
CA PHE A 139 -9.92 9.51 -1.69
C PHE A 139 -9.64 10.73 -2.54
N ASP A 140 -8.44 10.83 -3.05
CA ASP A 140 -8.11 12.00 -3.88
C ASP A 140 -9.17 12.23 -4.94
N THR A 141 -10.07 11.28 -5.09
CA THR A 141 -11.14 11.43 -6.10
C THR A 141 -12.33 12.20 -5.53
N MET A 142 -12.64 11.94 -4.28
CA MET A 142 -13.80 12.65 -3.66
C MET A 142 -13.33 13.90 -2.93
N ASP A 143 -12.74 14.81 -3.67
CA ASP A 143 -12.26 16.06 -3.03
C ASP A 143 -11.84 17.08 -4.08
N LYS A 144 -11.58 18.29 -3.64
CA LYS A 144 -11.16 19.34 -4.60
C LYS A 144 -9.98 18.87 -5.43
N ASP A 145 -8.80 19.11 -4.94
CA ASP A 145 -7.60 18.70 -5.68
C ASP A 145 -6.33 19.05 -4.90
N GLY A 146 -5.24 18.46 -5.29
CA GLY A 146 -3.96 18.75 -4.58
C GLY A 146 -4.17 18.77 -3.07
N SER A 147 -4.31 17.60 -2.49
CA SER A 147 -4.53 17.54 -1.02
C SER A 147 -4.10 16.18 -0.48
N LEU A 148 -4.29 15.99 0.81
CA LEU A 148 -3.91 14.69 1.41
C LEU A 148 -4.58 14.51 2.78
N LEU A 149 -5.39 15.46 3.14
CA LEU A 149 -6.09 15.38 4.45
C LEU A 149 -7.50 14.84 4.26
N LEU A 150 -8.22 14.72 5.35
CA LEU A 150 -9.61 14.20 5.25
C LEU A 150 -10.52 14.88 6.27
N GLU A 151 -11.66 15.33 5.81
CA GLU A 151 -12.62 16.02 6.73
C GLU A 151 -13.88 15.18 6.92
N LEU A 152 -14.59 15.47 7.97
CA LEU A 152 -15.84 14.71 8.25
C LEU A 152 -16.64 14.48 6.97
N GLN A 153 -16.48 15.37 6.04
CA GLN A 153 -17.23 15.21 4.76
C GLN A 153 -16.79 13.95 4.03
N GLU A 154 -15.55 13.93 3.61
CA GLU A 154 -15.06 12.73 2.89
C GLU A 154 -15.22 11.50 3.76
N PHE A 155 -15.06 11.68 5.04
CA PHE A 155 -15.20 10.54 5.98
C PHE A 155 -16.55 9.87 5.80
N LYS A 156 -17.59 10.66 5.81
CA LYS A 156 -18.95 10.07 5.65
C LYS A 156 -19.07 9.36 4.31
N GLU A 157 -18.54 9.98 3.28
CA GLU A 157 -18.61 9.35 1.94
C GLU A 157 -17.60 8.22 1.82
N ALA A 158 -16.64 8.23 2.71
CA ALA A 158 -15.61 7.16 2.66
C ALA A 158 -16.19 5.82 3.13
N LEU A 159 -16.96 5.86 4.20
CA LEU A 159 -17.54 4.59 4.70
C LEU A 159 -18.07 3.73 3.54
N PRO A 160 -18.97 4.29 2.74
CA PRO A 160 -19.51 3.56 1.61
C PRO A 160 -18.38 3.13 0.68
N LYS A 161 -17.59 4.09 0.28
CA LYS A 161 -16.47 3.77 -0.63
C LYS A 161 -15.54 2.76 0.04
N LEU A 162 -15.62 2.69 1.35
CA LEU A 162 -14.75 1.74 2.09
C LEU A 162 -15.41 0.37 2.14
N LYS A 163 -16.68 0.36 2.48
CA LYS A 163 -17.38 -0.94 2.56
C LYS A 163 -17.06 -1.78 1.33
N GLU A 164 -17.08 -1.14 0.19
CA GLU A 164 -16.80 -1.89 -1.06
C GLU A 164 -15.33 -2.32 -1.09
N TRP A 165 -14.48 -1.46 -0.59
CA TRP A 165 -13.03 -1.78 -0.57
C TRP A 165 -12.79 -3.14 0.07
N GLY A 166 -13.08 -3.23 1.34
CA GLY A 166 -12.88 -4.52 2.06
C GLY A 166 -13.24 -4.35 3.53
N VAL A 167 -13.11 -3.14 4.02
CA VAL A 167 -13.44 -2.87 5.45
C VAL A 167 -14.95 -2.95 5.67
N ASP A 168 -15.38 -2.59 6.85
CA ASP A 168 -16.85 -2.64 7.11
C ASP A 168 -17.25 -1.68 8.23
N ILE A 169 -16.42 -1.60 9.25
CA ILE A 169 -16.70 -0.69 10.39
C ILE A 169 -18.12 -0.88 10.94
N THR A 170 -18.45 -0.10 11.94
CA THR A 170 -19.80 -0.19 12.54
C THR A 170 -20.31 1.20 12.88
N ASP A 171 -19.41 2.01 13.39
CA ASP A 171 -19.76 3.40 13.76
C ASP A 171 -18.83 4.36 13.04
N ALA A 172 -19.38 5.40 12.48
CA ALA A 172 -18.52 6.37 11.76
C ALA A 172 -17.97 7.44 12.69
N THR A 173 -18.77 8.44 12.95
CA THR A 173 -18.32 9.55 13.84
C THR A 173 -17.47 9.03 15.01
N THR A 174 -17.89 7.95 15.59
CA THR A 174 -17.12 7.39 16.73
C THR A 174 -15.70 7.02 16.29
N VAL A 175 -15.60 6.19 15.29
CA VAL A 175 -14.26 5.79 14.82
C VAL A 175 -13.44 7.00 14.40
N PHE A 176 -14.06 7.89 13.66
CA PHE A 176 -13.32 9.10 13.21
C PHE A 176 -12.55 9.70 14.37
N ASN A 177 -13.17 9.75 15.51
CA ASN A 177 -12.48 10.32 16.70
C ASN A 177 -11.44 9.34 17.24
N GLU A 178 -11.67 8.07 17.03
CA GLU A 178 -10.70 7.07 17.52
C GLU A 178 -9.37 7.17 16.79
N ILE A 179 -9.44 7.52 15.53
CA ILE A 179 -8.18 7.65 14.74
C ILE A 179 -7.56 9.02 14.96
N ASP A 180 -8.38 10.02 15.10
CA ASP A 180 -7.85 11.39 15.31
C ASP A 180 -7.47 11.59 16.77
N THR A 181 -8.47 11.76 17.61
CA THR A 181 -8.21 11.96 19.05
C THR A 181 -6.96 12.81 19.29
N ASN A 182 -6.70 13.70 18.38
CA ASN A 182 -5.50 14.56 18.52
C ASN A 182 -5.76 15.96 17.98
N GLY A 183 -6.13 16.03 16.73
CA GLY A 183 -6.41 17.36 16.13
C GLY A 183 -7.90 17.69 16.22
N SER A 184 -8.72 16.67 16.15
CA SER A 184 -10.19 16.91 16.23
C SER A 184 -10.65 17.83 15.11
N GLY A 185 -11.05 17.26 14.02
CA GLY A 185 -11.53 18.09 12.88
C GLY A 185 -11.19 17.43 11.54
N VAL A 186 -9.98 16.98 11.41
CA VAL A 186 -9.58 16.32 10.15
C VAL A 186 -8.55 15.22 10.40
N VAL A 187 -8.15 14.56 9.34
CA VAL A 187 -7.15 13.48 9.51
C VAL A 187 -6.29 13.36 8.25
N THR A 188 -5.13 12.78 8.40
CA THR A 188 -4.23 12.62 7.23
C THR A 188 -4.36 11.23 6.62
N PHE A 189 -4.12 11.14 5.34
CA PHE A 189 -4.22 9.81 4.68
C PHE A 189 -3.50 8.75 5.49
N ASP A 190 -2.21 8.92 5.62
CA ASP A 190 -1.40 7.94 6.40
C ASP A 190 -2.13 7.50 7.66
N GLU A 191 -2.88 8.39 8.24
CA GLU A 191 -3.61 8.02 9.48
C GLU A 191 -4.88 7.26 9.14
N PHE A 192 -5.80 7.95 8.52
CA PHE A 192 -7.08 7.28 8.16
C PHE A 192 -6.79 5.98 7.40
N SER A 193 -5.82 6.03 6.52
CA SER A 193 -5.46 4.82 5.74
C SER A 193 -5.00 3.70 6.67
N CYS A 194 -4.11 4.04 7.57
CA CYS A 194 -3.61 2.99 8.50
C CYS A 194 -4.76 2.18 9.09
N TRP A 195 -5.68 2.84 9.71
CA TRP A 195 -6.83 2.10 10.31
C TRP A 195 -7.45 1.16 9.29
N ALA A 196 -7.72 1.67 8.11
CA ALA A 196 -8.33 0.79 7.07
C ALA A 196 -7.42 -0.39 6.76
N VAL A 197 -6.31 -0.13 6.11
CA VAL A 197 -5.36 -1.23 5.77
C VAL A 197 -5.29 -2.26 6.87
N THR A 198 -4.82 -1.86 8.02
CA THR A 198 -4.72 -2.81 9.16
C THR A 198 -5.97 -3.67 9.26
N LYS A 199 -7.08 -3.05 9.56
CA LYS A 199 -8.33 -3.83 9.68
C LYS A 199 -8.47 -4.82 8.53
N LYS A 200 -8.44 -4.29 7.33
CA LYS A 200 -8.56 -5.18 6.15
C LYS A 200 -7.51 -6.28 6.22
N LEU A 201 -6.30 -5.91 6.55
CA LEU A 201 -5.23 -6.92 6.65
C LEU A 201 -5.53 -7.94 7.74
N GLN A 202 -6.21 -7.49 8.76
CA GLN A 202 -6.53 -8.42 9.87
C GLN A 202 -7.78 -9.23 9.54
N VAL A 203 -8.57 -8.72 8.64
CA VAL A 203 -9.80 -9.45 8.26
C VAL A 203 -9.45 -10.58 7.32
N CYS A 204 -8.33 -10.42 6.64
CA CYS A 204 -7.89 -11.46 5.68
C CYS A 204 -6.73 -12.25 6.26
N GLY A 205 -6.47 -12.05 7.53
CA GLY A 205 -5.34 -12.79 8.17
C GLY A 205 -5.58 -14.29 8.11
N ASP A 206 -4.83 -15.04 8.87
CA ASP A 206 -5.02 -16.51 8.86
C ASP A 206 -5.04 -17.02 7.42
N PRO A 207 -3.87 -17.04 6.81
CA PRO A 207 -3.72 -17.49 5.43
C PRO A 207 -4.14 -18.96 5.28
N ASP A 208 -4.28 -19.39 4.06
CA ASP A 208 -4.68 -20.80 3.82
C ASP A 208 -3.58 -21.76 4.25
N GLY A 209 -2.41 -21.58 3.71
CA GLY A 209 -1.27 -22.47 4.10
C GLY A 209 -1.58 -23.91 3.67
N GLU A 210 -2.24 -24.63 4.54
CA GLU A 210 -2.58 -26.04 4.21
C GLU A 210 -3.88 -26.11 3.43
N GLU A 211 -3.98 -27.07 2.55
CA GLU A 211 -5.22 -27.20 1.75
C GLU A 211 -5.30 -28.56 1.06
N ASN A 212 -6.12 -28.64 0.05
CA ASN A 212 -6.27 -29.93 -0.69
C ASN A 212 -6.04 -29.72 -2.18
N GLY A 213 -5.38 -28.64 -2.51
CA GLY A 213 -5.11 -28.35 -3.94
C GLY A 213 -3.82 -29.04 -4.39
N ALA A 214 -3.84 -30.34 -4.41
CA ALA A 214 -2.62 -31.09 -4.83
C ALA A 214 -2.56 -31.20 -6.34
N ASN A 215 -3.57 -30.72 -7.01
CA ASN A 215 -3.58 -30.81 -8.49
C ASN A 215 -2.91 -29.58 -9.11
N GLU A 216 -3.54 -29.04 -10.12
CA GLU A 216 -2.95 -27.85 -10.79
C GLU A 216 -1.68 -28.22 -11.54
N GLY A 217 -1.19 -27.30 -12.33
CA GLY A 217 0.05 -27.58 -13.11
C GLY A 217 -0.30 -28.27 -14.43
N ASN A 218 -0.95 -27.56 -15.29
CA ASN A 218 -1.34 -28.15 -16.59
C ASN A 218 -0.13 -28.27 -17.52
N LEU A 219 0.98 -27.72 -17.10
CA LEU A 219 2.19 -27.79 -17.94
C LEU A 219 3.45 -27.61 -17.11
N GLU A 220 3.26 -27.14 -15.91
CA GLU A 220 4.42 -26.92 -15.01
C GLU A 220 4.69 -28.17 -14.17
N MET A 1 39.93 47.83 -17.51
CA MET A 1 38.69 48.29 -16.84
C MET A 1 37.85 49.12 -17.81
N GLY A 2 36.57 49.12 -17.58
CA GLY A 2 35.68 49.91 -18.49
C GLY A 2 34.22 49.73 -18.08
N CYS A 3 33.35 49.75 -19.05
CA CYS A 3 31.90 49.58 -18.75
C CYS A 3 31.50 48.10 -18.80
N SER A 4 30.31 47.82 -18.37
CA SER A 4 29.84 46.41 -18.39
C SER A 4 29.90 45.85 -19.80
N GLY A 5 30.93 45.10 -20.09
CA GLY A 5 31.06 44.51 -21.45
C GLY A 5 29.80 43.72 -21.81
N SER A 6 29.00 43.45 -20.82
CA SER A 6 27.75 42.68 -21.09
C SER A 6 26.80 42.76 -19.90
N LYS A 7 26.23 41.64 -19.56
CA LYS A 7 25.28 41.61 -18.41
C LYS A 7 25.36 40.28 -17.69
N ASP A 8 25.38 40.34 -16.37
CA ASP A 8 25.45 39.10 -15.57
C ASP A 8 24.21 38.94 -14.69
N THR A 9 24.40 38.40 -13.52
CA THR A 9 23.24 38.21 -12.62
C THR A 9 22.16 37.36 -13.28
N THR A 10 21.09 37.15 -12.57
CA THR A 10 19.97 36.33 -13.13
C THR A 10 20.51 35.11 -13.87
N ASN A 11 21.62 34.60 -13.40
CA ASN A 11 22.20 33.41 -14.06
C ASN A 11 21.43 32.16 -13.69
N SER A 12 21.70 31.08 -14.40
CA SER A 12 21.00 29.80 -14.11
C SER A 12 21.92 28.85 -13.37
N LYS A 13 22.84 29.39 -12.61
CA LYS A 13 23.77 28.52 -11.86
C LYS A 13 24.42 27.50 -12.78
N ASP A 14 25.08 26.54 -12.20
CA ASP A 14 25.75 25.51 -13.03
C ASP A 14 25.88 24.20 -12.27
N GLY A 15 24.77 23.53 -12.10
CA GLY A 15 24.80 22.24 -11.36
C GLY A 15 23.57 21.40 -11.69
N ALA A 16 22.53 21.59 -10.91
CA ALA A 16 21.26 20.83 -11.14
C ALA A 16 20.14 21.77 -11.55
N ALA A 17 19.08 21.21 -12.05
CA ALA A 17 17.94 22.07 -12.47
C ALA A 17 18.31 22.91 -13.67
N SER A 18 17.41 23.00 -14.60
CA SER A 18 17.70 23.80 -15.82
C SER A 18 16.43 24.44 -16.36
N LYS A 19 15.31 24.01 -15.85
CA LYS A 19 14.03 24.58 -16.32
C LYS A 19 12.86 24.08 -15.47
N GLY A 20 11.72 24.67 -15.67
CA GLY A 20 10.54 24.23 -14.88
C GLY A 20 10.72 24.61 -13.41
N GLY A 21 9.97 23.96 -12.55
CA GLY A 21 10.09 24.27 -11.10
C GLY A 21 8.90 23.70 -10.33
N LYS A 22 9.03 22.45 -9.92
CA LYS A 22 7.93 21.80 -9.17
C LYS A 22 6.61 21.84 -9.94
N ASP A 23 5.62 21.16 -9.41
CA ASP A 23 4.30 21.14 -10.09
C ASP A 23 3.38 20.13 -9.42
N GLY A 24 2.25 20.61 -8.96
CA GLY A 24 1.29 19.68 -8.29
C GLY A 24 1.03 18.45 -9.17
N LYS A 25 1.19 17.29 -8.59
CA LYS A 25 0.96 16.05 -9.37
C LYS A 25 -0.51 15.89 -9.74
N THR A 26 -0.76 15.24 -10.85
CA THR A 26 -2.17 15.03 -11.30
C THR A 26 -2.59 13.58 -11.10
N THR A 27 -3.73 13.40 -10.51
CA THR A 27 -4.23 12.01 -10.27
C THR A 27 -4.11 11.17 -11.54
N ALA A 28 -4.13 11.82 -12.66
CA ALA A 28 -4.03 11.07 -13.94
C ALA A 28 -2.79 10.19 -13.97
N ASP A 29 -1.65 10.81 -13.82
CA ASP A 29 -0.39 10.01 -13.83
C ASP A 29 -0.34 9.04 -12.66
N ARG A 30 -0.99 9.40 -11.58
CA ARG A 30 -0.99 8.51 -10.39
C ARG A 30 -1.90 7.30 -10.62
N LYS A 31 -3.03 7.54 -11.21
CA LYS A 31 -3.97 6.42 -11.45
C LYS A 31 -3.37 5.38 -12.39
N VAL A 32 -2.98 5.82 -13.56
CA VAL A 32 -2.38 4.88 -14.55
C VAL A 32 -1.23 4.09 -13.94
N ALA A 33 -0.25 4.78 -13.42
CA ALA A 33 0.90 4.08 -12.81
C ALA A 33 0.47 3.15 -11.67
N TRP A 34 -0.62 3.48 -11.01
CA TRP A 34 -1.08 2.62 -9.90
C TRP A 34 -1.92 1.46 -10.43
N GLU A 35 -2.31 1.57 -11.68
CA GLU A 35 -3.13 0.50 -12.28
C GLU A 35 -2.22 -0.63 -12.71
N ARG A 36 -1.07 -0.27 -13.24
CA ARG A 36 -0.11 -1.30 -13.69
C ARG A 36 0.56 -1.90 -12.48
N ILE A 37 0.82 -1.07 -11.52
CA ILE A 37 1.47 -1.56 -10.29
C ILE A 37 0.51 -2.46 -9.54
N ARG A 38 -0.64 -1.91 -9.22
CA ARG A 38 -1.66 -2.71 -8.50
C ARG A 38 -1.73 -4.12 -9.08
N CYS A 39 -1.80 -4.18 -10.37
CA CYS A 39 -1.87 -5.51 -11.03
C CYS A 39 -0.59 -6.29 -10.80
N ALA A 40 0.51 -5.59 -10.67
CA ALA A 40 1.80 -6.28 -10.44
C ALA A 40 1.92 -6.77 -9.00
N ILE A 41 1.02 -6.29 -8.16
CA ILE A 41 1.04 -6.71 -6.73
C ILE A 41 -0.27 -7.43 -6.37
N PRO A 42 -0.28 -8.75 -6.52
CA PRO A 42 -1.47 -9.53 -6.20
C PRO A 42 -1.83 -9.46 -4.72
N ARG A 43 -3.03 -9.86 -4.39
CA ARG A 43 -3.45 -9.83 -2.97
C ARG A 43 -4.37 -11.00 -2.65
N ASP A 44 -5.25 -11.32 -3.55
CA ASP A 44 -6.18 -12.45 -3.30
C ASP A 44 -5.43 -13.72 -2.95
N LYS A 45 -6.16 -14.74 -2.56
CA LYS A 45 -5.51 -16.03 -2.21
C LYS A 45 -5.66 -17.04 -3.33
N ASP A 46 -5.08 -16.73 -4.47
CA ASP A 46 -5.17 -17.66 -5.63
C ASP A 46 -3.80 -18.25 -5.97
N ALA A 47 -3.76 -18.99 -7.03
CA ALA A 47 -2.46 -19.60 -7.42
C ALA A 47 -1.49 -18.54 -7.93
N GLU A 48 -2.01 -17.56 -8.60
CA GLU A 48 -1.14 -16.48 -9.13
C GLU A 48 -0.52 -15.68 -7.99
N SER A 49 -1.31 -15.42 -6.98
CA SER A 49 -0.81 -14.64 -5.83
C SER A 49 0.39 -15.34 -5.20
N LYS A 50 0.30 -16.64 -5.07
CA LYS A 50 1.43 -17.39 -4.47
C LYS A 50 2.65 -17.37 -5.38
N SER A 51 2.56 -18.05 -6.47
CA SER A 51 3.71 -18.10 -7.43
C SER A 51 4.43 -16.75 -7.49
N ARG A 52 3.68 -15.69 -7.35
CA ARG A 52 4.31 -14.35 -7.39
C ARG A 52 5.13 -14.09 -6.13
N ARG A 53 4.55 -14.32 -4.99
CA ARG A 53 5.28 -14.09 -3.72
C ARG A 53 6.57 -14.92 -3.68
N ILE A 54 6.56 -16.04 -4.32
CA ILE A 54 7.79 -16.89 -4.32
C ILE A 54 8.89 -16.23 -5.12
N GLU A 55 8.55 -15.79 -6.31
CA GLU A 55 9.57 -15.13 -7.17
C GLU A 55 10.07 -13.83 -6.53
N LEU A 56 9.20 -12.86 -6.45
CA LEU A 56 9.61 -11.55 -5.85
C LEU A 56 10.44 -11.75 -4.59
N PHE A 57 10.00 -12.63 -3.72
CA PHE A 57 10.78 -12.86 -2.48
C PHE A 57 12.16 -13.40 -2.81
N LYS A 58 12.20 -14.51 -3.49
CA LYS A 58 13.52 -15.08 -3.85
C LYS A 58 14.41 -14.01 -4.46
N GLN A 59 13.80 -12.95 -4.92
CA GLN A 59 14.59 -11.86 -5.54
C GLN A 59 15.47 -11.18 -4.49
N PHE A 60 14.88 -10.36 -3.66
CA PHE A 60 15.68 -9.68 -2.62
C PHE A 60 16.62 -10.68 -1.95
N ASP A 61 16.13 -11.86 -1.73
CA ASP A 61 16.98 -12.90 -1.07
C ASP A 61 18.11 -13.33 -2.00
N THR A 62 19.26 -13.54 -1.43
CA THR A 62 20.41 -13.97 -2.25
C THR A 62 20.38 -15.47 -2.49
N ASN A 63 19.38 -16.11 -1.95
CA ASN A 63 19.27 -17.58 -2.14
C ASN A 63 17.96 -18.10 -1.59
N GLY A 64 17.71 -17.83 -0.34
CA GLY A 64 16.44 -18.30 0.27
C GLY A 64 16.61 -18.47 1.78
N THR A 65 17.58 -17.77 2.33
CA THR A 65 17.80 -17.88 3.80
C THR A 65 16.64 -17.29 4.58
N GLY A 66 16.32 -16.05 4.25
CA GLY A 66 15.19 -15.39 4.97
C GLY A 66 15.72 -14.35 5.95
N LYS A 67 16.73 -13.62 5.53
CA LYS A 67 17.32 -12.58 6.41
C LYS A 67 17.55 -11.29 5.65
N LEU A 68 16.49 -10.72 5.17
CA LEU A 68 16.62 -9.46 4.40
C LEU A 68 16.75 -8.26 5.34
N GLY A 69 15.82 -7.35 5.23
CA GLY A 69 15.86 -6.15 6.11
C GLY A 69 15.22 -4.96 5.40
N PHE A 70 14.54 -4.13 6.15
CA PHE A 70 13.89 -2.95 5.52
C PHE A 70 14.84 -2.26 4.55
N ARG A 71 15.99 -1.90 5.04
CA ARG A 71 16.98 -1.22 4.15
C ARG A 71 17.04 -1.89 2.79
N GLU A 72 17.29 -3.18 2.79
CA GLU A 72 17.36 -3.91 1.51
C GLU A 72 16.01 -3.92 0.82
N VAL A 73 15.02 -4.43 1.50
CA VAL A 73 13.66 -4.47 0.88
C VAL A 73 13.33 -3.14 0.23
N LEU A 74 13.45 -2.08 0.99
CA LEU A 74 13.14 -0.74 0.44
C LEU A 74 13.80 -0.57 -0.93
N ASP A 75 15.11 -0.54 -0.93
CA ASP A 75 15.84 -0.38 -2.20
C ASP A 75 15.40 -1.43 -3.23
N GLY A 76 15.00 -2.58 -2.74
CA GLY A 76 14.55 -3.66 -3.68
C GLY A 76 13.42 -3.17 -4.58
N CYS A 77 12.29 -2.88 -3.99
CA CYS A 77 11.14 -2.40 -4.79
C CYS A 77 11.41 -1.00 -5.34
N TYR A 78 12.43 -0.38 -4.82
CA TYR A 78 12.77 0.99 -5.29
C TYR A 78 13.34 0.96 -6.69
N GLY A 79 14.07 -0.08 -7.00
CA GLY A 79 14.68 -0.19 -8.36
C GLY A 79 13.95 -1.25 -9.19
N ILE A 80 13.73 -2.38 -8.61
CA ILE A 80 13.03 -3.47 -9.35
C ILE A 80 11.57 -3.09 -9.61
N LEU A 81 10.84 -2.85 -8.57
CA LEU A 81 9.41 -2.48 -8.74
C LEU A 81 9.26 -1.00 -9.08
N LYS A 82 10.35 -0.28 -8.96
CA LYS A 82 10.32 1.20 -9.26
C LYS A 82 8.98 1.81 -8.85
N LEU A 83 8.81 1.98 -7.56
CA LEU A 83 7.55 2.58 -7.07
C LEU A 83 7.57 4.09 -7.21
N ASP A 84 8.62 4.59 -7.81
CA ASP A 84 8.73 6.06 -7.99
C ASP A 84 7.94 6.53 -9.22
N GLU A 85 7.21 5.62 -9.80
CA GLU A 85 6.41 5.99 -11.00
C GLU A 85 4.95 6.26 -10.63
N PHE A 86 4.62 6.05 -9.37
CA PHE A 86 3.22 6.29 -8.91
C PHE A 86 3.19 6.97 -7.56
N THR A 87 3.51 6.24 -6.56
CA THR A 87 3.51 6.81 -5.19
C THR A 87 4.62 7.82 -4.97
N THR A 88 4.36 8.71 -4.06
CA THR A 88 5.37 9.75 -3.75
C THR A 88 6.10 9.36 -2.48
N HIS A 89 7.40 9.33 -2.54
CA HIS A 89 8.17 8.94 -1.33
C HIS A 89 7.99 7.45 -1.07
N LEU A 90 8.94 6.67 -1.51
CA LEU A 90 8.84 5.22 -1.30
C LEU A 90 9.24 4.76 0.10
N PRO A 91 10.15 5.44 0.74
CA PRO A 91 10.56 5.05 2.07
C PRO A 91 9.41 5.13 3.06
N ASP A 92 8.89 6.32 3.22
CA ASP A 92 7.74 6.52 4.16
C ASP A 92 6.76 5.35 4.19
N ILE A 93 6.02 5.18 3.13
CA ILE A 93 5.03 4.06 3.10
C ILE A 93 5.67 2.70 3.42
N VAL A 94 6.67 2.32 2.67
CA VAL A 94 7.31 1.00 2.95
C VAL A 94 7.73 0.93 4.42
N GLN A 95 8.19 2.03 4.95
CA GLN A 95 8.62 2.02 6.38
C GLN A 95 7.50 1.50 7.26
N ARG A 96 6.36 2.14 7.20
CA ARG A 96 5.22 1.69 8.03
C ARG A 96 4.88 0.24 7.73
N ALA A 97 4.79 -0.08 6.48
CA ALA A 97 4.47 -1.47 6.10
C ALA A 97 5.44 -2.46 6.72
N PHE A 98 6.72 -2.14 6.60
CA PHE A 98 7.74 -3.06 7.18
C PHE A 98 7.59 -3.13 8.69
N ASP A 99 7.68 -2.01 9.34
CA ASP A 99 7.57 -2.00 10.81
C ASP A 99 6.26 -2.66 11.26
N LYS A 100 5.15 -2.04 10.93
CA LYS A 100 3.85 -2.61 11.32
C LYS A 100 3.79 -4.12 11.08
N ALA A 101 3.99 -4.50 9.84
CA ALA A 101 3.94 -5.96 9.52
C ALA A 101 4.66 -6.79 10.58
N LYS A 102 5.79 -6.31 11.02
CA LYS A 102 6.54 -7.07 12.05
C LYS A 102 5.79 -7.09 13.39
N ASP A 103 5.16 -6.00 13.70
CA ASP A 103 4.42 -5.94 14.99
C ASP A 103 3.13 -6.77 14.94
N LEU A 104 2.50 -6.77 13.79
CA LEU A 104 1.24 -7.56 13.66
C LEU A 104 1.54 -9.02 13.38
N GLY A 105 2.67 -9.28 12.79
CA GLY A 105 3.03 -10.70 12.49
C GLY A 105 2.99 -11.56 13.74
N ASN A 106 3.29 -10.97 14.87
CA ASN A 106 3.27 -11.74 16.15
C ASN A 106 2.04 -11.41 16.99
N LYS A 107 1.42 -10.30 16.70
CA LYS A 107 0.21 -9.92 17.48
C LYS A 107 -0.98 -10.79 17.09
N VAL A 108 -1.14 -11.02 15.82
CA VAL A 108 -2.27 -11.85 15.35
C VAL A 108 -2.09 -13.31 15.77
N LYS A 109 -0.88 -13.66 16.10
CA LYS A 109 -0.62 -15.06 16.51
C LYS A 109 0.52 -15.14 17.52
N GLY A 110 1.72 -15.29 17.02
CA GLY A 110 2.89 -15.37 17.94
C GLY A 110 3.94 -16.36 17.40
N VAL A 111 4.52 -16.01 16.28
CA VAL A 111 5.55 -16.90 15.68
C VAL A 111 6.92 -16.63 16.27
N GLY A 112 7.09 -15.46 16.82
CA GLY A 112 8.42 -15.12 17.42
C GLY A 112 9.33 -14.50 16.36
N GLU A 113 9.33 -13.20 16.29
CA GLU A 113 10.19 -12.51 15.29
C GLU A 113 11.52 -12.10 15.90
N GLU A 114 12.19 -11.18 15.25
CA GLU A 114 13.50 -10.71 15.76
C GLU A 114 13.82 -9.33 15.22
N ASP A 115 13.88 -9.23 13.92
CA ASP A 115 14.19 -7.92 13.30
C ASP A 115 14.13 -8.00 11.77
N LEU A 116 14.49 -9.14 11.24
CA LEU A 116 14.45 -9.32 9.77
C LEU A 116 13.14 -9.95 9.33
N VAL A 117 12.45 -9.29 8.43
CA VAL A 117 11.15 -9.85 7.96
C VAL A 117 11.32 -11.26 7.43
N GLU A 118 10.23 -11.95 7.28
CA GLU A 118 10.28 -13.35 6.77
C GLU A 118 9.16 -13.59 5.78
N PHE A 119 9.17 -14.75 5.17
CA PHE A 119 8.11 -15.05 4.18
C PHE A 119 6.73 -14.70 4.74
N LEU A 120 6.55 -14.94 6.01
CA LEU A 120 5.25 -14.61 6.63
C LEU A 120 5.02 -13.11 6.66
N GLU A 121 5.82 -12.42 7.45
CA GLU A 121 5.65 -10.96 7.53
C GLU A 121 5.77 -10.34 6.15
N PHE A 122 6.55 -10.98 5.30
CA PHE A 122 6.71 -10.45 3.94
C PHE A 122 5.36 -10.30 3.27
N ARG A 123 4.56 -11.33 3.39
CA ARG A 123 3.22 -11.27 2.77
C ARG A 123 2.41 -10.16 3.39
N LEU A 124 2.22 -10.24 4.69
CA LEU A 124 1.44 -9.18 5.36
C LEU A 124 1.94 -7.80 4.96
N MET A 125 3.25 -7.65 4.95
CA MET A 125 3.83 -6.35 4.58
C MET A 125 3.40 -5.97 3.16
N LEU A 126 3.77 -6.77 2.22
CA LEU A 126 3.39 -6.47 0.82
C LEU A 126 1.92 -6.06 0.75
N CYS A 127 1.11 -6.78 1.48
CA CYS A 127 -0.33 -6.44 1.48
C CYS A 127 -0.55 -5.04 2.01
N TYR A 128 0.14 -4.71 3.07
CA TYR A 128 -0.02 -3.36 3.65
C TYR A 128 0.12 -2.30 2.56
N ILE A 129 1.05 -2.53 1.67
CA ILE A 129 1.25 -1.56 0.57
C ILE A 129 0.04 -1.56 -0.36
N TYR A 130 -0.13 -2.65 -1.08
CA TYR A 130 -1.27 -2.75 -2.01
C TYR A 130 -2.54 -2.16 -1.40
N ASP A 131 -2.67 -2.32 -0.11
CA ASP A 131 -3.88 -1.78 0.57
C ASP A 131 -3.83 -0.25 0.66
N ILE A 132 -2.86 0.25 1.35
CA ILE A 132 -2.76 1.74 1.49
C ILE A 132 -2.63 2.41 0.12
N PHE A 133 -2.07 1.73 -0.84
CA PHE A 133 -1.94 2.36 -2.17
C PHE A 133 -3.33 2.58 -2.73
N GLU A 134 -4.16 1.58 -2.61
CA GLU A 134 -5.54 1.70 -3.12
C GLU A 134 -6.31 2.76 -2.32
N LEU A 135 -6.11 2.74 -1.03
CA LEU A 135 -6.83 3.74 -0.17
C LEU A 135 -6.54 5.15 -0.62
N THR A 136 -5.31 5.57 -0.47
CA THR A 136 -4.96 6.94 -0.87
C THR A 136 -5.58 7.28 -2.22
N VAL A 137 -5.46 6.40 -3.16
CA VAL A 137 -6.02 6.68 -4.50
C VAL A 137 -7.54 6.87 -4.40
N MET A 138 -8.17 6.03 -3.61
CA MET A 138 -9.64 6.15 -3.48
C MET A 138 -10.01 7.49 -2.86
N PHE A 139 -9.06 8.09 -2.19
CA PHE A 139 -9.35 9.40 -1.55
C PHE A 139 -8.99 10.56 -2.49
N ASP A 140 -7.79 10.52 -2.99
CA ASP A 140 -7.34 11.61 -3.93
C ASP A 140 -8.46 12.02 -4.89
N THR A 141 -9.26 11.08 -5.29
CA THR A 141 -10.35 11.43 -6.24
C THR A 141 -11.46 12.20 -5.53
N MET A 142 -11.61 11.98 -4.25
CA MET A 142 -12.67 12.70 -3.50
C MET A 142 -12.67 14.17 -3.89
N ASP A 143 -11.64 14.85 -3.48
CA ASP A 143 -11.54 16.29 -3.80
C ASP A 143 -11.38 16.51 -5.29
N LYS A 144 -11.39 17.75 -5.71
CA LYS A 144 -11.24 18.03 -7.15
C LYS A 144 -9.81 17.77 -7.60
N ASP A 145 -8.97 18.75 -7.43
CA ASP A 145 -7.55 18.56 -7.85
C ASP A 145 -6.93 17.37 -7.14
N GLY A 146 -6.66 17.52 -5.88
CA GLY A 146 -6.06 16.40 -5.12
C GLY A 146 -5.64 16.85 -3.72
N SER A 147 -6.44 16.52 -2.75
CA SER A 147 -6.11 16.93 -1.36
C SER A 147 -5.10 15.97 -0.74
N LEU A 148 -5.19 15.81 0.55
CA LEU A 148 -4.24 14.89 1.23
C LEU A 148 -4.73 14.56 2.65
N LEU A 149 -5.93 15.01 2.95
CA LEU A 149 -6.49 14.74 4.29
C LEU A 149 -7.93 14.24 4.20
N LEU A 150 -8.53 13.96 5.33
CA LEU A 150 -9.93 13.46 5.33
C LEU A 150 -10.77 14.18 6.37
N GLU A 151 -11.89 14.71 5.93
CA GLU A 151 -12.79 15.44 6.87
C GLU A 151 -14.14 14.73 6.98
N LEU A 152 -14.99 15.24 7.83
CA LEU A 152 -16.31 14.58 7.99
C LEU A 152 -16.95 14.33 6.63
N GLN A 153 -16.84 15.29 5.75
CA GLN A 153 -17.43 15.11 4.41
C GLN A 153 -16.75 13.97 3.67
N GLU A 154 -15.49 14.15 3.40
CA GLU A 154 -14.75 13.08 2.68
C GLU A 154 -14.94 11.76 3.41
N PHE A 155 -15.05 11.85 4.71
CA PHE A 155 -15.24 10.63 5.52
C PHE A 155 -16.61 10.02 5.25
N LYS A 156 -17.54 10.86 4.86
CA LYS A 156 -18.91 10.36 4.58
C LYS A 156 -18.92 9.59 3.26
N GLU A 157 -18.11 10.04 2.34
CA GLU A 157 -18.06 9.35 1.02
C GLU A 157 -17.18 8.11 1.11
N ALA A 158 -16.18 8.20 1.95
CA ALA A 158 -15.26 7.05 2.10
C ALA A 158 -15.92 5.93 2.90
N LEU A 159 -16.67 6.28 3.90
CA LEU A 159 -17.34 5.23 4.71
C LEU A 159 -17.99 4.18 3.78
N PRO A 160 -18.85 4.60 2.87
CA PRO A 160 -19.50 3.66 1.96
C PRO A 160 -18.46 2.98 1.06
N LYS A 161 -17.77 3.78 0.28
CA LYS A 161 -16.74 3.19 -0.61
C LYS A 161 -15.80 2.29 0.18
N LEU A 162 -15.57 2.65 1.41
CA LEU A 162 -14.68 1.83 2.26
C LEU A 162 -15.33 0.50 2.57
N LYS A 163 -16.51 0.56 3.13
CA LYS A 163 -17.24 -0.69 3.47
C LYS A 163 -17.06 -1.73 2.38
N GLU A 164 -17.01 -1.27 1.15
CA GLU A 164 -16.85 -2.22 0.01
C GLU A 164 -15.40 -2.70 -0.08
N TRP A 165 -14.49 -1.86 0.31
CA TRP A 165 -13.06 -2.23 0.24
C TRP A 165 -12.84 -3.66 0.70
N GLY A 166 -13.23 -3.93 1.92
CA GLY A 166 -13.06 -5.31 2.45
C GLY A 166 -13.48 -5.37 3.92
N VAL A 167 -13.27 -4.28 4.60
CA VAL A 167 -13.65 -4.24 6.04
C VAL A 167 -15.13 -3.91 6.17
N ASP A 168 -15.51 -3.33 7.28
CA ASP A 168 -16.94 -2.99 7.47
C ASP A 168 -17.13 -2.15 8.71
N ILE A 169 -16.77 -0.90 8.62
CA ILE A 169 -16.93 -0.02 9.79
C ILE A 169 -18.40 0.28 10.06
N THR A 170 -18.85 -0.01 11.25
CA THR A 170 -20.27 0.26 11.56
C THR A 170 -20.44 1.70 12.02
N ASP A 171 -20.07 1.95 13.24
CA ASP A 171 -20.20 3.33 13.76
C ASP A 171 -19.14 4.22 13.12
N ALA A 172 -19.55 5.03 12.19
CA ALA A 172 -18.57 5.92 11.51
C ALA A 172 -18.18 7.12 12.39
N THR A 173 -19.05 8.11 12.42
CA THR A 173 -18.77 9.33 13.23
C THR A 173 -17.97 9.03 14.51
N THR A 174 -18.32 7.96 15.17
CA THR A 174 -17.58 7.62 16.41
C THR A 174 -16.12 7.32 16.10
N VAL A 175 -15.90 6.29 15.34
CA VAL A 175 -14.51 5.93 15.00
C VAL A 175 -13.78 7.14 14.44
N PHE A 176 -14.43 7.84 13.55
CA PHE A 176 -13.80 9.04 12.96
C PHE A 176 -13.12 9.86 14.06
N ASN A 177 -13.80 10.03 15.16
CA ASN A 177 -13.21 10.80 16.27
C ASN A 177 -12.15 9.97 16.98
N GLU A 178 -12.22 8.67 16.81
CA GLU A 178 -11.23 7.79 17.48
C GLU A 178 -9.89 7.87 16.77
N ILE A 179 -9.92 7.98 15.47
CA ILE A 179 -8.66 8.06 14.71
C ILE A 179 -7.90 9.33 15.06
N ASP A 180 -8.61 10.32 15.53
CA ASP A 180 -7.95 11.60 15.90
C ASP A 180 -7.28 11.49 17.26
N THR A 181 -6.26 12.27 17.46
CA THR A 181 -5.55 12.24 18.75
C THR A 181 -5.06 13.63 19.15
N ASN A 182 -4.21 14.18 18.34
CA ASN A 182 -3.68 15.54 18.63
C ASN A 182 -4.28 16.57 17.68
N GLY A 183 -5.18 16.13 16.86
CA GLY A 183 -5.81 17.08 15.89
C GLY A 183 -6.98 17.82 16.55
N SER A 184 -8.12 17.77 15.91
CA SER A 184 -9.31 18.46 16.48
C SER A 184 -10.59 17.97 15.83
N GLY A 185 -10.44 17.12 14.85
CA GLY A 185 -11.64 16.59 14.16
C GLY A 185 -11.24 15.77 12.93
N VAL A 186 -10.84 16.46 11.89
CA VAL A 186 -10.44 15.75 10.66
C VAL A 186 -9.14 14.98 10.87
N VAL A 187 -8.90 14.02 9.99
CA VAL A 187 -7.65 13.21 10.11
C VAL A 187 -6.97 13.09 8.75
N THR A 188 -5.71 12.76 8.77
CA THR A 188 -4.97 12.61 7.51
C THR A 188 -4.93 11.17 7.02
N PHE A 189 -4.73 11.01 5.73
CA PHE A 189 -4.67 9.63 5.16
C PHE A 189 -3.94 8.66 6.08
N ASP A 190 -2.68 8.93 6.27
CA ASP A 190 -1.86 8.05 7.16
C ASP A 190 -2.67 7.53 8.34
N GLU A 191 -3.54 8.36 8.84
CA GLU A 191 -4.36 7.92 10.00
C GLU A 191 -5.53 7.06 9.53
N PHE A 192 -6.42 7.67 8.80
CA PHE A 192 -7.59 6.90 8.30
C PHE A 192 -7.15 5.62 7.62
N SER A 193 -6.08 5.71 6.87
CA SER A 193 -5.58 4.51 6.16
C SER A 193 -5.16 3.43 7.14
N CYS A 194 -4.23 3.75 8.01
CA CYS A 194 -3.77 2.74 9.00
C CYS A 194 -4.95 1.95 9.57
N TRP A 195 -6.01 2.64 9.89
CA TRP A 195 -7.19 1.94 10.45
C TRP A 195 -7.76 0.93 9.46
N ALA A 196 -7.86 1.33 8.21
CA ALA A 196 -8.42 0.39 7.20
C ALA A 196 -7.45 -0.78 6.91
N VAL A 197 -6.37 -0.48 6.25
CA VAL A 197 -5.38 -1.56 5.94
C VAL A 197 -5.21 -2.52 7.10
N THR A 198 -4.74 -2.02 8.21
CA THR A 198 -4.55 -2.90 9.38
C THR A 198 -5.79 -3.74 9.65
N LYS A 199 -6.91 -3.08 9.82
CA LYS A 199 -8.16 -3.83 10.08
C LYS A 199 -8.41 -4.86 8.99
N LYS A 200 -8.68 -4.38 7.80
CA LYS A 200 -8.94 -5.33 6.69
C LYS A 200 -7.90 -6.45 6.68
N LEU A 201 -6.71 -6.13 7.13
CA LEU A 201 -5.65 -7.17 7.15
C LEU A 201 -5.79 -8.05 8.39
N GLN A 202 -6.13 -7.45 9.50
CA GLN A 202 -6.28 -8.24 10.74
C GLN A 202 -7.54 -9.10 10.68
N VAL A 203 -8.47 -8.70 9.86
CA VAL A 203 -9.72 -9.48 9.75
C VAL A 203 -9.60 -10.56 8.68
N CYS A 204 -9.03 -10.19 7.56
CA CYS A 204 -8.86 -11.17 6.47
C CYS A 204 -7.60 -12.01 6.69
N GLY A 205 -7.03 -11.88 7.85
CA GLY A 205 -5.79 -12.67 8.15
C GLY A 205 -5.93 -14.11 7.67
N ASP A 206 -5.34 -14.39 6.53
CA ASP A 206 -5.43 -15.76 5.99
C ASP A 206 -4.16 -16.11 5.21
N PRO A 207 -3.08 -16.25 5.95
CA PRO A 207 -1.79 -16.58 5.37
C PRO A 207 -1.81 -17.94 4.68
N ASP A 208 -0.67 -18.59 4.65
CA ASP A 208 -0.61 -19.92 3.99
C ASP A 208 -1.70 -20.84 4.52
N GLY A 209 -2.85 -20.78 3.88
CA GLY A 209 -3.99 -21.64 4.32
C GLY A 209 -4.20 -22.78 3.31
N GLU A 210 -4.96 -22.50 2.28
CA GLU A 210 -5.21 -23.55 1.26
C GLU A 210 -3.96 -23.80 0.43
N GLU A 211 -4.04 -24.76 -0.44
CA GLU A 211 -2.86 -25.06 -1.29
C GLU A 211 -3.29 -25.71 -2.60
N ASN A 212 -4.15 -26.68 -2.50
CA ASN A 212 -4.63 -27.37 -3.73
C ASN A 212 -5.96 -28.05 -3.49
N GLY A 213 -5.94 -29.36 -3.47
CA GLY A 213 -7.22 -30.11 -3.24
C GLY A 213 -8.34 -29.51 -4.10
N ALA A 214 -9.55 -29.68 -3.65
CA ALA A 214 -10.70 -29.15 -4.42
C ALA A 214 -11.97 -29.17 -3.59
N ASN A 215 -12.72 -28.10 -3.66
CA ASN A 215 -13.99 -28.04 -2.88
C ASN A 215 -15.16 -28.53 -3.71
N GLU A 216 -14.94 -29.59 -4.46
CA GLU A 216 -16.04 -30.12 -5.31
C GLU A 216 -16.65 -29.02 -6.16
N GLY A 217 -17.80 -29.29 -6.73
CA GLY A 217 -18.46 -28.28 -7.58
C GLY A 217 -17.54 -27.86 -8.74
N ASN A 218 -17.08 -26.64 -8.68
CA ASN A 218 -16.18 -26.14 -9.77
C ASN A 218 -16.81 -26.37 -11.14
N LEU A 219 -16.06 -26.05 -12.16
CA LEU A 219 -16.57 -26.24 -13.54
C LEU A 219 -16.00 -27.51 -14.16
N GLU A 220 -16.73 -28.08 -15.08
CA GLU A 220 -16.24 -29.32 -15.73
C GLU A 220 -15.45 -28.99 -16.98
N MET A 1 6.73 3.64 -41.46
CA MET A 1 7.65 4.78 -41.60
C MET A 1 7.71 5.59 -40.30
N GLY A 2 8.79 5.41 -39.58
CA GLY A 2 8.94 6.16 -38.29
C GLY A 2 9.27 5.18 -37.15
N CYS A 3 10.46 5.27 -36.65
CA CYS A 3 10.85 4.35 -35.54
C CYS A 3 9.95 4.58 -34.33
N SER A 4 9.47 5.78 -34.17
CA SER A 4 8.60 6.07 -33.01
C SER A 4 7.45 5.07 -32.95
N GLY A 5 7.02 4.61 -34.10
CA GLY A 5 5.89 3.64 -34.11
C GLY A 5 4.56 4.36 -33.95
N SER A 6 4.59 5.66 -34.12
CA SER A 6 3.33 6.44 -33.98
C SER A 6 2.69 6.69 -35.34
N LYS A 7 1.40 6.53 -35.41
CA LYS A 7 0.70 6.76 -36.70
C LYS A 7 0.12 8.17 -36.77
N ASP A 8 -1.03 8.35 -36.20
CA ASP A 8 -1.66 9.69 -36.22
C ASP A 8 -1.12 10.56 -35.10
N THR A 9 -0.80 11.79 -35.43
CA THR A 9 -0.26 12.70 -34.40
C THR A 9 1.07 12.19 -33.86
N THR A 10 2.14 12.83 -34.25
CA THR A 10 3.47 12.40 -33.77
C THR A 10 3.65 12.73 -32.30
N ASN A 11 3.69 14.00 -31.99
CA ASN A 11 3.88 14.41 -30.58
C ASN A 11 2.78 13.82 -29.70
N SER A 12 1.56 14.21 -29.97
CA SER A 12 0.44 13.68 -29.16
C SER A 12 0.52 14.21 -27.72
N LYS A 13 1.50 13.75 -27.00
CA LYS A 13 1.65 14.22 -25.59
C LYS A 13 2.42 15.53 -25.54
N ASP A 14 2.23 16.26 -24.47
CA ASP A 14 2.95 17.55 -24.35
C ASP A 14 4.45 17.33 -24.33
N GLY A 15 5.18 18.33 -23.95
CA GLY A 15 6.67 18.18 -23.90
C GLY A 15 7.34 19.53 -23.58
N ALA A 16 6.55 20.57 -23.54
CA ALA A 16 7.12 21.91 -23.24
C ALA A 16 6.98 22.23 -21.76
N ALA A 17 7.86 23.08 -21.27
CA ALA A 17 7.80 23.45 -19.83
C ALA A 17 7.10 24.79 -19.66
N SER A 18 6.60 25.03 -18.48
CA SER A 18 5.89 26.32 -18.24
C SER A 18 5.42 26.42 -16.79
N LYS A 19 4.24 25.93 -16.53
CA LYS A 19 3.71 25.99 -15.14
C LYS A 19 4.76 25.54 -14.14
N GLY A 20 5.08 26.42 -13.23
CA GLY A 20 6.11 26.07 -12.19
C GLY A 20 5.48 25.18 -11.11
N GLY A 21 6.05 25.23 -9.93
CA GLY A 21 5.50 24.40 -8.81
C GLY A 21 5.71 22.92 -9.11
N LYS A 22 6.56 22.30 -8.33
CA LYS A 22 6.83 20.85 -8.54
C LYS A 22 5.62 20.01 -8.14
N ASP A 23 4.73 20.61 -7.40
CA ASP A 23 3.52 19.86 -6.97
C ASP A 23 2.43 19.94 -8.03
N GLY A 24 1.72 18.84 -8.19
CA GLY A 24 0.62 18.82 -9.20
C GLY A 24 0.57 17.47 -9.92
N LYS A 25 -0.52 16.77 -9.74
CA LYS A 25 -0.65 15.43 -10.40
C LYS A 25 -2.07 15.21 -10.89
N THR A 26 -2.32 14.01 -11.35
CA THR A 26 -3.69 13.69 -11.86
C THR A 26 -4.07 12.26 -11.50
N THR A 27 -5.34 12.06 -11.23
CA THR A 27 -5.79 10.69 -10.87
C THR A 27 -5.30 9.67 -11.91
N ALA A 28 -5.21 10.09 -13.14
CA ALA A 28 -4.74 9.16 -14.20
C ALA A 28 -3.29 8.75 -13.95
N ASP A 29 -2.41 9.71 -14.02
CA ASP A 29 -0.98 9.40 -13.79
C ASP A 29 -0.80 8.51 -12.57
N ARG A 30 -1.50 8.82 -11.52
CA ARG A 30 -1.39 8.00 -10.29
C ARG A 30 -1.90 6.58 -10.54
N LYS A 31 -3.08 6.49 -11.12
CA LYS A 31 -3.65 5.16 -11.39
C LYS A 31 -2.73 4.34 -12.29
N VAL A 32 -2.29 4.92 -13.37
CA VAL A 32 -1.39 4.19 -14.29
C VAL A 32 -0.25 3.52 -13.53
N ALA A 33 0.54 4.32 -12.85
CA ALA A 33 1.66 3.75 -12.08
C ALA A 33 1.16 2.79 -11.01
N TRP A 34 0.04 3.10 -10.41
CA TRP A 34 -0.49 2.20 -9.36
C TRP A 34 -1.12 0.98 -9.98
N GLU A 35 -1.35 1.05 -11.27
CA GLU A 35 -1.97 -0.10 -11.96
C GLU A 35 -0.91 -1.16 -12.22
N ARG A 36 0.28 -0.69 -12.50
CA ARG A 36 1.38 -1.64 -12.78
C ARG A 36 1.90 -2.18 -11.46
N ILE A 37 1.95 -1.31 -10.50
CA ILE A 37 2.43 -1.73 -9.17
C ILE A 37 1.45 -2.72 -8.57
N ARG A 38 0.23 -2.28 -8.42
CA ARG A 38 -0.80 -3.18 -7.85
C ARG A 38 -0.70 -4.55 -8.48
N CYS A 39 -0.65 -4.58 -9.79
CA CYS A 39 -0.54 -5.88 -10.48
C CYS A 39 0.66 -6.66 -9.96
N ALA A 40 1.71 -5.95 -9.67
CA ALA A 40 2.92 -6.63 -9.15
C ALA A 40 2.68 -7.16 -7.75
N ILE A 41 2.24 -6.29 -6.87
CA ILE A 41 1.97 -6.73 -5.49
C ILE A 41 0.66 -7.56 -5.41
N PRO A 42 0.75 -8.80 -4.95
CA PRO A 42 -0.43 -9.66 -4.85
C PRO A 42 -1.44 -9.10 -3.83
N ARG A 43 -2.53 -9.80 -3.68
CA ARG A 43 -3.56 -9.34 -2.71
C ARG A 43 -4.67 -10.38 -2.56
N ASP A 44 -5.04 -10.98 -3.64
CA ASP A 44 -6.10 -12.00 -3.59
C ASP A 44 -5.54 -13.34 -3.13
N LYS A 45 -6.06 -14.39 -3.69
CA LYS A 45 -5.56 -15.74 -3.30
C LYS A 45 -5.82 -16.73 -4.42
N ASP A 46 -4.82 -16.94 -5.23
CA ASP A 46 -4.98 -17.89 -6.36
C ASP A 46 -3.63 -18.50 -6.73
N ALA A 47 -3.58 -19.11 -7.88
CA ALA A 47 -2.30 -19.74 -8.31
C ALA A 47 -1.26 -18.67 -8.61
N GLU A 48 -1.65 -17.69 -9.39
CA GLU A 48 -0.69 -16.61 -9.74
C GLU A 48 -0.35 -15.77 -8.51
N SER A 49 -1.29 -15.66 -7.61
CA SER A 49 -1.04 -14.85 -6.39
C SER A 49 0.15 -15.42 -5.63
N LYS A 50 0.13 -16.70 -5.38
CA LYS A 50 1.24 -17.33 -4.65
C LYS A 50 2.55 -17.17 -5.41
N SER A 51 2.49 -17.39 -6.70
CA SER A 51 3.71 -17.25 -7.52
C SER A 51 4.28 -15.85 -7.41
N ARG A 52 3.42 -14.87 -7.43
CA ARG A 52 3.90 -13.47 -7.32
C ARG A 52 4.72 -13.27 -6.06
N ARG A 53 4.19 -13.69 -4.95
CA ARG A 53 4.95 -13.54 -3.68
C ARG A 53 6.34 -14.12 -3.80
N ILE A 54 6.42 -15.30 -4.35
CA ILE A 54 7.74 -15.95 -4.51
C ILE A 54 8.59 -15.20 -5.53
N GLU A 55 7.93 -14.59 -6.48
CA GLU A 55 8.68 -13.84 -7.51
C GLU A 55 9.24 -12.53 -6.94
N LEU A 56 8.37 -11.73 -6.39
CA LEU A 56 8.83 -10.44 -5.83
C LEU A 56 9.87 -10.68 -4.73
N PHE A 57 9.74 -11.79 -4.05
CA PHE A 57 10.71 -12.09 -2.97
C PHE A 57 12.11 -12.29 -3.54
N LYS A 58 12.24 -13.25 -4.41
CA LYS A 58 13.56 -13.51 -5.02
C LYS A 58 14.20 -12.21 -5.51
N GLN A 59 13.43 -11.42 -6.21
CA GLN A 59 13.97 -10.14 -6.72
C GLN A 59 14.70 -9.39 -5.61
N PHE A 60 13.96 -9.01 -4.61
CA PHE A 60 14.57 -8.28 -3.48
C PHE A 60 15.73 -9.08 -2.88
N ASP A 61 15.50 -10.35 -2.67
CA ASP A 61 16.58 -11.20 -2.09
C ASP A 61 17.28 -12.02 -3.17
N THR A 62 17.79 -11.34 -4.15
CA THR A 62 18.49 -12.06 -5.24
C THR A 62 19.57 -12.96 -4.67
N ASN A 63 19.91 -12.73 -3.43
CA ASN A 63 20.95 -13.57 -2.78
C ASN A 63 21.08 -13.21 -1.30
N GLY A 64 20.05 -12.64 -0.76
CA GLY A 64 20.09 -12.26 0.69
C GLY A 64 19.62 -13.41 1.57
N THR A 65 19.84 -14.62 1.11
CA THR A 65 19.42 -15.80 1.90
C THR A 65 17.96 -15.68 2.32
N GLY A 66 17.30 -14.66 1.83
CA GLY A 66 15.87 -14.46 2.18
C GLY A 66 15.75 -13.50 3.37
N LYS A 67 16.64 -13.65 4.31
CA LYS A 67 16.59 -12.75 5.49
C LYS A 67 16.94 -11.32 5.08
N LEU A 68 15.99 -10.64 4.52
CA LEU A 68 16.23 -9.25 4.09
C LEU A 68 16.25 -8.29 5.27
N GLY A 69 15.23 -7.45 5.31
CA GLY A 69 15.12 -6.46 6.41
C GLY A 69 14.46 -5.19 5.88
N PHE A 70 14.39 -4.17 6.68
CA PHE A 70 13.75 -2.93 6.19
C PHE A 70 14.61 -2.26 5.12
N ARG A 71 15.74 -1.76 5.54
CA ARG A 71 16.65 -1.10 4.56
C ARG A 71 16.77 -1.91 3.27
N GLU A 72 17.25 -3.11 3.41
CA GLU A 72 17.40 -3.97 2.21
C GLU A 72 16.17 -3.88 1.31
N VAL A 73 15.03 -4.11 1.89
CA VAL A 73 13.78 -4.04 1.10
C VAL A 73 13.53 -2.62 0.59
N LEU A 74 13.81 -1.64 1.42
CA LEU A 74 13.58 -0.24 0.99
C LEU A 74 14.13 -0.04 -0.42
N ASP A 75 15.43 -0.06 -0.52
CA ASP A 75 16.06 0.13 -1.84
C ASP A 75 15.42 -0.80 -2.88
N GLY A 76 15.11 -2.00 -2.45
CA GLY A 76 14.48 -2.97 -3.38
C GLY A 76 13.35 -2.30 -4.17
N CYS A 77 12.28 -1.97 -3.49
CA CYS A 77 11.15 -1.32 -4.19
C CYS A 77 11.60 0.00 -4.79
N TYR A 78 12.12 0.84 -3.95
CA TYR A 78 12.60 2.15 -4.43
C TYR A 78 13.46 2.00 -5.68
N GLY A 79 14.14 0.89 -5.78
CA GLY A 79 15.00 0.67 -6.99
C GLY A 79 14.30 -0.19 -8.03
N ILE A 80 13.07 -0.54 -7.76
CA ILE A 80 12.30 -1.37 -8.74
C ILE A 80 10.85 -0.94 -8.78
N LEU A 81 10.15 -1.19 -7.72
CA LEU A 81 8.71 -0.80 -7.69
C LEU A 81 8.57 0.67 -8.06
N LYS A 82 9.66 1.39 -7.92
CA LYS A 82 9.63 2.84 -8.25
C LYS A 82 8.43 3.53 -7.62
N LEU A 83 8.31 3.43 -6.33
CA LEU A 83 7.16 4.08 -5.66
C LEU A 83 7.31 5.59 -5.72
N ASP A 84 8.42 6.04 -6.27
CA ASP A 84 8.65 7.50 -6.37
C ASP A 84 7.83 8.12 -7.50
N GLU A 85 7.35 7.31 -8.41
CA GLU A 85 6.56 7.86 -9.53
C GLU A 85 5.09 8.07 -9.14
N PHE A 86 4.56 7.15 -8.37
CA PHE A 86 3.14 7.29 -7.95
C PHE A 86 3.00 7.93 -6.58
N THR A 87 3.24 7.17 -5.56
CA THR A 87 3.12 7.71 -4.19
C THR A 87 4.22 8.72 -3.86
N THR A 88 4.01 9.42 -2.77
CA THR A 88 4.99 10.45 -2.33
C THR A 88 5.64 9.99 -1.04
N HIS A 89 6.94 10.02 -1.00
CA HIS A 89 7.66 9.59 0.22
C HIS A 89 7.65 8.07 0.31
N LEU A 90 8.79 7.48 0.09
CA LEU A 90 8.88 6.01 0.15
C LEU A 90 9.31 5.46 1.52
N PRO A 91 10.00 6.25 2.31
CA PRO A 91 10.46 5.79 3.62
C PRO A 91 9.30 5.49 4.58
N ASP A 92 8.33 6.37 4.61
CA ASP A 92 7.18 6.16 5.53
C ASP A 92 6.31 4.97 5.09
N ILE A 93 5.88 4.97 3.86
CA ILE A 93 5.03 3.83 3.40
C ILE A 93 5.64 2.48 3.77
N VAL A 94 6.86 2.26 3.39
CA VAL A 94 7.50 0.95 3.72
C VAL A 94 7.80 0.87 5.22
N GLN A 95 8.19 1.96 5.80
CA GLN A 95 8.49 1.96 7.25
C GLN A 95 7.33 1.35 8.03
N ARG A 96 6.22 2.04 8.01
CA ARG A 96 5.03 1.55 8.74
C ARG A 96 4.75 0.10 8.38
N ALA A 97 4.81 -0.20 7.12
CA ALA A 97 4.54 -1.58 6.68
C ALA A 97 5.48 -2.57 7.37
N PHE A 98 6.75 -2.50 7.01
CA PHE A 98 7.73 -3.43 7.62
C PHE A 98 7.49 -3.59 9.13
N ASP A 99 7.44 -2.50 9.82
CA ASP A 99 7.20 -2.58 11.29
C ASP A 99 5.91 -3.34 11.60
N LYS A 100 4.81 -2.76 11.23
CA LYS A 100 3.51 -3.43 11.50
C LYS A 100 3.47 -4.84 10.94
N ALA A 101 4.33 -5.11 9.98
CA ALA A 101 4.34 -6.48 9.40
C ALA A 101 4.78 -7.52 10.44
N LYS A 102 6.02 -7.45 10.82
CA LYS A 102 6.51 -8.42 11.82
C LYS A 102 5.81 -8.23 13.15
N ASP A 103 5.07 -7.16 13.26
CA ASP A 103 4.34 -6.89 14.52
C ASP A 103 2.98 -7.58 14.55
N LEU A 104 2.16 -7.27 13.57
CA LEU A 104 0.82 -7.89 13.52
C LEU A 104 0.93 -9.39 13.28
N GLY A 105 2.06 -9.83 12.79
CA GLY A 105 2.23 -11.29 12.53
C GLY A 105 2.10 -12.08 13.82
N ASN A 106 1.71 -11.41 14.88
CA ASN A 106 1.56 -12.11 16.18
C ASN A 106 0.08 -12.43 16.45
N LYS A 107 -0.79 -11.56 16.04
CA LYS A 107 -2.23 -11.81 16.27
C LYS A 107 -2.76 -12.90 15.34
N VAL A 108 -2.02 -13.17 14.30
CA VAL A 108 -2.47 -14.22 13.34
C VAL A 108 -2.37 -15.61 13.97
N LYS A 109 -1.30 -15.84 14.68
CA LYS A 109 -1.12 -17.16 15.31
C LYS A 109 -0.35 -17.04 16.61
N GLY A 110 0.66 -16.21 16.59
CA GLY A 110 1.47 -16.02 17.83
C GLY A 110 2.67 -16.97 17.84
N VAL A 111 3.82 -16.44 17.51
CA VAL A 111 5.03 -17.29 17.48
C VAL A 111 6.25 -16.49 17.89
N GLY A 112 6.16 -15.18 17.78
CA GLY A 112 7.31 -14.33 18.16
C GLY A 112 8.41 -14.40 17.10
N GLU A 113 8.28 -13.61 16.07
CA GLU A 113 9.31 -13.63 15.01
C GLU A 113 10.63 -13.06 15.52
N GLU A 114 11.53 -12.81 14.62
CA GLU A 114 12.86 -12.27 15.03
C GLU A 114 12.89 -10.75 14.86
N ASP A 115 13.52 -10.29 13.81
CA ASP A 115 13.61 -8.84 13.57
C ASP A 115 13.61 -8.54 12.08
N LEU A 116 13.73 -9.57 11.29
CA LEU A 116 13.75 -9.39 9.82
C LEU A 116 12.37 -9.69 9.23
N VAL A 117 12.36 -10.23 8.05
CA VAL A 117 11.06 -10.55 7.40
C VAL A 117 11.14 -11.88 6.65
N GLU A 118 10.06 -12.62 6.68
CA GLU A 118 10.04 -13.93 5.99
C GLU A 118 8.76 -14.09 5.18
N PHE A 119 8.68 -15.17 4.43
CA PHE A 119 7.47 -15.40 3.61
C PHE A 119 6.19 -15.08 4.38
N LEU A 120 6.21 -15.33 5.67
CA LEU A 120 5.00 -15.03 6.47
C LEU A 120 4.79 -13.53 6.62
N GLU A 121 5.65 -12.90 7.39
CA GLU A 121 5.51 -11.44 7.58
C GLU A 121 5.60 -10.72 6.25
N PHE A 122 6.41 -11.25 5.37
CA PHE A 122 6.55 -10.60 4.04
C PHE A 122 5.19 -10.48 3.37
N ARG A 123 4.42 -11.53 3.45
CA ARG A 123 3.08 -11.50 2.82
C ARG A 123 2.24 -10.40 3.46
N LEU A 124 2.32 -10.30 4.76
CA LEU A 124 1.53 -9.25 5.45
C LEU A 124 2.04 -7.86 5.07
N MET A 125 3.33 -7.74 4.97
CA MET A 125 3.91 -6.42 4.61
C MET A 125 3.35 -5.94 3.28
N LEU A 126 3.53 -6.75 2.27
CA LEU A 126 3.02 -6.36 0.94
C LEU A 126 1.54 -5.99 1.03
N CYS A 127 0.78 -6.82 1.67
CA CYS A 127 -0.67 -6.54 1.81
C CYS A 127 -0.89 -5.14 2.37
N TYR A 128 -0.03 -4.74 3.26
CA TYR A 128 -0.16 -3.40 3.86
C TYR A 128 -0.03 -2.31 2.80
N ILE A 129 0.98 -2.43 1.98
CA ILE A 129 1.17 -1.40 0.92
C ILE A 129 0.10 -1.54 -0.16
N TYR A 130 -0.19 -2.75 -0.54
CA TYR A 130 -1.22 -2.95 -1.59
C TYR A 130 -2.54 -2.37 -1.14
N ASP A 131 -2.88 -2.63 0.10
CA ASP A 131 -4.15 -2.10 0.65
C ASP A 131 -4.11 -0.59 0.83
N ILE A 132 -3.07 -0.11 1.47
CA ILE A 132 -2.98 1.36 1.68
C ILE A 132 -2.91 2.12 0.35
N PHE A 133 -2.50 1.43 -0.70
CA PHE A 133 -2.41 2.12 -2.02
C PHE A 133 -3.77 2.14 -2.68
N GLU A 134 -4.50 1.04 -2.56
CA GLU A 134 -5.83 0.99 -3.18
C GLU A 134 -6.72 2.07 -2.57
N LEU A 135 -6.59 2.26 -1.27
CA LEU A 135 -7.41 3.30 -0.59
C LEU A 135 -7.03 4.68 -1.09
N THR A 136 -5.76 4.94 -1.14
CA THR A 136 -5.29 6.27 -1.62
C THR A 136 -5.92 6.63 -2.96
N VAL A 137 -5.61 5.86 -3.96
CA VAL A 137 -6.16 6.15 -5.31
C VAL A 137 -7.69 5.98 -5.34
N MET A 138 -8.24 5.32 -4.36
CA MET A 138 -9.71 5.12 -4.34
C MET A 138 -10.42 6.39 -3.89
N PHE A 139 -9.72 7.22 -3.14
CA PHE A 139 -10.34 8.48 -2.65
C PHE A 139 -10.07 9.64 -3.62
N ASP A 140 -8.88 9.67 -4.16
CA ASP A 140 -8.52 10.76 -5.11
C ASP A 140 -9.69 11.12 -6.03
N THR A 141 -10.60 10.19 -6.22
CA THR A 141 -11.75 10.48 -7.10
C THR A 141 -12.88 11.16 -6.32
N MET A 142 -13.21 10.62 -5.19
CA MET A 142 -14.31 11.22 -4.39
C MET A 142 -13.84 12.52 -3.71
N ASP A 143 -13.22 13.38 -4.48
CA ASP A 143 -12.74 14.65 -3.91
C ASP A 143 -12.46 15.68 -5.01
N LYS A 144 -12.14 16.88 -4.60
CA LYS A 144 -11.87 17.93 -5.62
C LYS A 144 -10.38 17.98 -5.96
N ASP A 145 -10.01 18.96 -6.74
CA ASP A 145 -8.58 19.07 -7.12
C ASP A 145 -7.69 19.13 -5.88
N GLY A 146 -6.43 18.90 -6.08
CA GLY A 146 -5.48 18.94 -4.92
C GLY A 146 -5.86 17.86 -3.91
N SER A 147 -6.28 16.72 -4.40
CA SER A 147 -6.66 15.63 -3.47
C SER A 147 -5.45 15.13 -2.71
N LEU A 148 -5.63 14.87 -1.44
CA LEU A 148 -4.49 14.37 -0.63
C LEU A 148 -4.87 14.28 0.85
N LEU A 149 -6.10 14.60 1.13
CA LEU A 149 -6.57 14.56 2.55
C LEU A 149 -8.08 14.36 2.60
N LEU A 150 -8.57 14.05 3.79
CA LEU A 150 -10.04 13.84 3.96
C LEU A 150 -10.61 14.74 5.04
N GLU A 151 -11.86 15.10 4.86
CA GLU A 151 -12.52 15.99 5.86
C GLU A 151 -13.85 15.40 6.32
N LEU A 152 -14.39 15.96 7.38
CA LEU A 152 -15.69 15.45 7.91
C LEU A 152 -16.64 15.08 6.78
N GLN A 153 -16.57 15.80 5.69
CA GLN A 153 -17.46 15.50 4.55
C GLN A 153 -17.08 14.18 3.90
N GLU A 154 -15.92 14.16 3.30
CA GLU A 154 -15.48 12.91 2.64
C GLU A 154 -15.42 11.77 3.65
N PHE A 155 -15.30 12.13 4.90
CA PHE A 155 -15.24 11.08 5.95
C PHE A 155 -16.55 10.30 6.00
N LYS A 156 -17.65 11.02 6.06
CA LYS A 156 -18.96 10.34 6.11
C LYS A 156 -19.22 9.61 4.80
N GLU A 157 -18.69 10.15 3.73
CA GLU A 157 -18.90 9.51 2.40
C GLU A 157 -18.01 8.29 2.28
N ALA A 158 -16.93 8.30 3.01
CA ALA A 158 -15.99 7.15 2.97
C ALA A 158 -16.58 5.96 3.72
N LEU A 159 -17.29 6.22 4.77
CA LEU A 159 -17.88 5.09 5.54
C LEU A 159 -18.52 4.08 4.58
N PRO A 160 -19.47 4.54 3.77
CA PRO A 160 -20.14 3.66 2.82
C PRO A 160 -19.16 3.13 1.78
N LYS A 161 -18.54 4.03 1.06
CA LYS A 161 -17.57 3.60 0.02
C LYS A 161 -16.52 2.67 0.61
N LEU A 162 -15.98 3.06 1.73
CA LEU A 162 -14.94 2.21 2.38
C LEU A 162 -15.52 0.86 2.79
N LYS A 163 -16.61 0.89 3.51
CA LYS A 163 -17.24 -0.38 3.96
C LYS A 163 -17.20 -1.44 2.85
N GLU A 164 -17.56 -1.04 1.66
CA GLU A 164 -17.55 -2.02 0.54
C GLU A 164 -16.13 -2.53 0.28
N TRP A 165 -15.18 -1.64 0.43
CA TRP A 165 -13.75 -2.03 0.21
C TRP A 165 -13.46 -3.42 0.76
N GLY A 166 -13.55 -3.57 2.05
CA GLY A 166 -13.29 -4.90 2.67
C GLY A 166 -13.32 -4.79 4.21
N VAL A 167 -13.70 -3.64 4.68
CA VAL A 167 -13.78 -3.42 6.15
C VAL A 167 -15.17 -2.93 6.56
N ASP A 168 -15.34 -2.65 7.83
CA ASP A 168 -16.66 -2.18 8.30
C ASP A 168 -16.51 -1.20 9.45
N ILE A 169 -16.07 -0.01 9.13
CA ILE A 169 -15.88 1.02 10.18
C ILE A 169 -17.03 1.00 11.19
N THR A 170 -16.72 1.44 12.39
CA THR A 170 -17.75 1.46 13.47
C THR A 170 -17.86 2.88 14.03
N ASP A 171 -19.01 3.49 13.86
CA ASP A 171 -19.18 4.86 14.39
C ASP A 171 -18.31 5.85 13.62
N ALA A 172 -18.95 6.80 13.01
CA ALA A 172 -18.19 7.80 12.23
C ALA A 172 -17.44 8.77 13.15
N THR A 173 -18.11 9.85 13.48
CA THR A 173 -17.48 10.88 14.36
C THR A 173 -16.59 10.25 15.43
N THR A 174 -17.06 9.21 16.05
CA THR A 174 -16.25 8.55 17.10
C THR A 174 -14.91 8.10 16.53
N VAL A 175 -14.95 7.50 15.38
CA VAL A 175 -13.69 7.04 14.75
C VAL A 175 -12.86 8.22 14.27
N PHE A 176 -13.52 9.19 13.69
CA PHE A 176 -12.77 10.38 13.19
C PHE A 176 -11.78 10.84 14.24
N ASN A 177 -12.19 10.80 15.47
CA ASN A 177 -11.28 11.23 16.55
C ASN A 177 -10.28 10.13 16.87
N GLU A 178 -10.72 8.90 16.75
CA GLU A 178 -9.80 7.78 17.04
C GLU A 178 -8.61 7.78 16.09
N ILE A 179 -8.87 7.60 14.83
CA ILE A 179 -7.77 7.61 13.84
C ILE A 179 -6.77 8.71 14.12
N ASP A 180 -7.29 9.88 14.42
CA ASP A 180 -6.39 11.02 14.70
C ASP A 180 -5.96 11.03 16.17
N THR A 181 -4.76 10.57 16.40
CA THR A 181 -4.26 10.54 17.81
C THR A 181 -4.61 11.83 18.54
N ASN A 182 -3.80 12.83 18.34
CA ASN A 182 -4.06 14.13 19.02
C ASN A 182 -5.35 14.75 18.52
N GLY A 183 -5.56 14.70 17.23
CA GLY A 183 -6.81 15.29 16.66
C GLY A 183 -6.54 16.69 16.12
N SER A 184 -7.40 17.15 15.24
CA SER A 184 -7.20 18.50 14.66
C SER A 184 -8.49 18.99 13.99
N GLY A 185 -8.71 18.55 12.78
CA GLY A 185 -9.94 18.98 12.05
C GLY A 185 -10.16 18.11 10.81
N VAL A 186 -9.10 17.51 10.33
CA VAL A 186 -9.22 16.65 9.13
C VAL A 186 -8.30 15.45 9.24
N VAL A 187 -8.34 14.59 8.23
CA VAL A 187 -7.48 13.38 8.24
C VAL A 187 -6.75 13.24 6.92
N THR A 188 -5.51 12.80 6.98
CA THR A 188 -4.72 12.64 5.74
C THR A 188 -4.81 11.20 5.22
N PHE A 189 -4.41 11.02 4.00
CA PHE A 189 -4.46 9.66 3.40
C PHE A 189 -3.79 8.63 4.32
N ASP A 190 -2.49 8.73 4.41
CA ASP A 190 -1.73 7.77 5.26
C ASP A 190 -2.46 7.48 6.58
N GLU A 191 -3.19 8.43 7.08
CA GLU A 191 -3.92 8.18 8.35
C GLU A 191 -5.18 7.34 8.13
N PHE A 192 -6.07 7.86 7.33
CA PHE A 192 -7.32 7.12 7.06
C PHE A 192 -7.00 5.76 6.45
N SER A 193 -6.15 5.76 5.48
CA SER A 193 -5.77 4.48 4.83
C SER A 193 -5.18 3.51 5.83
N CYS A 194 -4.32 4.01 6.68
CA CYS A 194 -3.69 3.11 7.68
C CYS A 194 -4.74 2.31 8.45
N TRP A 195 -5.61 3.00 9.15
CA TRP A 195 -6.64 2.28 9.91
C TRP A 195 -7.31 1.20 9.07
N ALA A 196 -7.85 1.61 7.96
CA ALA A 196 -8.51 0.62 7.07
C ALA A 196 -7.63 -0.60 6.83
N VAL A 197 -6.57 -0.42 6.07
CA VAL A 197 -5.63 -1.55 5.77
C VAL A 197 -5.50 -2.51 6.95
N THR A 198 -5.06 -2.01 8.06
CA THR A 198 -4.90 -2.89 9.25
C THR A 198 -6.09 -3.84 9.40
N LYS A 199 -7.26 -3.28 9.52
CA LYS A 199 -8.47 -4.15 9.68
C LYS A 199 -8.61 -5.10 8.49
N LYS A 200 -8.60 -4.55 7.30
CA LYS A 200 -8.74 -5.40 6.09
C LYS A 200 -7.68 -6.50 6.04
N LEU A 201 -6.51 -6.21 6.53
CA LEU A 201 -5.44 -7.24 6.51
C LEU A 201 -5.72 -8.36 7.50
N GLN A 202 -6.13 -7.98 8.69
CA GLN A 202 -6.42 -9.01 9.72
C GLN A 202 -7.63 -9.87 9.34
N VAL A 203 -8.60 -9.27 8.71
CA VAL A 203 -9.81 -10.05 8.31
C VAL A 203 -9.64 -10.70 6.94
N CYS A 204 -8.60 -10.32 6.24
CA CYS A 204 -8.38 -10.91 4.90
C CYS A 204 -7.47 -12.12 5.00
N GLY A 205 -6.92 -12.35 6.16
CA GLY A 205 -6.01 -13.52 6.33
C GLY A 205 -6.78 -14.83 6.08
N ASP A 206 -6.30 -15.60 5.14
CA ASP A 206 -6.98 -16.89 4.83
C ASP A 206 -6.04 -17.84 4.10
N PRO A 207 -5.03 -18.28 4.81
CA PRO A 207 -4.04 -19.20 4.26
C PRO A 207 -4.68 -20.53 3.86
N ASP A 208 -4.29 -21.04 2.72
CA ASP A 208 -4.86 -22.33 2.27
C ASP A 208 -3.87 -23.08 1.38
N GLY A 209 -3.82 -22.69 0.14
CA GLY A 209 -2.89 -23.38 -0.80
C GLY A 209 -3.12 -24.89 -0.77
N GLU A 210 -2.31 -25.61 -1.51
CA GLU A 210 -2.47 -27.08 -1.54
C GLU A 210 -1.82 -27.72 -0.32
N GLU A 211 -1.89 -29.02 -0.25
CA GLU A 211 -1.29 -29.73 0.91
C GLU A 211 -1.73 -29.09 2.22
N ASN A 212 -0.77 -28.56 2.95
CA ASN A 212 -1.12 -27.93 4.25
C ASN A 212 -0.20 -26.75 4.54
N GLY A 213 1.02 -27.04 4.90
CA GLY A 213 1.98 -25.96 5.21
C GLY A 213 3.10 -26.46 6.12
N ALA A 214 3.76 -25.55 6.78
CA ALA A 214 4.85 -25.96 7.69
C ALA A 214 5.15 -24.87 8.71
N ASN A 215 4.10 -24.29 9.23
CA ASN A 215 4.29 -23.21 10.23
C ASN A 215 4.22 -23.78 11.65
N GLU A 216 3.53 -24.87 11.79
CA GLU A 216 3.41 -25.51 13.14
C GLU A 216 4.47 -26.60 13.31
N GLY A 217 5.64 -26.35 12.80
CA GLY A 217 6.73 -27.35 12.92
C GLY A 217 8.02 -26.66 13.36
N ASN A 218 7.94 -25.93 14.44
CA ASN A 218 9.14 -25.22 14.93
C ASN A 218 10.27 -26.20 15.22
N LEU A 219 9.92 -27.45 15.36
CA LEU A 219 10.97 -28.47 15.65
C LEU A 219 11.53 -29.06 14.36
N GLU A 220 12.80 -29.33 14.37
CA GLU A 220 13.43 -29.90 13.15
C GLU A 220 12.62 -31.07 12.62
#